data_5GWM
#
_entry.id   5GWM
#
loop_
_entity.id
_entity.type
_entity.pdbx_description
1 polymer 'Metabotropic GABA-B receptor subtype 1'
2 polymer 'Metabotropic GABA-B receptor subtype 3, isoform A'
#
loop_
_entity_poly.entity_id
_entity_poly.type
_entity_poly.pdbx_seq_one_letter_code
_entity_poly.pdbx_strand_id
1 'polypeptide(L)' MDSAISKEDEERYQKLVTENEQLQRLITQKEEKIRVLRQRLVERGDAKGTELN A
2 'polypeptide(L)' GPLGSRRFVVDDRRELQYRVEVQNRVYKKEIQALDAEIRKLERLLESGLT B
#
# COMPACT_ATOMS: atom_id res chain seq x y z
N MET A 1 22.82 -20.14 2.67
CA MET A 1 22.86 -21.52 3.22
C MET A 1 22.27 -22.52 2.23
N ASP A 2 21.29 -22.07 1.46
CA ASP A 2 20.66 -22.92 0.45
C ASP A 2 21.53 -22.95 -0.80
N SER A 3 21.53 -24.09 -1.49
CA SER A 3 22.37 -24.27 -2.66
C SER A 3 21.70 -23.70 -3.91
N ALA A 4 20.37 -23.62 -3.89
CA ALA A 4 19.61 -23.10 -5.00
C ALA A 4 19.26 -21.64 -4.75
N ILE A 5 18.70 -21.38 -3.59
CA ILE A 5 18.38 -20.02 -3.18
C ILE A 5 19.67 -19.29 -2.79
N SER A 6 20.19 -18.50 -3.70
CA SER A 6 21.45 -17.82 -3.48
C SER A 6 21.19 -16.40 -2.98
N LYS A 7 22.25 -15.60 -2.90
CA LYS A 7 22.13 -14.20 -2.54
C LYS A 7 21.17 -13.51 -3.49
N GLU A 8 21.18 -13.97 -4.73
CA GLU A 8 20.33 -13.45 -5.79
C GLU A 8 18.87 -13.39 -5.35
N ASP A 9 18.28 -14.55 -5.09
CA ASP A 9 16.87 -14.64 -4.70
C ASP A 9 16.61 -13.87 -3.40
N GLU A 10 17.60 -13.88 -2.53
CA GLU A 10 17.50 -13.22 -1.24
C GLU A 10 17.40 -11.71 -1.40
N GLU A 11 18.42 -11.12 -2.01
CA GLU A 11 18.46 -9.69 -2.26
C GLU A 11 17.18 -9.20 -2.94
N ARG A 12 16.72 -9.96 -3.94
CA ARG A 12 15.52 -9.59 -4.68
C ARG A 12 14.31 -9.54 -3.75
N TYR A 13 14.25 -10.47 -2.81
CA TYR A 13 13.16 -10.52 -1.85
C TYR A 13 13.31 -9.42 -0.80
N GLN A 14 14.50 -9.32 -0.23
CA GLN A 14 14.78 -8.34 0.82
C GLN A 14 14.41 -6.93 0.38
N LYS A 15 14.96 -6.53 -0.74
CA LYS A 15 14.67 -5.22 -1.31
C LYS A 15 13.17 -5.05 -1.56
N LEU A 16 12.51 -6.13 -1.93
CA LEU A 16 11.09 -6.11 -2.25
C LEU A 16 10.26 -5.80 -1.01
N VAL A 17 10.57 -6.46 0.09
CA VAL A 17 9.88 -6.21 1.35
C VAL A 17 10.14 -4.78 1.81
N THR A 18 11.34 -4.30 1.53
CA THR A 18 11.71 -2.94 1.83
C THR A 18 10.80 -1.97 1.11
N GLU A 19 10.54 -2.26 -0.16
CA GLU A 19 9.64 -1.46 -0.98
C GLU A 19 8.26 -1.42 -0.36
N ASN A 20 7.81 -2.59 0.09
CA ASN A 20 6.51 -2.73 0.73
C ASN A 20 6.40 -1.86 1.98
N GLU A 21 7.42 -1.92 2.82
CA GLU A 21 7.43 -1.15 4.07
C GLU A 21 7.32 0.34 3.82
N GLN A 22 8.05 0.83 2.81
CA GLN A 22 8.09 2.25 2.52
C GLN A 22 6.70 2.81 2.26
N LEU A 23 6.10 2.34 1.19
CA LEU A 23 4.94 2.99 0.62
C LEU A 23 3.65 2.65 1.37
N GLN A 24 3.62 1.53 2.10
CA GLN A 24 2.44 1.20 2.89
C GLN A 24 2.29 2.22 4.02
N ARG A 25 3.42 2.75 4.46
CA ARG A 25 3.46 3.77 5.46
C ARG A 25 3.02 5.11 4.86
N LEU A 26 3.50 5.37 3.65
CA LEU A 26 3.16 6.60 2.95
C LEU A 26 1.67 6.69 2.71
N ILE A 27 1.07 5.53 2.46
CA ILE A 27 -0.38 5.42 2.33
C ILE A 27 -1.06 5.83 3.62
N THR A 28 -0.68 5.18 4.72
CA THR A 28 -1.33 5.37 6.01
C THR A 28 -1.34 6.84 6.43
N GLN A 29 -0.29 7.59 6.08
CA GLN A 29 -0.19 9.00 6.43
C GLN A 29 -1.34 9.77 5.80
N LYS A 30 -1.49 9.58 4.52
CA LYS A 30 -2.54 10.25 3.77
C LYS A 30 -3.91 9.73 4.19
N GLU A 31 -4.04 8.41 4.25
CA GLU A 31 -5.28 7.74 4.64
C GLU A 31 -5.90 8.30 5.91
N GLU A 32 -5.11 8.37 6.99
CA GLU A 32 -5.64 8.82 8.27
C GLU A 32 -6.16 10.26 8.18
N LYS A 33 -5.49 11.08 7.39
CA LYS A 33 -5.89 12.48 7.25
C LYS A 33 -7.08 12.60 6.30
N ILE A 34 -7.03 11.85 5.20
CA ILE A 34 -8.13 11.80 4.25
C ILE A 34 -9.37 11.20 4.92
N ARG A 35 -9.14 10.30 5.87
CA ARG A 35 -10.20 9.64 6.60
C ARG A 35 -11.10 10.67 7.28
N VAL A 36 -10.48 11.70 7.82
CA VAL A 36 -11.22 12.79 8.45
C VAL A 36 -11.97 13.57 7.38
N LEU A 37 -11.32 13.79 6.25
CA LEU A 37 -11.96 14.41 5.10
C LEU A 37 -13.18 13.61 4.68
N ARG A 38 -13.04 12.29 4.68
CA ARG A 38 -14.14 11.38 4.34
C ARG A 38 -15.40 11.74 5.12
N GLN A 39 -15.23 11.87 6.44
CA GLN A 39 -16.35 12.17 7.34
C GLN A 39 -16.92 13.55 7.05
N ARG A 40 -16.03 14.48 6.75
CA ARG A 40 -16.43 15.83 6.41
C ARG A 40 -17.17 15.85 5.07
N LEU A 41 -16.74 14.99 4.16
CA LEU A 41 -17.41 14.82 2.88
C LEU A 41 -18.76 14.14 3.05
N VAL A 42 -18.89 13.33 4.10
CA VAL A 42 -20.16 12.69 4.43
C VAL A 42 -21.25 13.73 4.60
N GLU A 43 -20.94 14.79 5.34
CA GLU A 43 -21.89 15.87 5.58
C GLU A 43 -22.18 16.63 4.30
N ARG A 44 -21.21 16.66 3.40
CA ARG A 44 -21.36 17.34 2.12
C ARG A 44 -22.14 16.46 1.14
N GLY A 45 -22.09 15.17 1.38
CA GLY A 45 -22.68 14.21 0.48
C GLY A 45 -21.72 13.84 -0.63
N ASP A 46 -20.46 14.19 -0.43
CA ASP A 46 -19.40 13.92 -1.40
C ASP A 46 -18.76 12.56 -1.11
N ALA A 47 -19.30 11.90 -0.09
CA ALA A 47 -18.77 10.63 0.42
C ALA A 47 -18.51 9.61 -0.69
N LYS A 48 -19.36 9.58 -1.71
CA LYS A 48 -19.19 8.61 -2.79
C LYS A 48 -18.44 9.24 -3.96
N GLY A 49 -18.66 10.53 -4.16
CA GLY A 49 -18.06 11.21 -5.29
C GLY A 49 -18.81 10.95 -6.56
N THR A 50 -18.11 10.46 -7.58
CA THR A 50 -18.72 10.10 -8.84
C THR A 50 -18.06 8.86 -9.41
N GLU A 51 -18.65 7.71 -9.14
CA GLU A 51 -18.12 6.45 -9.63
C GLU A 51 -19.10 5.82 -10.61
N LEU A 52 -18.96 6.19 -11.88
CA LEU A 52 -19.84 5.69 -12.92
C LEU A 52 -19.27 4.46 -13.62
N ASN A 53 -18.09 4.01 -13.18
CA ASN A 53 -17.47 2.83 -13.76
C ASN A 53 -17.81 1.59 -12.94
N GLY B 1 -8.13 -20.25 -5.72
CA GLY B 1 -7.07 -19.84 -4.84
C GLY B 1 -7.31 -20.35 -3.43
N PRO B 2 -6.92 -21.60 -3.13
CA PRO B 2 -7.19 -22.22 -1.85
C PRO B 2 -6.11 -21.96 -0.81
N LEU B 3 -6.22 -22.64 0.32
CA LEU B 3 -5.29 -22.52 1.43
C LEU B 3 -3.82 -22.66 1.00
N GLY B 4 -2.97 -21.84 1.61
CA GLY B 4 -1.55 -21.96 1.40
C GLY B 4 -0.86 -22.49 2.64
N SER B 5 -1.64 -22.69 3.69
CA SER B 5 -1.12 -23.16 4.96
C SER B 5 -0.88 -24.67 4.94
N ARG B 6 -1.38 -25.34 3.91
CA ARG B 6 -1.16 -26.77 3.76
C ARG B 6 0.28 -27.05 3.36
N ARG B 7 0.73 -26.35 2.33
CA ARG B 7 2.12 -26.43 1.89
C ARG B 7 2.83 -25.13 2.22
N PHE B 8 3.02 -24.90 3.51
CA PHE B 8 3.60 -23.65 4.02
C PHE B 8 4.94 -23.35 3.36
N VAL B 9 5.86 -24.30 3.44
CA VAL B 9 7.20 -24.12 2.92
C VAL B 9 7.20 -23.94 1.40
N VAL B 10 6.37 -24.75 0.74
CA VAL B 10 6.32 -24.75 -0.71
C VAL B 10 5.73 -23.46 -1.26
N ASP B 11 4.51 -23.13 -0.84
CA ASP B 11 3.83 -21.95 -1.35
C ASP B 11 4.60 -20.71 -0.95
N ASP B 12 4.83 -20.52 0.35
CA ASP B 12 5.45 -19.29 0.86
C ASP B 12 6.83 -19.04 0.25
N ARG B 13 7.38 -20.00 -0.45
CA ARG B 13 8.63 -19.76 -1.17
C ARG B 13 8.32 -18.87 -2.37
N ARG B 14 7.51 -19.39 -3.29
CA ARG B 14 7.18 -18.69 -4.52
C ARG B 14 6.02 -17.71 -4.31
N GLU B 15 5.01 -18.16 -3.58
CA GLU B 15 3.81 -17.37 -3.33
C GLU B 15 4.12 -16.10 -2.56
N LEU B 16 4.94 -16.22 -1.51
CA LEU B 16 5.24 -15.08 -0.66
C LEU B 16 6.00 -14.02 -1.44
N GLN B 17 7.12 -14.39 -2.05
CA GLN B 17 7.92 -13.41 -2.80
C GLN B 17 7.10 -12.75 -3.91
N TYR B 18 6.16 -13.51 -4.45
CA TYR B 18 5.29 -13.01 -5.50
C TYR B 18 4.31 -11.96 -4.96
N ARG B 19 3.72 -12.23 -3.80
CA ARG B 19 2.72 -11.32 -3.24
C ARG B 19 3.35 -10.00 -2.80
N VAL B 20 4.64 -10.00 -2.53
CA VAL B 20 5.32 -8.80 -2.07
C VAL B 20 5.42 -7.77 -3.21
N GLU B 21 5.82 -8.22 -4.39
CA GLU B 21 5.93 -7.32 -5.55
C GLU B 21 4.57 -6.79 -5.99
N VAL B 22 3.52 -7.60 -5.96
CA VAL B 22 2.19 -7.09 -6.26
C VAL B 22 1.79 -6.05 -5.21
N GLN B 23 2.08 -6.31 -3.94
CA GLN B 23 1.81 -5.36 -2.88
C GLN B 23 2.57 -4.05 -3.13
N ASN B 24 3.80 -4.17 -3.64
CA ASN B 24 4.62 -3.00 -3.98
C ASN B 24 3.93 -2.14 -5.05
N ARG B 25 3.22 -2.80 -5.96
CA ARG B 25 2.51 -2.11 -7.02
C ARG B 25 1.15 -1.61 -6.55
N VAL B 26 0.43 -2.50 -5.88
CA VAL B 26 -0.88 -2.19 -5.34
C VAL B 26 -0.83 -0.99 -4.41
N TYR B 27 0.07 -1.04 -3.44
CA TYR B 27 0.21 0.05 -2.49
C TYR B 27 0.62 1.35 -3.18
N LYS B 28 1.39 1.23 -4.26
CA LYS B 28 1.82 2.40 -5.01
C LYS B 28 0.64 3.05 -5.72
N LYS B 29 -0.27 2.23 -6.20
CA LYS B 29 -1.44 2.71 -6.92
C LYS B 29 -2.40 3.38 -5.94
N GLU B 30 -2.38 2.92 -4.70
CA GLU B 30 -3.15 3.52 -3.62
C GLU B 30 -2.71 4.97 -3.40
N ILE B 31 -1.39 5.17 -3.37
CA ILE B 31 -0.82 6.49 -3.16
C ILE B 31 -1.24 7.46 -4.27
N GLN B 32 -1.42 6.94 -5.47
CA GLN B 32 -1.86 7.76 -6.59
C GLN B 32 -3.31 8.16 -6.41
N ALA B 33 -4.11 7.22 -5.94
CA ALA B 33 -5.49 7.49 -5.58
C ALA B 33 -5.53 8.54 -4.48
N LEU B 34 -4.71 8.31 -3.47
CA LEU B 34 -4.55 9.22 -2.34
C LEU B 34 -4.09 10.59 -2.80
N ASP B 35 -3.30 10.63 -3.87
CA ASP B 35 -2.75 11.88 -4.37
C ASP B 35 -3.85 12.86 -4.79
N ALA B 36 -4.95 12.33 -5.31
CA ALA B 36 -6.11 13.16 -5.63
C ALA B 36 -6.73 13.69 -4.35
N GLU B 37 -6.78 12.83 -3.34
CA GLU B 37 -7.25 13.22 -2.03
C GLU B 37 -6.29 14.21 -1.37
N ILE B 38 -5.01 14.13 -1.72
CA ILE B 38 -4.04 15.11 -1.24
C ILE B 38 -4.49 16.53 -1.58
N ARG B 39 -5.14 16.66 -2.73
CA ARG B 39 -5.66 17.95 -3.16
C ARG B 39 -6.73 18.46 -2.17
N LYS B 40 -7.59 17.55 -1.70
CA LYS B 40 -8.62 17.91 -0.72
C LYS B 40 -7.96 18.20 0.62
N LEU B 41 -6.86 17.53 0.89
CA LEU B 41 -6.08 17.78 2.08
C LEU B 41 -5.42 19.16 2.00
N GLU B 42 -5.02 19.56 0.81
CA GLU B 42 -4.39 20.86 0.61
C GLU B 42 -5.36 21.99 0.92
N ARG B 43 -6.62 21.85 0.51
CA ARG B 43 -7.60 22.88 0.81
C ARG B 43 -7.84 22.96 2.30
N LEU B 44 -7.73 21.81 2.98
CA LEU B 44 -7.72 21.78 4.44
C LEU B 44 -6.53 22.57 4.97
N LEU B 45 -5.35 22.17 4.52
CA LEU B 45 -4.09 22.81 4.90
C LEU B 45 -4.12 24.32 4.69
N GLU B 46 -4.26 24.73 3.45
CA GLU B 46 -4.13 26.13 3.05
C GLU B 46 -5.24 27.01 3.63
N SER B 47 -6.44 26.47 3.73
CA SER B 47 -7.56 27.24 4.24
C SER B 47 -7.52 27.31 5.77
N GLY B 48 -6.73 26.43 6.36
CA GLY B 48 -6.62 26.36 7.80
C GLY B 48 -7.90 25.90 8.46
N LEU B 49 -8.66 25.09 7.73
CA LEU B 49 -9.96 24.60 8.19
C LEU B 49 -9.82 23.85 9.51
N THR B 50 -8.76 23.04 9.61
CA THR B 50 -8.45 22.30 10.83
C THR B 50 -9.46 21.17 11.05
N MET A 1 20.11 -15.92 4.94
CA MET A 1 19.41 -16.69 6.00
C MET A 1 19.24 -18.15 5.62
N ASP A 2 19.10 -18.43 4.33
CA ASP A 2 18.88 -19.80 3.88
C ASP A 2 20.13 -20.38 3.22
N SER A 3 20.24 -21.71 3.25
CA SER A 3 21.40 -22.40 2.73
C SER A 3 21.33 -22.57 1.21
N ALA A 4 20.13 -22.67 0.68
CA ALA A 4 19.95 -22.86 -0.76
C ALA A 4 19.58 -21.55 -1.44
N ILE A 5 18.61 -20.87 -0.85
CA ILE A 5 18.17 -19.58 -1.37
C ILE A 5 19.30 -18.57 -1.20
N SER A 6 19.87 -18.15 -2.31
CA SER A 6 21.03 -17.28 -2.26
C SER A 6 20.59 -15.82 -2.22
N LYS A 7 21.54 -14.89 -2.19
CA LYS A 7 21.21 -13.48 -2.16
C LYS A 7 20.45 -13.06 -3.42
N GLU A 8 20.50 -13.92 -4.44
CA GLU A 8 19.70 -13.74 -5.64
C GLU A 8 18.22 -13.58 -5.29
N ASP A 9 17.61 -14.64 -4.77
CA ASP A 9 16.20 -14.61 -4.43
C ASP A 9 15.98 -13.93 -3.09
N GLU A 10 16.86 -14.24 -2.14
CA GLU A 10 16.70 -13.77 -0.76
C GLU A 10 16.77 -12.25 -0.66
N GLU A 11 17.90 -11.67 -1.05
CA GLU A 11 18.05 -10.22 -1.01
C GLU A 11 17.06 -9.52 -1.92
N ARG A 12 16.63 -10.18 -2.99
CA ARG A 12 15.60 -9.62 -3.85
C ARG A 12 14.29 -9.52 -3.07
N TYR A 13 13.99 -10.56 -2.30
CA TYR A 13 12.83 -10.54 -1.42
C TYR A 13 13.01 -9.47 -0.35
N GLN A 14 14.20 -9.42 0.24
CA GLN A 14 14.51 -8.43 1.26
C GLN A 14 14.25 -7.01 0.77
N LYS A 15 14.84 -6.67 -0.36
CA LYS A 15 14.59 -5.37 -0.97
C LYS A 15 13.12 -5.19 -1.30
N LEU A 16 12.45 -6.29 -1.64
CA LEU A 16 11.03 -6.27 -1.97
C LEU A 16 10.21 -5.85 -0.75
N VAL A 17 10.49 -6.46 0.39
CA VAL A 17 9.81 -6.09 1.63
C VAL A 17 10.11 -4.64 1.94
N THR A 18 11.34 -4.23 1.63
CA THR A 18 11.75 -2.87 1.83
C THR A 18 10.86 -1.94 1.03
N GLU A 19 10.66 -2.25 -0.25
CA GLU A 19 9.77 -1.48 -1.11
C GLU A 19 8.36 -1.46 -0.52
N ASN A 20 7.94 -2.60 -0.03
CA ASN A 20 6.60 -2.81 0.49
C ASN A 20 6.36 -2.02 1.79
N GLU A 21 7.36 -1.99 2.66
CA GLU A 21 7.26 -1.27 3.93
C GLU A 21 7.18 0.24 3.73
N GLN A 22 7.94 0.75 2.78
CA GLN A 22 8.03 2.21 2.55
C GLN A 22 6.65 2.79 2.28
N LEU A 23 6.04 2.35 1.20
CA LEU A 23 4.87 3.02 0.67
C LEU A 23 3.60 2.66 1.42
N GLN A 24 3.60 1.56 2.16
CA GLN A 24 2.44 1.23 3.00
C GLN A 24 2.34 2.24 4.13
N ARG A 25 3.50 2.76 4.54
CA ARG A 25 3.59 3.80 5.52
C ARG A 25 3.09 5.10 4.91
N LEU A 26 3.48 5.34 3.67
CA LEU A 26 3.07 6.53 2.94
C LEU A 26 1.56 6.53 2.76
N ILE A 27 1.01 5.35 2.50
CA ILE A 27 -0.43 5.16 2.51
C ILE A 27 -0.99 5.55 3.87
N THR A 28 -0.40 4.98 4.91
CA THR A 28 -0.80 5.24 6.28
C THR A 28 -0.86 6.75 6.58
N GLN A 29 0.14 7.49 6.14
CA GLN A 29 0.22 8.93 6.37
C GLN A 29 -0.98 9.65 5.76
N LYS A 30 -1.18 9.43 4.47
CA LYS A 30 -2.26 10.07 3.74
C LYS A 30 -3.63 9.57 4.23
N GLU A 31 -3.72 8.27 4.48
CA GLU A 31 -4.94 7.64 4.98
C GLU A 31 -5.54 8.41 6.14
N GLU A 32 -4.75 8.61 7.18
CA GLU A 32 -5.21 9.30 8.39
C GLU A 32 -5.86 10.62 8.02
N LYS A 33 -5.11 11.45 7.32
CA LYS A 33 -5.54 12.79 6.97
C LYS A 33 -6.85 12.77 6.18
N ILE A 34 -6.98 11.81 5.27
CA ILE A 34 -8.16 11.71 4.43
C ILE A 34 -9.38 11.26 5.24
N ARG A 35 -9.14 10.41 6.24
CA ARG A 35 -10.22 9.94 7.11
C ARG A 35 -10.73 11.10 7.98
N VAL A 36 -9.79 11.91 8.45
CA VAL A 36 -10.11 13.09 9.23
C VAL A 36 -10.89 14.08 8.37
N LEU A 37 -10.61 14.05 7.08
CA LEU A 37 -11.32 14.88 6.11
C LEU A 37 -12.80 14.52 6.09
N ARG A 38 -13.10 13.25 6.32
CA ARG A 38 -14.49 12.81 6.38
C ARG A 38 -15.25 13.55 7.47
N GLN A 39 -14.59 13.73 8.61
CA GLN A 39 -15.17 14.51 9.69
C GLN A 39 -15.33 15.97 9.28
N ARG A 40 -14.42 16.44 8.44
CA ARG A 40 -14.53 17.76 7.83
C ARG A 40 -15.74 17.83 6.90
N LEU A 41 -15.97 16.73 6.16
CA LEU A 41 -17.13 16.65 5.28
C LEU A 41 -18.41 16.63 6.10
N VAL A 42 -18.33 16.03 7.29
CA VAL A 42 -19.43 16.04 8.24
C VAL A 42 -19.86 17.48 8.54
N GLU A 43 -18.87 18.33 8.79
CA GLU A 43 -19.11 19.73 9.06
C GLU A 43 -19.75 20.42 7.86
N ARG A 44 -19.39 19.96 6.67
CA ARG A 44 -19.96 20.48 5.43
C ARG A 44 -21.37 19.96 5.23
N GLY A 45 -21.64 18.81 5.83
CA GLY A 45 -22.92 18.16 5.66
C GLY A 45 -22.93 17.27 4.44
N ASP A 46 -21.75 16.75 4.11
CA ASP A 46 -21.57 15.95 2.90
C ASP A 46 -22.26 14.60 3.03
N ALA A 47 -22.50 14.19 4.27
CA ALA A 47 -23.11 12.90 4.54
C ALA A 47 -24.60 13.05 4.87
N LYS A 48 -25.13 14.26 4.65
CA LYS A 48 -26.54 14.52 4.92
C LYS A 48 -27.43 13.88 3.87
N GLY A 49 -26.82 13.33 2.82
CA GLY A 49 -27.58 12.62 1.81
C GLY A 49 -28.11 11.31 2.34
N THR A 50 -27.30 10.66 3.16
CA THR A 50 -27.71 9.45 3.84
C THR A 50 -26.92 9.30 5.14
N GLU A 51 -27.44 9.87 6.22
CA GLU A 51 -26.83 9.72 7.52
C GLU A 51 -27.78 8.98 8.44
N LEU A 52 -27.24 7.97 9.10
CA LEU A 52 -28.05 7.09 9.92
C LEU A 52 -27.80 7.36 11.39
N ASN A 53 -26.61 7.87 11.67
CA ASN A 53 -26.19 8.22 13.02
C ASN A 53 -24.79 8.78 13.01
N GLY B 1 -4.19 -21.32 17.46
CA GLY B 1 -3.20 -22.24 16.94
C GLY B 1 -1.85 -21.57 16.78
N PRO B 2 -0.79 -22.37 16.56
CA PRO B 2 0.54 -21.84 16.35
C PRO B 2 0.79 -21.48 14.89
N LEU B 3 2.04 -21.14 14.56
CA LEU B 3 2.43 -20.88 13.18
C LEU B 3 1.95 -21.97 12.22
N GLY B 4 1.75 -21.59 10.97
CA GLY B 4 1.31 -22.53 9.97
C GLY B 4 2.49 -23.15 9.24
N SER B 5 3.68 -22.97 9.80
CA SER B 5 4.92 -23.41 9.18
C SER B 5 4.98 -24.94 9.03
N ARG B 6 3.95 -25.63 9.50
CA ARG B 6 3.83 -27.06 9.30
C ARG B 6 3.67 -27.39 7.82
N ARG B 7 3.20 -26.42 7.04
CA ARG B 7 3.04 -26.59 5.60
C ARG B 7 3.11 -25.25 4.88
N PHE B 8 2.61 -24.21 5.55
CA PHE B 8 2.52 -22.89 4.95
C PHE B 8 3.91 -22.29 4.74
N VAL B 9 4.94 -22.92 5.31
CA VAL B 9 6.30 -22.45 5.12
C VAL B 9 6.73 -22.65 3.67
N VAL B 10 6.17 -23.69 3.04
CA VAL B 10 6.42 -23.95 1.64
C VAL B 10 5.75 -22.89 0.78
N ASP B 11 4.50 -22.59 1.12
CA ASP B 11 3.78 -21.53 0.42
C ASP B 11 4.48 -20.20 0.65
N ASP B 12 4.78 -19.90 1.92
CA ASP B 12 5.45 -18.66 2.32
C ASP B 12 6.73 -18.43 1.52
N ARG B 13 7.27 -19.47 0.94
CA ARG B 13 8.46 -19.34 0.14
C ARG B 13 8.12 -18.63 -1.18
N ARG B 14 7.33 -19.29 -2.01
CA ARG B 14 6.94 -18.72 -3.31
C ARG B 14 5.83 -17.68 -3.13
N GLU B 15 4.80 -18.09 -2.41
CA GLU B 15 3.59 -17.29 -2.26
C GLU B 15 3.85 -15.96 -1.60
N LEU B 16 4.58 -15.98 -0.50
CA LEU B 16 4.78 -14.78 0.31
C LEU B 16 5.64 -13.77 -0.44
N GLN B 17 6.76 -14.21 -1.02
CA GLN B 17 7.59 -13.28 -1.78
C GLN B 17 6.81 -12.71 -2.96
N TYR B 18 5.94 -13.53 -3.53
CA TYR B 18 5.14 -13.13 -4.68
C TYR B 18 4.11 -12.07 -4.31
N ARG B 19 3.52 -12.18 -3.13
CA ARG B 19 2.49 -11.23 -2.72
C ARG B 19 3.09 -9.88 -2.33
N VAL B 20 4.37 -9.88 -1.96
CA VAL B 20 5.03 -8.64 -1.55
C VAL B 20 5.23 -7.72 -2.77
N GLU B 21 5.67 -8.28 -3.89
CA GLU B 21 5.85 -7.50 -5.12
C GLU B 21 4.53 -6.93 -5.64
N VAL B 22 3.46 -7.72 -5.61
CA VAL B 22 2.16 -7.18 -5.99
C VAL B 22 1.76 -6.08 -5.02
N GLN B 23 1.98 -6.30 -3.73
CA GLN B 23 1.67 -5.27 -2.73
C GLN B 23 2.49 -4.00 -2.98
N ASN B 24 3.77 -4.18 -3.30
CA ASN B 24 4.65 -3.06 -3.67
C ASN B 24 4.02 -2.21 -4.78
N ARG B 25 3.39 -2.87 -5.74
CA ARG B 25 2.78 -2.20 -6.87
C ARG B 25 1.39 -1.65 -6.51
N VAL B 26 0.58 -2.50 -5.90
CA VAL B 26 -0.78 -2.14 -5.49
C VAL B 26 -0.78 -0.98 -4.51
N TYR B 27 0.10 -1.05 -3.52
CA TYR B 27 0.19 0.00 -2.51
C TYR B 27 0.54 1.34 -3.15
N LYS B 28 1.34 1.31 -4.20
CA LYS B 28 1.68 2.52 -4.94
C LYS B 28 0.44 3.04 -5.65
N LYS B 29 -0.40 2.11 -6.12
CA LYS B 29 -1.65 2.46 -6.77
C LYS B 29 -2.64 3.04 -5.76
N GLU B 30 -2.53 2.61 -4.51
CA GLU B 30 -3.32 3.19 -3.43
C GLU B 30 -2.97 4.66 -3.26
N ILE B 31 -1.68 4.94 -3.21
CA ILE B 31 -1.16 6.29 -3.05
C ILE B 31 -1.66 7.22 -4.16
N GLN B 32 -1.88 6.66 -5.34
CA GLN B 32 -2.39 7.44 -6.47
C GLN B 32 -3.82 7.90 -6.19
N ALA B 33 -4.63 6.97 -5.68
CA ALA B 33 -5.99 7.27 -5.26
C ALA B 33 -5.99 8.28 -4.13
N LEU B 34 -5.07 8.06 -3.19
CA LEU B 34 -4.92 8.94 -2.04
C LEU B 34 -4.44 10.31 -2.48
N ASP B 35 -3.74 10.35 -3.61
CA ASP B 35 -3.22 11.60 -4.16
C ASP B 35 -4.35 12.49 -4.66
N ALA B 36 -5.45 11.87 -5.10
CA ALA B 36 -6.64 12.61 -5.47
C ALA B 36 -7.24 13.26 -4.22
N GLU B 37 -7.13 12.54 -3.11
CA GLU B 37 -7.56 13.06 -1.82
C GLU B 37 -6.55 14.09 -1.31
N ILE B 38 -5.31 13.99 -1.73
CA ILE B 38 -4.36 15.05 -1.43
C ILE B 38 -4.94 16.41 -1.83
N ARG B 39 -5.72 16.42 -2.92
CA ARG B 39 -6.39 17.62 -3.35
C ARG B 39 -7.45 18.05 -2.33
N LYS B 40 -8.28 17.11 -1.85
CA LYS B 40 -9.25 17.41 -0.82
C LYS B 40 -8.56 17.97 0.42
N LEU B 41 -7.42 17.36 0.74
CA LEU B 41 -6.60 17.79 1.87
C LEU B 41 -6.09 19.20 1.66
N GLU B 42 -5.46 19.47 0.51
CA GLU B 42 -4.90 20.79 0.24
C GLU B 42 -5.96 21.88 0.35
N ARG B 43 -7.19 21.55 -0.06
CA ARG B 43 -8.31 22.47 0.07
C ARG B 43 -8.45 22.95 1.52
N LEU B 44 -8.45 21.99 2.44
CA LEU B 44 -8.59 22.30 3.85
C LEU B 44 -7.29 22.84 4.43
N LEU B 45 -6.17 22.30 3.98
CA LEU B 45 -4.85 22.76 4.39
C LEU B 45 -4.71 24.26 4.19
N GLU B 46 -4.93 24.69 2.95
CA GLU B 46 -4.88 26.10 2.59
C GLU B 46 -5.99 26.89 3.28
N SER B 47 -7.12 26.25 3.51
CA SER B 47 -8.24 26.89 4.19
C SER B 47 -7.90 27.20 5.63
N GLY B 48 -6.95 26.44 6.19
CA GLY B 48 -6.49 26.70 7.53
C GLY B 48 -6.78 25.57 8.50
N LEU B 49 -7.11 24.40 7.97
CA LEU B 49 -7.32 23.22 8.81
C LEU B 49 -6.01 22.76 9.42
N THR B 50 -4.97 22.74 8.61
CA THR B 50 -3.65 22.35 9.06
C THR B 50 -2.59 23.19 8.34
N MET A 1 19.26 -22.05 1.47
CA MET A 1 20.72 -22.25 1.66
C MET A 1 21.46 -20.93 1.44
N ASP A 2 21.87 -20.31 2.54
CA ASP A 2 22.57 -19.03 2.52
C ASP A 2 23.87 -19.11 1.72
N SER A 3 24.50 -20.29 1.76
CA SER A 3 25.77 -20.51 1.08
C SER A 3 25.58 -20.64 -0.43
N ALA A 4 24.38 -21.02 -0.85
CA ALA A 4 24.08 -21.19 -2.26
C ALA A 4 23.63 -19.88 -2.87
N ILE A 5 22.82 -19.14 -2.13
CA ILE A 5 22.34 -17.83 -2.56
C ILE A 5 23.48 -16.82 -2.50
N SER A 6 23.58 -15.96 -3.49
CA SER A 6 24.56 -14.90 -3.46
C SER A 6 23.94 -13.66 -2.82
N LYS A 7 24.75 -12.65 -2.50
CA LYS A 7 24.21 -11.43 -1.92
C LYS A 7 23.23 -10.80 -2.89
N GLU A 8 23.41 -11.14 -4.17
CA GLU A 8 22.54 -10.76 -5.25
C GLU A 8 21.06 -10.99 -4.91
N ASP A 9 20.69 -12.26 -4.77
CA ASP A 9 19.29 -12.61 -4.55
C ASP A 9 18.85 -12.22 -3.15
N GLU A 10 19.81 -12.16 -2.22
CA GLU A 10 19.52 -11.77 -0.86
C GLU A 10 19.05 -10.32 -0.79
N GLU A 11 19.88 -9.39 -1.24
CA GLU A 11 19.53 -7.98 -1.25
C GLU A 11 18.29 -7.74 -2.13
N ARG A 12 18.14 -8.56 -3.16
CA ARG A 12 16.94 -8.54 -3.99
C ARG A 12 15.70 -8.73 -3.12
N TYR A 13 15.71 -9.80 -2.32
CA TYR A 13 14.59 -10.07 -1.42
C TYR A 13 14.43 -8.95 -0.40
N GLN A 14 15.52 -8.63 0.31
CA GLN A 14 15.51 -7.60 1.34
C GLN A 14 14.88 -6.30 0.84
N LYS A 15 15.46 -5.74 -0.22
CA LYS A 15 14.96 -4.52 -0.80
C LYS A 15 13.50 -4.64 -1.22
N LEU A 16 13.10 -5.82 -1.64
CA LEU A 16 11.74 -6.06 -2.09
C LEU A 16 10.76 -5.94 -0.92
N VAL A 17 11.13 -6.51 0.22
CA VAL A 17 10.31 -6.41 1.42
C VAL A 17 10.26 -4.96 1.87
N THR A 18 11.39 -4.27 1.68
CA THR A 18 11.50 -2.89 2.04
C THR A 18 10.61 -2.03 1.16
N GLU A 19 10.52 -2.39 -0.11
CA GLU A 19 9.71 -1.64 -1.07
C GLU A 19 8.27 -1.49 -0.60
N ASN A 20 7.70 -2.55 -0.03
CA ASN A 20 6.33 -2.48 0.44
C ASN A 20 6.24 -1.82 1.82
N GLU A 21 7.30 -1.93 2.62
CA GLU A 21 7.36 -1.26 3.91
C GLU A 21 7.26 0.26 3.75
N GLN A 22 7.98 0.79 2.77
CA GLN A 22 8.04 2.23 2.55
C GLN A 22 6.68 2.81 2.27
N LEU A 23 6.05 2.35 1.19
CA LEU A 23 4.86 3.00 0.68
C LEU A 23 3.61 2.62 1.44
N GLN A 24 3.63 1.54 2.19
CA GLN A 24 2.51 1.21 3.07
C GLN A 24 2.34 2.29 4.13
N ARG A 25 3.47 2.85 4.54
CA ARG A 25 3.49 3.96 5.48
C ARG A 25 2.89 5.19 4.81
N LEU A 26 3.22 5.35 3.54
CA LEU A 26 2.72 6.47 2.75
C LEU A 26 1.23 6.30 2.51
N ILE A 27 0.78 5.07 2.49
CA ILE A 27 -0.64 4.75 2.43
C ILE A 27 -1.31 5.13 3.75
N THR A 28 -0.79 4.58 4.83
CA THR A 28 -1.39 4.73 6.15
C THR A 28 -1.59 6.21 6.54
N GLN A 29 -0.64 7.08 6.16
CA GLN A 29 -0.73 8.49 6.53
C GLN A 29 -1.83 9.20 5.75
N LYS A 30 -2.02 8.79 4.50
CA LYS A 30 -3.09 9.33 3.68
C LYS A 30 -4.42 8.75 4.12
N GLU A 31 -4.45 7.43 4.28
CA GLU A 31 -5.61 6.71 4.77
C GLU A 31 -6.22 7.36 6.01
N GLU A 32 -5.42 7.57 7.06
CA GLU A 32 -5.94 8.09 8.32
C GLU A 32 -6.60 9.46 8.14
N LYS A 33 -6.04 10.30 7.27
CA LYS A 33 -6.65 11.59 6.97
C LYS A 33 -7.98 11.39 6.25
N ILE A 34 -7.97 10.51 5.26
CA ILE A 34 -9.16 10.21 4.46
C ILE A 34 -10.24 9.54 5.31
N ARG A 35 -9.82 8.79 6.32
CA ARG A 35 -10.77 8.16 7.23
C ARG A 35 -11.67 9.18 7.88
N VAL A 36 -11.08 10.30 8.26
CA VAL A 36 -11.82 11.37 8.90
C VAL A 36 -12.83 11.96 7.92
N LEU A 37 -12.42 12.06 6.66
CA LEU A 37 -13.30 12.49 5.59
C LEU A 37 -14.40 11.47 5.39
N ARG A 38 -14.05 10.19 5.48
CA ARG A 38 -15.00 9.11 5.28
C ARG A 38 -16.10 9.15 6.35
N GLN A 39 -15.72 9.51 7.57
CA GLN A 39 -16.70 9.63 8.65
C GLN A 39 -17.69 10.75 8.35
N ARG A 40 -17.19 11.80 7.73
CA ARG A 40 -18.03 12.88 7.25
C ARG A 40 -18.91 12.38 6.11
N LEU A 41 -18.27 11.64 5.21
CA LEU A 41 -18.98 11.00 4.10
C LEU A 41 -20.04 10.04 4.60
N VAL A 42 -19.83 9.48 5.80
CA VAL A 42 -20.82 8.60 6.43
C VAL A 42 -22.16 9.31 6.57
N GLU A 43 -22.11 10.55 7.05
CA GLU A 43 -23.31 11.36 7.23
C GLU A 43 -23.95 11.66 5.88
N ARG A 44 -23.13 11.71 4.84
CA ARG A 44 -23.61 11.98 3.49
C ARG A 44 -24.11 10.70 2.83
N GLY A 45 -23.50 9.59 3.18
CA GLY A 45 -23.88 8.31 2.62
C GLY A 45 -22.92 7.85 1.53
N ASP A 46 -21.88 8.64 1.31
CA ASP A 46 -20.88 8.35 0.29
C ASP A 46 -19.98 7.21 0.74
N ALA A 47 -19.81 7.09 2.05
CA ALA A 47 -18.93 6.09 2.64
C ALA A 47 -19.56 4.70 2.66
N LYS A 48 -20.65 4.54 1.91
CA LYS A 48 -21.32 3.24 1.80
C LYS A 48 -20.35 2.23 1.19
N GLY A 49 -19.64 2.66 0.16
CA GLY A 49 -18.65 1.82 -0.46
C GLY A 49 -19.02 1.43 -1.87
N THR A 50 -18.00 1.20 -2.69
CA THR A 50 -18.21 0.76 -4.06
C THR A 50 -17.82 -0.71 -4.16
N GLU A 51 -18.79 -1.58 -3.93
CA GLU A 51 -18.56 -3.01 -3.90
C GLU A 51 -19.05 -3.68 -5.16
N LEU A 52 -18.12 -3.96 -6.06
CA LEU A 52 -18.43 -4.63 -7.32
C LEU A 52 -17.26 -5.50 -7.75
N ASN A 53 -16.69 -6.22 -6.79
CA ASN A 53 -15.54 -7.07 -7.03
C ASN A 53 -15.84 -8.16 -8.06
N GLY B 1 0.13 -20.76 -12.89
CA GLY B 1 0.67 -22.03 -12.46
C GLY B 1 1.48 -21.92 -11.19
N PRO B 2 1.11 -22.67 -10.15
CA PRO B 2 1.83 -22.70 -8.88
C PRO B 2 3.00 -23.66 -8.91
N LEU B 3 3.61 -23.90 -7.75
CA LEU B 3 4.72 -24.85 -7.61
C LEU B 3 4.43 -26.17 -8.33
N GLY B 4 5.02 -26.32 -9.51
CA GLY B 4 4.79 -27.50 -10.31
C GLY B 4 6.00 -28.39 -10.41
N SER B 5 7.01 -27.92 -11.13
CA SER B 5 8.20 -28.70 -11.38
C SER B 5 9.28 -28.44 -10.33
N ARG B 6 9.35 -27.19 -9.85
CA ARG B 6 10.40 -26.81 -8.92
C ARG B 6 10.02 -27.23 -7.50
N ARG B 7 9.04 -26.53 -6.92
CA ARG B 7 8.57 -26.82 -5.57
C ARG B 7 9.67 -26.63 -4.54
N PHE B 8 9.38 -26.99 -3.28
CA PHE B 8 10.36 -26.91 -2.20
C PHE B 8 10.91 -25.50 -2.04
N VAL B 9 12.14 -25.40 -1.55
CA VAL B 9 12.78 -24.12 -1.28
C VAL B 9 12.82 -23.22 -2.52
N VAL B 10 12.84 -23.82 -3.70
CA VAL B 10 12.91 -23.07 -4.95
C VAL B 10 11.63 -22.25 -5.13
N ASP B 11 10.49 -22.90 -4.98
CA ASP B 11 9.22 -22.21 -5.10
C ASP B 11 8.88 -21.42 -3.84
N ASP B 12 9.44 -21.83 -2.69
CA ASP B 12 9.29 -21.03 -1.47
C ASP B 12 9.99 -19.69 -1.64
N ARG B 13 10.86 -19.63 -2.62
CA ARG B 13 11.59 -18.42 -2.93
C ARG B 13 10.83 -17.64 -3.97
N ARG B 14 10.68 -18.28 -5.13
CA ARG B 14 9.94 -17.75 -6.26
C ARG B 14 8.58 -17.20 -5.85
N GLU B 15 7.83 -18.01 -5.12
CA GLU B 15 6.47 -17.68 -4.71
C GLU B 15 6.44 -16.64 -3.58
N LEU B 16 7.37 -16.75 -2.65
CA LEU B 16 7.42 -15.82 -1.55
C LEU B 16 7.79 -14.42 -2.05
N GLN B 17 8.89 -14.31 -2.80
CA GLN B 17 9.27 -13.02 -3.35
C GLN B 17 8.20 -12.52 -4.31
N TYR B 18 7.53 -13.48 -4.95
CA TYR B 18 6.40 -13.21 -5.84
C TYR B 18 5.37 -12.31 -5.18
N ARG B 19 5.01 -12.63 -3.93
CA ARG B 19 3.97 -11.88 -3.24
C ARG B 19 4.51 -10.58 -2.65
N VAL B 20 5.82 -10.52 -2.45
CA VAL B 20 6.43 -9.33 -1.86
C VAL B 20 6.45 -8.18 -2.88
N GLU B 21 6.78 -8.49 -4.13
CA GLU B 21 6.82 -7.48 -5.19
C GLU B 21 5.42 -6.98 -5.53
N VAL B 22 4.44 -7.88 -5.62
CA VAL B 22 3.08 -7.47 -5.88
C VAL B 22 2.59 -6.58 -4.74
N GLN B 23 2.99 -6.88 -3.51
CA GLN B 23 2.64 -6.02 -2.39
C GLN B 23 3.17 -4.60 -2.60
N ASN B 24 4.40 -4.48 -3.09
CA ASN B 24 4.95 -3.17 -3.43
C ASN B 24 4.10 -2.50 -4.52
N ARG B 25 3.76 -3.27 -5.54
CA ARG B 25 3.02 -2.77 -6.69
C ARG B 25 1.59 -2.35 -6.32
N VAL B 26 0.89 -3.22 -5.62
CA VAL B 26 -0.49 -2.97 -5.19
C VAL B 26 -0.56 -1.73 -4.31
N TYR B 27 0.38 -1.62 -3.38
CA TYR B 27 0.40 -0.49 -2.46
C TYR B 27 0.61 0.82 -3.21
N LYS B 28 1.39 0.76 -4.28
CA LYS B 28 1.62 1.92 -5.12
C LYS B 28 0.31 2.36 -5.76
N LYS B 29 -0.49 1.38 -6.16
CA LYS B 29 -1.79 1.62 -6.76
C LYS B 29 -2.77 2.21 -5.74
N GLU B 30 -2.61 1.82 -4.47
CA GLU B 30 -3.43 2.35 -3.40
C GLU B 30 -3.18 3.85 -3.24
N ILE B 31 -1.91 4.22 -3.25
CA ILE B 31 -1.53 5.62 -3.11
C ILE B 31 -2.11 6.48 -4.22
N GLN B 32 -2.15 5.93 -5.43
CA GLN B 32 -2.72 6.64 -6.57
C GLN B 32 -4.21 6.87 -6.36
N ALA B 33 -4.88 5.86 -5.82
CA ALA B 33 -6.28 5.98 -5.44
C ALA B 33 -6.43 7.01 -4.33
N LEU B 34 -5.56 6.88 -3.33
CA LEU B 34 -5.51 7.80 -2.20
C LEU B 34 -5.28 9.23 -2.65
N ASP B 35 -4.57 9.39 -3.76
CA ASP B 35 -4.25 10.71 -4.29
C ASP B 35 -5.52 11.41 -4.78
N ALA B 36 -6.49 10.63 -5.23
CA ALA B 36 -7.79 11.16 -5.60
C ALA B 36 -8.51 11.61 -4.33
N GLU B 37 -8.40 10.81 -3.29
CA GLU B 37 -8.92 11.16 -2.00
C GLU B 37 -8.18 12.37 -1.43
N ILE B 38 -6.93 12.56 -1.83
CA ILE B 38 -6.19 13.76 -1.45
C ILE B 38 -6.98 15.01 -1.86
N ARG B 39 -7.72 14.93 -2.96
CA ARG B 39 -8.55 16.06 -3.37
C ARG B 39 -9.64 16.35 -2.35
N LYS B 40 -10.33 15.32 -1.88
CA LYS B 40 -11.36 15.52 -0.84
C LYS B 40 -10.72 16.12 0.41
N LEU B 41 -9.51 15.69 0.68
CA LEU B 41 -8.72 16.23 1.77
C LEU B 41 -8.45 17.70 1.55
N GLU B 42 -7.97 18.04 0.36
CA GLU B 42 -7.65 19.43 0.03
C GLU B 42 -8.86 20.35 0.23
N ARG B 43 -10.05 19.81 -0.03
CA ARG B 43 -11.29 20.58 0.16
C ARG B 43 -11.47 20.93 1.63
N LEU B 44 -10.86 20.13 2.50
CA LEU B 44 -10.80 20.41 3.93
C LEU B 44 -9.61 21.32 4.25
N LEU B 45 -8.41 20.84 3.90
CA LEU B 45 -7.17 21.57 4.05
C LEU B 45 -7.25 23.01 3.54
N GLU B 46 -7.39 23.16 2.23
CA GLU B 46 -7.32 24.47 1.58
C GLU B 46 -8.41 25.41 2.07
N SER B 47 -9.54 24.85 2.47
CA SER B 47 -10.67 25.63 2.93
C SER B 47 -10.41 26.24 4.31
N GLY B 48 -9.34 25.79 4.95
CA GLY B 48 -9.00 26.31 6.26
C GLY B 48 -9.75 25.60 7.36
N LEU B 49 -10.29 24.43 7.04
CA LEU B 49 -11.04 23.65 8.00
C LEU B 49 -10.08 22.91 8.93
N THR B 50 -9.35 21.96 8.38
CA THR B 50 -8.32 21.28 9.13
C THR B 50 -6.99 21.45 8.41
N MET A 1 20.26 -22.40 -11.35
CA MET A 1 19.83 -23.65 -10.66
C MET A 1 19.72 -23.41 -9.16
N ASP A 2 19.15 -24.38 -8.46
CA ASP A 2 18.88 -24.26 -7.03
C ASP A 2 20.12 -23.83 -6.25
N SER A 3 21.20 -24.58 -6.39
CA SER A 3 22.42 -24.33 -5.63
C SER A 3 23.27 -23.24 -6.28
N ALA A 4 22.74 -22.60 -7.31
CA ALA A 4 23.50 -21.59 -8.03
C ALA A 4 23.16 -20.18 -7.55
N ILE A 5 22.04 -20.08 -6.83
CA ILE A 5 21.55 -18.79 -6.35
C ILE A 5 22.56 -18.14 -5.41
N SER A 6 22.83 -16.87 -5.66
CA SER A 6 23.75 -16.10 -4.83
C SER A 6 22.96 -15.06 -4.04
N LYS A 7 23.65 -14.12 -3.39
CA LYS A 7 22.96 -13.09 -2.63
C LYS A 7 22.09 -12.23 -3.54
N GLU A 8 22.42 -12.20 -4.84
CA GLU A 8 21.70 -11.41 -5.83
C GLU A 8 20.18 -11.49 -5.65
N ASP A 9 19.66 -12.71 -5.58
CA ASP A 9 18.23 -12.91 -5.38
C ASP A 9 17.81 -12.56 -3.97
N GLU A 10 18.64 -12.94 -3.01
CA GLU A 10 18.38 -12.70 -1.59
C GLU A 10 18.23 -11.21 -1.29
N GLU A 11 19.27 -10.44 -1.56
CA GLU A 11 19.26 -9.00 -1.28
C GLU A 11 18.18 -8.31 -2.11
N ARG A 12 17.85 -8.86 -3.27
CA ARG A 12 16.76 -8.34 -4.08
C ARG A 12 15.45 -8.55 -3.34
N TYR A 13 15.26 -9.75 -2.81
CA TYR A 13 14.09 -10.07 -2.00
C TYR A 13 14.03 -9.17 -0.78
N GLN A 14 15.16 -9.05 -0.08
CA GLN A 14 15.28 -8.18 1.09
C GLN A 14 14.77 -6.78 0.77
N LYS A 15 15.35 -6.18 -0.25
CA LYS A 15 14.96 -4.85 -0.67
C LYS A 15 13.53 -4.81 -1.17
N LEU A 16 13.04 -5.94 -1.66
CA LEU A 16 11.66 -6.04 -2.14
C LEU A 16 10.69 -5.88 -0.97
N VAL A 17 11.04 -6.48 0.17
CA VAL A 17 10.25 -6.32 1.38
C VAL A 17 10.31 -4.87 1.85
N THR A 18 11.48 -4.26 1.67
CA THR A 18 11.67 -2.87 2.02
C THR A 18 10.71 -2.00 1.20
N GLU A 19 10.60 -2.33 -0.09
CA GLU A 19 9.78 -1.59 -1.01
C GLU A 19 8.34 -1.52 -0.56
N ASN A 20 7.80 -2.63 -0.09
CA ASN A 20 6.40 -2.67 0.28
C ASN A 20 6.17 -2.03 1.64
N GLU A 21 7.17 -2.00 2.51
CA GLU A 21 7.05 -1.33 3.80
C GLU A 21 7.08 0.18 3.66
N GLN A 22 7.91 0.69 2.75
CA GLN A 22 8.04 2.14 2.55
C GLN A 22 6.70 2.77 2.27
N LEU A 23 6.05 2.30 1.22
CA LEU A 23 4.86 2.93 0.73
C LEU A 23 3.62 2.54 1.55
N GLN A 24 3.73 1.47 2.33
CA GLN A 24 2.72 1.16 3.35
C GLN A 24 2.41 2.39 4.19
N ARG A 25 3.47 3.05 4.64
CA ARG A 25 3.35 4.27 5.41
C ARG A 25 2.76 5.40 4.58
N LEU A 26 3.22 5.49 3.33
CA LEU A 26 2.82 6.56 2.42
C LEU A 26 1.32 6.48 2.11
N ILE A 27 0.80 5.26 2.05
CA ILE A 27 -0.63 5.06 1.92
C ILE A 27 -1.34 5.59 3.15
N THR A 28 -0.86 5.15 4.31
CA THR A 28 -1.46 5.52 5.59
C THR A 28 -1.55 7.04 5.75
N GLN A 29 -0.56 7.76 5.22
CA GLN A 29 -0.52 9.22 5.28
C GLN A 29 -1.71 9.79 4.53
N LYS A 30 -1.79 9.43 3.26
CA LYS A 30 -2.80 9.97 2.36
C LYS A 30 -4.20 9.47 2.71
N GLU A 31 -4.32 8.17 3.02
CA GLU A 31 -5.59 7.57 3.41
C GLU A 31 -6.33 8.39 4.45
N GLU A 32 -5.74 8.58 5.63
CA GLU A 32 -6.42 9.24 6.73
C GLU A 32 -6.84 10.66 6.37
N LYS A 33 -6.03 11.34 5.55
CA LYS A 33 -6.35 12.68 5.11
C LYS A 33 -7.58 12.65 4.20
N ILE A 34 -7.57 11.71 3.27
CA ILE A 34 -8.66 11.55 2.31
C ILE A 34 -9.94 11.07 2.99
N ARG A 35 -9.79 10.31 4.06
CA ARG A 35 -10.93 9.78 4.79
C ARG A 35 -11.83 10.90 5.30
N VAL A 36 -11.21 12.00 5.70
CA VAL A 36 -11.94 13.16 6.17
C VAL A 36 -12.64 13.84 5.00
N LEU A 37 -11.95 13.89 3.87
CA LEU A 37 -12.55 14.38 2.63
C LEU A 37 -13.75 13.53 2.26
N ARG A 38 -13.62 12.23 2.52
CA ARG A 38 -14.66 11.26 2.21
C ARG A 38 -15.91 11.53 3.03
N GLN A 39 -15.73 11.88 4.31
CA GLN A 39 -16.85 12.24 5.18
C GLN A 39 -17.55 13.49 4.64
N ARG A 40 -16.75 14.43 4.17
CA ARG A 40 -17.28 15.63 3.56
C ARG A 40 -17.98 15.29 2.25
N LEU A 41 -17.47 14.29 1.55
CA LEU A 41 -18.11 13.80 0.34
C LEU A 41 -19.44 13.13 0.68
N VAL A 42 -19.56 12.62 1.91
CA VAL A 42 -20.80 11.99 2.36
C VAL A 42 -21.94 13.00 2.36
N GLU A 43 -21.67 14.18 2.91
CA GLU A 43 -22.67 15.23 2.96
C GLU A 43 -22.93 15.79 1.56
N ARG A 44 -21.92 15.70 0.71
CA ARG A 44 -22.05 16.07 -0.69
C ARG A 44 -22.92 15.08 -1.44
N GLY A 45 -22.80 13.82 -1.04
CA GLY A 45 -23.58 12.76 -1.64
C GLY A 45 -22.78 11.97 -2.66
N ASP A 46 -21.47 11.97 -2.49
CA ASP A 46 -20.56 11.31 -3.44
C ASP A 46 -20.71 9.80 -3.40
N ALA A 47 -21.06 9.27 -2.22
CA ALA A 47 -21.20 7.83 -2.05
C ALA A 47 -22.45 7.32 -2.75
N LYS A 48 -23.33 8.24 -3.13
CA LYS A 48 -24.54 7.89 -3.85
C LYS A 48 -24.22 7.69 -5.34
N GLY A 49 -23.03 8.12 -5.72
CA GLY A 49 -22.56 7.93 -7.08
C GLY A 49 -21.40 6.96 -7.13
N THR A 50 -21.68 5.72 -7.43
CA THR A 50 -20.66 4.69 -7.48
C THR A 50 -20.97 3.72 -8.62
N GLU A 51 -20.02 3.60 -9.53
CA GLU A 51 -20.16 2.69 -10.66
C GLU A 51 -19.70 1.29 -10.27
N LEU A 52 -20.65 0.37 -10.20
CA LEU A 52 -20.38 -1.01 -9.81
C LEU A 52 -19.71 -1.78 -10.94
N ASN A 53 -18.50 -1.40 -11.28
CA ASN A 53 -17.75 -2.07 -12.33
C ASN A 53 -17.22 -3.41 -11.84
N GLY B 1 6.45 -39.12 -9.39
CA GLY B 1 5.47 -38.08 -9.17
C GLY B 1 5.55 -37.00 -10.23
N PRO B 2 4.79 -35.91 -10.07
CA PRO B 2 4.78 -34.80 -11.02
C PRO B 2 6.00 -33.90 -10.85
N LEU B 3 5.97 -32.77 -11.54
CA LEU B 3 7.03 -31.75 -11.43
C LEU B 3 7.45 -31.48 -9.98
N GLY B 4 8.72 -31.14 -9.79
CA GLY B 4 9.23 -30.87 -8.46
C GLY B 4 9.02 -29.42 -8.06
N SER B 5 8.25 -28.69 -8.86
CA SER B 5 7.97 -27.29 -8.59
C SER B 5 6.99 -27.13 -7.43
N ARG B 6 6.51 -28.25 -6.90
CA ARG B 6 5.53 -28.24 -5.83
C ARG B 6 6.18 -28.49 -4.47
N ARG B 7 7.51 -28.53 -4.45
CA ARG B 7 8.22 -28.83 -3.22
C ARG B 7 8.27 -27.62 -2.29
N PHE B 8 8.09 -27.86 -0.99
CA PHE B 8 7.93 -26.80 0.00
C PHE B 8 8.98 -25.69 -0.14
N VAL B 9 10.25 -26.07 -0.22
CA VAL B 9 11.34 -25.12 -0.30
C VAL B 9 11.37 -24.44 -1.66
N VAL B 10 10.93 -25.16 -2.69
CA VAL B 10 10.92 -24.63 -4.04
C VAL B 10 9.90 -23.51 -4.18
N ASP B 11 8.70 -23.71 -3.62
CA ASP B 11 7.68 -22.68 -3.67
C ASP B 11 8.07 -21.51 -2.81
N ASP B 12 8.37 -21.74 -1.54
CA ASP B 12 8.58 -20.64 -0.59
C ASP B 12 9.65 -19.68 -1.06
N ARG B 13 10.48 -20.11 -1.97
CA ARG B 13 11.54 -19.26 -2.49
C ARG B 13 11.01 -18.37 -3.60
N ARG B 14 10.27 -18.98 -4.53
CA ARG B 14 9.71 -18.26 -5.67
C ARG B 14 8.33 -17.68 -5.34
N GLU B 15 7.47 -18.52 -4.78
CA GLU B 15 6.13 -18.14 -4.37
C GLU B 15 6.13 -16.97 -3.39
N LEU B 16 6.98 -17.05 -2.38
CA LEU B 16 7.00 -16.06 -1.31
C LEU B 16 7.55 -14.73 -1.83
N GLN B 17 8.67 -14.75 -2.54
CA GLN B 17 9.25 -13.51 -3.07
C GLN B 17 8.29 -12.86 -4.06
N TYR B 18 7.53 -13.70 -4.76
CA TYR B 18 6.54 -13.24 -5.73
C TYR B 18 5.47 -12.38 -5.08
N ARG B 19 5.01 -12.79 -3.90
CA ARG B 19 3.93 -12.06 -3.24
C ARG B 19 4.43 -10.75 -2.67
N VAL B 20 5.73 -10.67 -2.43
CA VAL B 20 6.33 -9.45 -1.88
C VAL B 20 6.30 -8.33 -2.91
N GLU B 21 6.67 -8.65 -4.16
CA GLU B 21 6.65 -7.66 -5.23
C GLU B 21 5.23 -7.21 -5.56
N VAL B 22 4.26 -8.13 -5.56
CA VAL B 22 2.88 -7.72 -5.79
C VAL B 22 2.41 -6.83 -4.65
N GLN B 23 2.81 -7.16 -3.42
CA GLN B 23 2.52 -6.29 -2.29
C GLN B 23 3.09 -4.90 -2.52
N ASN B 24 4.34 -4.84 -2.97
CA ASN B 24 4.96 -3.57 -3.38
C ASN B 24 4.09 -2.85 -4.41
N ARG B 25 3.72 -3.58 -5.46
CA ARG B 25 2.95 -3.02 -6.57
C ARG B 25 1.56 -2.55 -6.14
N VAL B 26 0.84 -3.42 -5.43
CA VAL B 26 -0.51 -3.11 -4.98
C VAL B 26 -0.55 -1.86 -4.11
N TYR B 27 0.38 -1.79 -3.16
CA TYR B 27 0.46 -0.64 -2.27
C TYR B 27 0.77 0.63 -3.07
N LYS B 28 1.53 0.45 -4.14
CA LYS B 28 1.85 1.57 -5.03
C LYS B 28 0.61 1.99 -5.80
N LYS B 29 -0.14 0.98 -6.25
CA LYS B 29 -1.41 1.22 -6.95
C LYS B 29 -2.39 1.96 -6.05
N GLU B 30 -2.31 1.72 -4.75
CA GLU B 30 -3.10 2.48 -3.78
C GLU B 30 -2.72 3.95 -3.84
N ILE B 31 -1.43 4.23 -3.78
CA ILE B 31 -0.92 5.58 -3.83
C ILE B 31 -1.28 6.30 -5.13
N GLN B 32 -1.30 5.55 -6.23
CA GLN B 32 -1.66 6.11 -7.52
C GLN B 32 -3.09 6.61 -7.51
N ALA B 33 -3.98 5.78 -6.96
CA ALA B 33 -5.37 6.17 -6.76
C ALA B 33 -5.46 7.33 -5.78
N LEU B 34 -4.73 7.18 -4.69
CA LEU B 34 -4.64 8.21 -3.66
C LEU B 34 -4.18 9.54 -4.24
N ASP B 35 -3.35 9.48 -5.28
CA ASP B 35 -2.82 10.69 -5.91
C ASP B 35 -3.93 11.50 -6.57
N ALA B 36 -4.94 10.80 -7.06
CA ALA B 36 -6.13 11.47 -7.58
C ALA B 36 -6.90 12.10 -6.42
N GLU B 37 -7.02 11.36 -5.34
CA GLU B 37 -7.61 11.88 -4.13
C GLU B 37 -6.78 13.03 -3.56
N ILE B 38 -5.47 13.01 -3.82
CA ILE B 38 -4.61 14.11 -3.43
C ILE B 38 -5.13 15.43 -4.01
N ARG B 39 -5.76 15.36 -5.18
CA ARG B 39 -6.40 16.54 -5.76
C ARG B 39 -7.50 17.06 -4.83
N LYS B 40 -8.32 16.16 -4.27
CA LYS B 40 -9.35 16.57 -3.31
C LYS B 40 -8.69 17.08 -2.04
N LEU B 41 -7.54 16.51 -1.70
CA LEU B 41 -6.75 16.98 -0.57
C LEU B 41 -6.23 18.39 -0.82
N GLU B 42 -5.63 18.60 -1.99
CA GLU B 42 -5.08 19.91 -2.35
C GLU B 42 -6.16 20.99 -2.31
N ARG B 43 -7.40 20.60 -2.56
CA ARG B 43 -8.53 21.50 -2.39
C ARG B 43 -8.59 21.99 -0.94
N LEU B 44 -8.41 21.05 -0.02
CA LEU B 44 -8.37 21.35 1.40
C LEU B 44 -7.16 22.24 1.72
N LEU B 45 -5.97 21.70 1.46
CA LEU B 45 -4.71 22.42 1.64
C LEU B 45 -4.75 23.85 1.10
N GLU B 46 -4.86 23.96 -0.22
CA GLU B 46 -4.71 25.25 -0.89
C GLU B 46 -5.79 26.26 -0.50
N SER B 47 -7.00 25.77 -0.25
CA SER B 47 -8.09 26.67 0.08
C SER B 47 -8.07 27.05 1.55
N GLY B 48 -7.42 26.21 2.35
CA GLY B 48 -7.36 26.46 3.78
C GLY B 48 -8.67 26.11 4.46
N LEU B 49 -9.39 25.16 3.87
CA LEU B 49 -10.70 24.77 4.35
C LEU B 49 -10.63 24.19 5.75
N THR B 50 -9.66 23.29 5.97
CA THR B 50 -9.46 22.65 7.26
C THR B 50 -10.65 21.76 7.63
N MET A 1 17.02 -21.06 5.05
CA MET A 1 17.14 -22.13 4.03
C MET A 1 17.87 -21.61 2.79
N ASP A 2 19.10 -21.16 2.99
CA ASP A 2 19.91 -20.60 1.90
C ASP A 2 20.61 -21.70 1.12
N SER A 3 19.95 -22.86 1.02
CA SER A 3 20.47 -23.97 0.26
C SER A 3 19.94 -23.90 -1.17
N ALA A 4 18.63 -23.75 -1.30
CA ALA A 4 18.00 -23.58 -2.60
C ALA A 4 18.03 -22.11 -3.01
N ILE A 5 17.90 -21.24 -2.02
CA ILE A 5 17.94 -19.80 -2.24
C ILE A 5 19.38 -19.31 -2.23
N SER A 6 19.73 -18.43 -3.15
CA SER A 6 21.05 -17.83 -3.13
C SER A 6 20.92 -16.37 -2.67
N LYS A 7 22.05 -15.70 -2.48
CA LYS A 7 22.05 -14.29 -2.14
C LYS A 7 21.29 -13.52 -3.22
N GLU A 8 21.34 -14.07 -4.44
CA GLU A 8 20.63 -13.53 -5.59
C GLU A 8 19.17 -13.23 -5.27
N ASP A 9 18.47 -14.22 -4.75
CA ASP A 9 17.05 -14.09 -4.49
C ASP A 9 16.80 -13.44 -3.13
N GLU A 10 17.73 -13.63 -2.21
CA GLU A 10 17.61 -13.06 -0.87
C GLU A 10 17.62 -11.53 -0.94
N GLU A 11 18.67 -10.98 -1.55
CA GLU A 11 18.79 -9.54 -1.71
C GLU A 11 17.56 -8.97 -2.40
N ARG A 12 17.06 -9.71 -3.38
CA ARG A 12 15.88 -9.32 -4.12
C ARG A 12 14.66 -9.26 -3.21
N TYR A 13 14.52 -10.25 -2.34
CA TYR A 13 13.39 -10.33 -1.44
C TYR A 13 13.47 -9.25 -0.36
N GLN A 14 14.62 -9.17 0.30
CA GLN A 14 14.83 -8.20 1.38
C GLN A 14 14.47 -6.79 0.94
N LYS A 15 15.06 -6.34 -0.15
CA LYS A 15 14.77 -5.02 -0.68
C LYS A 15 13.33 -4.91 -1.16
N LEU A 16 12.72 -6.04 -1.50
CA LEU A 16 11.33 -6.07 -1.92
C LEU A 16 10.42 -5.75 -0.74
N VAL A 17 10.71 -6.37 0.41
CA VAL A 17 9.95 -6.08 1.63
C VAL A 17 10.14 -4.62 1.99
N THR A 18 11.32 -4.12 1.69
CA THR A 18 11.65 -2.74 1.91
C THR A 18 10.69 -1.86 1.11
N GLU A 19 10.65 -2.08 -0.19
CA GLU A 19 9.77 -1.36 -1.09
C GLU A 19 8.33 -1.46 -0.64
N ASN A 20 7.99 -2.63 -0.12
CA ASN A 20 6.64 -2.95 0.30
C ASN A 20 6.24 -2.20 1.58
N GLU A 21 7.18 -2.08 2.52
CA GLU A 21 6.88 -1.40 3.78
C GLU A 21 6.93 0.12 3.64
N GLN A 22 7.83 0.62 2.80
CA GLN A 22 7.99 2.07 2.62
C GLN A 22 6.68 2.72 2.27
N LEU A 23 6.07 2.26 1.19
CA LEU A 23 4.89 2.89 0.65
C LEU A 23 3.65 2.54 1.47
N GLN A 24 3.73 1.46 2.26
CA GLN A 24 2.70 1.18 3.26
C GLN A 24 2.50 2.40 4.15
N ARG A 25 3.63 2.92 4.62
CA ARG A 25 3.64 4.10 5.46
C ARG A 25 3.12 5.31 4.68
N LEU A 26 3.56 5.43 3.43
CA LEU A 26 3.19 6.56 2.58
C LEU A 26 1.69 6.53 2.30
N ILE A 27 1.13 5.33 2.21
CA ILE A 27 -0.30 5.17 2.10
C ILE A 27 -0.99 5.63 3.38
N THR A 28 -0.56 5.07 4.50
CA THR A 28 -1.19 5.34 5.79
C THR A 28 -1.25 6.84 6.09
N GLN A 29 -0.23 7.58 5.67
CA GLN A 29 -0.19 9.03 5.89
C GLN A 29 -1.39 9.69 5.23
N LYS A 30 -1.53 9.43 3.95
CA LYS A 30 -2.62 9.98 3.16
C LYS A 30 -3.95 9.38 3.59
N GLU A 31 -4.01 8.05 3.70
CA GLU A 31 -5.21 7.34 4.13
C GLU A 31 -5.84 7.91 5.40
N GLU A 32 -5.05 8.12 6.45
CA GLU A 32 -5.60 8.58 7.73
C GLU A 32 -6.25 9.97 7.57
N LYS A 33 -5.65 10.80 6.72
CA LYS A 33 -6.18 12.13 6.46
C LYS A 33 -7.42 12.04 5.58
N ILE A 34 -7.31 11.27 4.50
CA ILE A 34 -8.41 11.07 3.57
C ILE A 34 -9.56 10.34 4.26
N ARG A 35 -9.23 9.52 5.25
CA ARG A 35 -10.18 8.82 6.05
C ARG A 35 -11.22 9.77 6.60
N VAL A 36 -10.76 10.88 7.18
CA VAL A 36 -11.67 11.87 7.73
C VAL A 36 -12.48 12.53 6.61
N LEU A 37 -11.83 12.76 5.48
CA LEU A 37 -12.49 13.35 4.31
C LEU A 37 -13.58 12.44 3.78
N ARG A 38 -13.30 11.15 3.74
CA ARG A 38 -14.24 10.18 3.19
C ARG A 38 -15.43 10.05 4.13
N GLN A 39 -15.18 10.15 5.42
CA GLN A 39 -16.25 10.24 6.41
C GLN A 39 -17.16 11.41 6.12
N ARG A 40 -16.56 12.53 5.77
CA ARG A 40 -17.31 13.71 5.36
C ARG A 40 -18.11 13.41 4.10
N LEU A 41 -17.48 12.73 3.16
CA LEU A 41 -18.16 12.34 1.94
C LEU A 41 -19.18 11.24 2.20
N VAL A 42 -19.05 10.56 3.34
CA VAL A 42 -20.07 9.61 3.77
C VAL A 42 -21.39 10.35 3.97
N GLU A 43 -21.28 11.57 4.47
CA GLU A 43 -22.43 12.42 4.67
C GLU A 43 -22.91 13.02 3.35
N ARG A 44 -22.08 12.94 2.32
CA ARG A 44 -22.45 13.42 1.00
C ARG A 44 -23.03 12.27 0.19
N GLY A 45 -22.52 11.09 0.46
CA GLY A 45 -23.01 9.89 -0.18
C GLY A 45 -22.00 9.30 -1.15
N ASP A 46 -20.72 9.40 -0.82
CA ASP A 46 -19.67 8.88 -1.69
C ASP A 46 -19.35 7.43 -1.35
N ALA A 47 -19.50 7.09 -0.08
CA ALA A 47 -19.24 5.72 0.37
C ALA A 47 -20.40 4.82 -0.03
N LYS A 48 -21.49 5.44 -0.45
CA LYS A 48 -22.64 4.73 -0.99
C LYS A 48 -22.26 4.02 -2.28
N GLY A 49 -21.25 4.56 -2.97
CA GLY A 49 -20.76 3.95 -4.18
C GLY A 49 -19.94 2.71 -3.90
N THR A 50 -19.54 2.55 -2.65
CA THR A 50 -18.80 1.37 -2.22
C THR A 50 -19.70 0.50 -1.34
N GLU A 51 -20.36 -0.46 -1.97
CA GLU A 51 -21.25 -1.35 -1.25
C GLU A 51 -20.46 -2.45 -0.54
N LEU A 52 -20.74 -2.63 0.74
CA LEU A 52 -20.01 -3.58 1.56
C LEU A 52 -20.94 -4.64 2.12
N ASN A 53 -22.21 -4.55 1.77
CA ASN A 53 -23.21 -5.48 2.29
C ASN A 53 -23.85 -6.29 1.16
N GLY B 1 -6.38 -30.43 7.90
CA GLY B 1 -5.25 -29.69 7.39
C GLY B 1 -5.65 -28.27 7.03
N PRO B 2 -4.71 -27.32 7.05
CA PRO B 2 -5.02 -25.92 6.78
C PRO B 2 -5.08 -25.60 5.28
N LEU B 3 -5.20 -24.32 4.97
CA LEU B 3 -5.17 -23.85 3.59
C LEU B 3 -4.02 -24.46 2.79
N GLY B 4 -4.25 -24.70 1.51
CA GLY B 4 -3.22 -25.32 0.68
C GLY B 4 -2.38 -24.30 -0.05
N SER B 5 -2.48 -23.05 0.37
CA SER B 5 -1.76 -21.96 -0.26
C SER B 5 -0.30 -21.93 0.20
N ARG B 6 -0.05 -22.33 1.43
CA ARG B 6 1.28 -22.33 1.99
C ARG B 6 2.09 -23.52 1.50
N ARG B 7 1.50 -24.70 1.61
CA ARG B 7 2.11 -25.94 1.11
C ARG B 7 3.55 -26.07 1.57
N PHE B 8 3.73 -26.16 2.89
CA PHE B 8 5.05 -26.24 3.50
C PHE B 8 5.86 -24.97 3.18
N VAL B 9 7.18 -25.09 3.17
CA VAL B 9 8.02 -23.95 2.84
C VAL B 9 8.18 -23.78 1.35
N VAL B 10 7.56 -24.69 0.59
CA VAL B 10 7.68 -24.68 -0.86
C VAL B 10 6.96 -23.48 -1.45
N ASP B 11 5.63 -23.45 -1.29
CA ASP B 11 4.85 -22.35 -1.78
C ASP B 11 5.08 -21.10 -0.95
N ASP B 12 5.18 -21.28 0.38
CA ASP B 12 5.45 -20.14 1.28
C ASP B 12 6.71 -19.38 0.88
N ARG B 13 7.56 -20.00 0.09
CA ARG B 13 8.80 -19.37 -0.32
C ARG B 13 8.53 -18.46 -1.51
N ARG B 14 8.15 -19.07 -2.61
CA ARG B 14 7.92 -18.35 -3.86
C ARG B 14 6.69 -17.46 -3.78
N GLU B 15 5.64 -17.97 -3.16
CA GLU B 15 4.38 -17.23 -3.07
C GLU B 15 4.54 -15.97 -2.21
N LEU B 16 5.18 -16.12 -1.06
CA LEU B 16 5.39 -15.01 -0.13
C LEU B 16 6.22 -13.92 -0.79
N GLN B 17 7.33 -14.28 -1.41
CA GLN B 17 8.18 -13.29 -2.05
C GLN B 17 7.46 -12.68 -3.27
N TYR B 18 6.62 -13.48 -3.91
CA TYR B 18 5.83 -13.02 -5.03
C TYR B 18 4.78 -11.99 -4.59
N ARG B 19 4.11 -12.26 -3.48
CA ARG B 19 3.05 -11.38 -3.01
C ARG B 19 3.61 -10.01 -2.64
N VAL B 20 4.87 -9.98 -2.23
CA VAL B 20 5.49 -8.73 -1.80
C VAL B 20 5.68 -7.76 -2.98
N GLU B 21 6.15 -8.28 -4.11
CA GLU B 21 6.35 -7.44 -5.30
C GLU B 21 5.03 -6.93 -5.89
N VAL B 22 3.97 -7.73 -5.83
CA VAL B 22 2.65 -7.25 -6.24
C VAL B 22 2.17 -6.19 -5.26
N GLN B 23 2.35 -6.43 -3.96
CA GLN B 23 1.99 -5.46 -2.95
C GLN B 23 2.76 -4.15 -3.17
N ASN B 24 4.05 -4.28 -3.48
CA ASN B 24 4.88 -3.13 -3.83
C ASN B 24 4.23 -2.28 -4.94
N ARG B 25 3.60 -2.95 -5.89
CA ARG B 25 2.97 -2.27 -7.02
C ARG B 25 1.57 -1.78 -6.69
N VAL B 26 0.74 -2.66 -6.15
CA VAL B 26 -0.65 -2.33 -5.82
C VAL B 26 -0.71 -1.20 -4.82
N TYR B 27 0.22 -1.20 -3.86
CA TYR B 27 0.27 -0.15 -2.85
C TYR B 27 0.72 1.17 -3.47
N LYS B 28 1.55 1.08 -4.50
CA LYS B 28 1.96 2.25 -5.25
C LYS B 28 0.76 2.85 -5.97
N LYS B 29 -0.07 1.96 -6.51
CA LYS B 29 -1.30 2.36 -7.18
C LYS B 29 -2.27 3.02 -6.19
N GLU B 30 -2.22 2.59 -4.93
CA GLU B 30 -3.04 3.20 -3.90
C GLU B 30 -2.66 4.65 -3.70
N ILE B 31 -1.35 4.90 -3.63
CA ILE B 31 -0.84 6.25 -3.45
C ILE B 31 -1.26 7.16 -4.58
N GLN B 32 -1.28 6.63 -5.80
CA GLN B 32 -1.69 7.40 -6.95
C GLN B 32 -3.16 7.79 -6.85
N ALA B 33 -3.97 6.86 -6.38
CA ALA B 33 -5.38 7.13 -6.10
C ALA B 33 -5.49 8.14 -4.97
N LEU B 34 -4.71 7.92 -3.93
CA LEU B 34 -4.62 8.80 -2.76
C LEU B 34 -4.19 10.21 -3.17
N ASP B 35 -3.46 10.31 -4.25
CA ASP B 35 -2.97 11.59 -4.74
C ASP B 35 -4.12 12.46 -5.26
N ALA B 36 -5.12 11.81 -5.86
CA ALA B 36 -6.33 12.52 -6.26
C ALA B 36 -7.07 12.99 -5.01
N GLU B 37 -7.05 12.13 -4.01
CA GLU B 37 -7.60 12.45 -2.71
C GLU B 37 -6.78 13.57 -2.05
N ILE B 38 -5.50 13.68 -2.39
CA ILE B 38 -4.68 14.78 -1.90
C ILE B 38 -5.33 16.12 -2.22
N ARG B 39 -5.97 16.21 -3.38
CA ARG B 39 -6.68 17.41 -3.78
C ARG B 39 -7.81 17.71 -2.80
N LYS B 40 -8.55 16.68 -2.40
CA LYS B 40 -9.63 16.84 -1.42
C LYS B 40 -9.06 17.28 -0.08
N LEU B 41 -7.84 16.87 0.21
CA LEU B 41 -7.14 17.30 1.39
C LEU B 41 -6.70 18.75 1.25
N GLU B 42 -6.11 19.10 0.10
CA GLU B 42 -5.59 20.44 -0.13
C GLU B 42 -6.68 21.49 0.06
N ARG B 43 -7.87 21.23 -0.45
CA ARG B 43 -8.98 22.17 -0.31
C ARG B 43 -9.34 22.36 1.16
N LEU B 44 -9.22 21.29 1.96
CA LEU B 44 -9.47 21.39 3.39
C LEU B 44 -8.29 22.06 4.08
N LEU B 45 -7.08 21.78 3.60
CA LEU B 45 -5.88 22.43 4.11
C LEU B 45 -6.02 23.95 4.05
N GLU B 46 -6.25 24.44 2.84
CA GLU B 46 -6.43 25.87 2.60
C GLU B 46 -7.69 26.39 3.28
N SER B 47 -8.65 25.50 3.49
CA SER B 47 -9.89 25.83 4.19
C SER B 47 -9.63 26.21 5.65
N GLY B 48 -8.43 25.93 6.13
CA GLY B 48 -8.08 26.30 7.48
C GLY B 48 -7.80 25.12 8.37
N LEU B 49 -7.39 24.00 7.77
CA LEU B 49 -6.97 22.85 8.54
C LEU B 49 -5.57 23.08 9.07
N THR B 50 -4.63 23.24 8.14
CA THR B 50 -3.25 23.51 8.47
C THR B 50 -3.01 25.02 8.57
N MET A 1 20.71 -22.03 7.17
CA MET A 1 21.82 -22.02 6.18
C MET A 1 21.44 -22.87 4.98
N ASP A 2 21.21 -22.23 3.85
CA ASP A 2 20.80 -22.95 2.64
C ASP A 2 21.89 -22.84 1.57
N SER A 3 22.09 -23.92 0.82
CA SER A 3 23.15 -23.97 -0.17
C SER A 3 22.65 -23.54 -1.55
N ALA A 4 21.35 -23.30 -1.67
CA ALA A 4 20.77 -22.83 -2.91
C ALA A 4 20.36 -21.38 -2.78
N ILE A 5 19.65 -21.07 -1.70
CA ILE A 5 19.26 -19.69 -1.42
C ILE A 5 20.45 -18.91 -0.88
N SER A 6 21.07 -18.11 -1.75
CA SER A 6 22.23 -17.32 -1.37
C SER A 6 21.77 -15.97 -0.83
N LYS A 7 22.73 -15.14 -0.41
CA LYS A 7 22.43 -13.78 -0.02
C LYS A 7 21.79 -13.06 -1.20
N GLU A 8 22.12 -13.55 -2.39
CA GLU A 8 21.55 -13.07 -3.62
C GLU A 8 20.03 -13.07 -3.55
N ASP A 9 19.43 -14.25 -3.41
CA ASP A 9 17.98 -14.39 -3.33
C ASP A 9 17.45 -13.67 -2.10
N GLU A 10 18.19 -13.76 -1.00
CA GLU A 10 17.82 -13.12 0.26
C GLU A 10 17.61 -11.63 0.07
N GLU A 11 18.67 -10.94 -0.35
CA GLU A 11 18.62 -9.50 -0.60
C GLU A 11 17.51 -9.14 -1.59
N ARG A 12 17.25 -10.03 -2.56
CA ARG A 12 16.18 -9.79 -3.53
C ARG A 12 14.83 -9.72 -2.82
N TYR A 13 14.66 -10.57 -1.83
CA TYR A 13 13.43 -10.60 -1.03
C TYR A 13 13.42 -9.42 -0.06
N GLN A 14 14.53 -9.21 0.62
CA GLN A 14 14.66 -8.12 1.58
C GLN A 14 14.31 -6.77 0.99
N LYS A 15 14.97 -6.43 -0.10
CA LYS A 15 14.71 -5.17 -0.79
C LYS A 15 13.24 -5.06 -1.21
N LEU A 16 12.62 -6.21 -1.47
CA LEU A 16 11.24 -6.26 -1.91
C LEU A 16 10.30 -5.88 -0.78
N VAL A 17 10.52 -6.47 0.38
CA VAL A 17 9.74 -6.14 1.57
C VAL A 17 10.01 -4.71 1.96
N THR A 18 11.22 -4.26 1.67
CA THR A 18 11.62 -2.91 1.90
C THR A 18 10.75 -1.96 1.09
N GLU A 19 10.67 -2.22 -0.21
CA GLU A 19 9.82 -1.44 -1.11
C GLU A 19 8.41 -1.34 -0.56
N ASN A 20 7.95 -2.45 -0.05
CA ASN A 20 6.62 -2.56 0.50
C ASN A 20 6.43 -1.66 1.71
N GLU A 21 7.22 -1.87 2.75
CA GLU A 21 7.05 -1.13 4.00
C GLU A 21 7.09 0.37 3.80
N GLN A 22 7.88 0.82 2.80
CA GLN A 22 7.98 2.26 2.52
C GLN A 22 6.62 2.84 2.17
N LEU A 23 6.05 2.37 1.08
CA LEU A 23 4.82 2.94 0.57
C LEU A 23 3.61 2.45 1.37
N GLN A 24 3.79 1.35 2.10
CA GLN A 24 2.82 0.93 3.12
C GLN A 24 2.58 2.07 4.10
N ARG A 25 3.68 2.68 4.54
CA ARG A 25 3.64 3.79 5.45
C ARG A 25 2.98 4.98 4.78
N LEU A 26 3.38 5.23 3.54
CA LEU A 26 2.89 6.36 2.76
C LEU A 26 1.37 6.27 2.58
N ILE A 27 0.89 5.06 2.34
CA ILE A 27 -0.53 4.78 2.32
C ILE A 27 -1.16 5.12 3.67
N THR A 28 -0.59 4.53 4.72
CA THR A 28 -1.10 4.67 6.07
C THR A 28 -1.24 6.14 6.50
N GLN A 29 -0.31 7.01 6.06
CA GLN A 29 -0.38 8.43 6.40
C GLN A 29 -1.66 9.03 5.86
N LYS A 30 -1.88 8.77 4.58
CA LYS A 30 -3.01 9.33 3.86
C LYS A 30 -4.32 8.66 4.28
N GLU A 31 -4.28 7.35 4.45
CA GLU A 31 -5.48 6.58 4.77
C GLU A 31 -6.16 7.04 6.06
N GLU A 32 -5.39 7.32 7.11
CA GLU A 32 -5.97 7.78 8.35
C GLU A 32 -6.59 9.16 8.19
N LYS A 33 -5.99 9.97 7.33
CA LYS A 33 -6.52 11.29 7.05
C LYS A 33 -7.77 11.19 6.18
N ILE A 34 -7.72 10.36 5.16
CA ILE A 34 -8.85 10.12 4.28
C ILE A 34 -9.99 9.46 5.05
N ARG A 35 -9.62 8.65 6.04
CA ARG A 35 -10.58 7.96 6.88
C ARG A 35 -11.58 8.95 7.49
N VAL A 36 -11.07 10.07 7.96
CA VAL A 36 -11.91 11.10 8.53
C VAL A 36 -12.81 11.71 7.45
N LEU A 37 -12.23 11.91 6.28
CA LEU A 37 -12.97 12.42 5.12
C LEU A 37 -14.05 11.43 4.70
N ARG A 38 -13.76 10.15 4.86
CA ARG A 38 -14.73 9.09 4.57
C ARG A 38 -15.97 9.26 5.43
N GLN A 39 -15.76 9.48 6.73
CA GLN A 39 -16.86 9.70 7.66
C GLN A 39 -17.64 10.95 7.28
N ARG A 40 -16.93 11.93 6.76
CA ARG A 40 -17.55 13.14 6.26
C ARG A 40 -18.41 12.85 5.04
N LEU A 41 -17.91 12.03 4.14
CA LEU A 41 -18.68 11.63 2.97
C LEU A 41 -19.78 10.64 3.37
N VAL A 42 -19.66 10.07 4.55
CA VAL A 42 -20.76 9.29 5.12
C VAL A 42 -21.97 10.20 5.32
N GLU A 43 -21.67 11.43 5.71
CA GLU A 43 -22.70 12.43 5.90
C GLU A 43 -23.27 12.88 4.56
N ARG A 44 -22.48 12.75 3.51
CA ARG A 44 -22.95 13.06 2.16
C ARG A 44 -23.74 11.89 1.61
N GLY A 45 -23.31 10.69 1.95
CA GLY A 45 -23.98 9.48 1.53
C GLY A 45 -23.17 8.68 0.54
N ASP A 46 -21.86 8.88 0.53
CA ASP A 46 -20.98 8.23 -0.43
C ASP A 46 -20.82 6.75 -0.10
N ALA A 47 -20.90 6.42 1.19
CA ALA A 47 -20.75 5.05 1.64
C ALA A 47 -21.95 4.22 1.20
N LYS A 48 -23.13 4.81 1.26
CA LYS A 48 -24.35 4.15 0.83
C LYS A 48 -24.41 4.13 -0.69
N GLY A 49 -23.70 5.06 -1.32
CA GLY A 49 -23.62 5.11 -2.76
C GLY A 49 -22.55 4.17 -3.30
N THR A 50 -22.14 3.24 -2.47
CA THR A 50 -21.15 2.23 -2.84
C THR A 50 -21.72 0.85 -2.55
N GLU A 51 -22.17 0.17 -3.59
CA GLU A 51 -22.82 -1.13 -3.41
C GLU A 51 -21.82 -2.23 -3.06
N LEU A 52 -22.18 -2.97 -2.03
CA LEU A 52 -21.40 -4.11 -1.56
C LEU A 52 -22.35 -5.22 -1.15
N ASN A 53 -23.58 -5.09 -1.63
CA ASN A 53 -24.67 -5.99 -1.28
C ASN A 53 -25.75 -5.89 -2.34
N GLY B 1 -12.51 -19.91 -5.69
CA GLY B 1 -11.13 -19.46 -5.70
C GLY B 1 -10.28 -20.24 -6.67
N PRO B 2 -8.95 -20.07 -6.60
CA PRO B 2 -8.02 -20.73 -7.52
C PRO B 2 -7.72 -22.16 -7.09
N LEU B 3 -6.75 -22.78 -7.78
CA LEU B 3 -6.29 -24.13 -7.47
C LEU B 3 -6.07 -24.36 -5.97
N GLY B 4 -6.19 -25.62 -5.56
CA GLY B 4 -6.00 -25.97 -4.16
C GLY B 4 -4.54 -26.05 -3.77
N SER B 5 -3.68 -25.57 -4.65
CA SER B 5 -2.25 -25.55 -4.40
C SER B 5 -1.79 -24.14 -4.02
N ARG B 6 -2.75 -23.31 -3.61
CA ARG B 6 -2.46 -21.94 -3.21
C ARG B 6 -1.94 -21.87 -1.78
N ARG B 7 -1.71 -23.03 -1.19
CA ARG B 7 -1.20 -23.11 0.18
C ARG B 7 0.01 -24.04 0.22
N PHE B 8 0.37 -24.48 1.44
CA PHE B 8 1.47 -25.43 1.64
C PHE B 8 2.81 -24.78 1.34
N VAL B 9 3.86 -25.60 1.20
CA VAL B 9 5.22 -25.11 1.04
C VAL B 9 5.36 -24.26 -0.23
N VAL B 10 4.71 -24.69 -1.31
CA VAL B 10 4.80 -23.98 -2.58
C VAL B 10 4.27 -22.56 -2.46
N ASP B 11 3.32 -22.34 -1.56
CA ASP B 11 2.78 -21.01 -1.34
C ASP B 11 3.74 -20.15 -0.54
N ASP B 12 4.10 -20.58 0.66
CA ASP B 12 4.97 -19.77 1.50
C ASP B 12 6.30 -19.51 0.81
N ARG B 13 6.73 -20.41 -0.05
CA ARG B 13 8.04 -20.28 -0.66
C ARG B 13 7.96 -19.44 -1.93
N ARG B 14 7.36 -20.00 -2.96
CA ARG B 14 7.29 -19.32 -4.25
C ARG B 14 6.24 -18.21 -4.25
N GLU B 15 5.11 -18.47 -3.63
CA GLU B 15 4.01 -17.52 -3.62
C GLU B 15 4.30 -16.31 -2.73
N LEU B 16 5.00 -16.51 -1.61
CA LEU B 16 5.30 -15.40 -0.71
C LEU B 16 6.16 -14.37 -1.43
N GLN B 17 7.30 -14.81 -1.98
CA GLN B 17 8.17 -13.93 -2.76
C GLN B 17 7.36 -13.20 -3.82
N TYR B 18 6.51 -13.95 -4.49
CA TYR B 18 5.70 -13.46 -5.61
C TYR B 18 4.71 -12.39 -5.15
N ARG B 19 4.09 -12.57 -3.99
CA ARG B 19 3.07 -11.63 -3.55
C ARG B 19 3.69 -10.35 -3.00
N VAL B 20 4.94 -10.40 -2.57
CA VAL B 20 5.60 -9.19 -2.05
C VAL B 20 5.81 -8.18 -3.18
N GLU B 21 6.28 -8.66 -4.33
CA GLU B 21 6.49 -7.80 -5.49
C GLU B 21 5.18 -7.22 -6.03
N VAL B 22 4.11 -8.02 -6.09
CA VAL B 22 2.83 -7.49 -6.50
C VAL B 22 2.31 -6.49 -5.47
N GLN B 23 2.48 -6.80 -4.19
CA GLN B 23 2.08 -5.87 -3.14
C GLN B 23 2.78 -4.52 -3.31
N ASN B 24 4.07 -4.56 -3.64
CA ASN B 24 4.83 -3.34 -3.96
C ASN B 24 4.10 -2.52 -5.02
N ARG B 25 3.73 -3.18 -6.11
CA ARG B 25 3.06 -2.52 -7.23
C ARG B 25 1.67 -2.07 -6.84
N VAL B 26 0.92 -2.96 -6.21
CA VAL B 26 -0.44 -2.69 -5.77
C VAL B 26 -0.49 -1.47 -4.86
N TYR B 27 0.37 -1.43 -3.86
CA TYR B 27 0.40 -0.32 -2.92
C TYR B 27 0.74 0.99 -3.62
N LYS B 28 1.49 0.90 -4.71
CA LYS B 28 1.80 2.08 -5.52
C LYS B 28 0.51 2.56 -6.19
N LYS B 29 -0.26 1.63 -6.71
CA LYS B 29 -1.54 1.92 -7.33
C LYS B 29 -2.49 2.54 -6.32
N GLU B 30 -2.40 2.06 -5.08
CA GLU B 30 -3.20 2.60 -3.99
C GLU B 30 -2.92 4.07 -3.81
N ILE B 31 -1.65 4.42 -3.65
CA ILE B 31 -1.23 5.81 -3.44
C ILE B 31 -1.72 6.72 -4.56
N GLN B 32 -1.77 6.20 -5.77
CA GLN B 32 -2.29 6.95 -6.91
C GLN B 32 -3.77 7.26 -6.71
N ALA B 33 -4.50 6.25 -6.26
CA ALA B 33 -5.91 6.40 -5.94
C ALA B 33 -6.09 7.32 -4.73
N LEU B 34 -5.24 7.10 -3.73
CA LEU B 34 -5.27 7.89 -2.51
C LEU B 34 -4.93 9.35 -2.81
N ASP B 35 -4.15 9.57 -3.87
CA ASP B 35 -3.77 10.92 -4.26
C ASP B 35 -5.00 11.69 -4.72
N ALA B 36 -5.97 11.00 -5.28
CA ALA B 36 -7.25 11.60 -5.63
C ALA B 36 -7.97 12.02 -4.35
N GLU B 37 -7.86 11.20 -3.32
CA GLU B 37 -8.37 11.51 -2.01
C GLU B 37 -7.56 12.66 -1.39
N ILE B 38 -6.29 12.78 -1.75
CA ILE B 38 -5.50 13.92 -1.30
C ILE B 38 -6.17 15.23 -1.71
N ARG B 39 -6.84 15.21 -2.86
CA ARG B 39 -7.56 16.38 -3.33
C ARG B 39 -8.73 16.70 -2.40
N LYS B 40 -9.39 15.66 -1.89
CA LYS B 40 -10.48 15.84 -0.92
C LYS B 40 -9.91 16.37 0.39
N LEU B 41 -8.69 15.95 0.69
CA LEU B 41 -7.98 16.42 1.86
C LEU B 41 -7.59 17.88 1.71
N GLU B 42 -6.97 18.21 0.59
CA GLU B 42 -6.49 19.58 0.36
C GLU B 42 -7.57 20.62 0.58
N ARG B 43 -8.78 20.35 0.11
CA ARG B 43 -9.88 21.30 0.32
C ARG B 43 -10.22 21.42 1.81
N LEU B 44 -10.04 20.34 2.56
CA LEU B 44 -10.22 20.35 4.00
C LEU B 44 -9.10 21.17 4.64
N LEU B 45 -7.86 20.80 4.31
CA LEU B 45 -6.66 21.52 4.69
C LEU B 45 -6.76 23.02 4.43
N GLU B 46 -6.83 23.39 3.16
CA GLU B 46 -6.76 24.79 2.73
C GLU B 46 -7.95 25.61 3.22
N SER B 47 -9.05 24.94 3.52
CA SER B 47 -10.24 25.62 4.04
C SER B 47 -10.03 26.00 5.51
N GLY B 48 -8.92 25.56 6.09
CA GLY B 48 -8.60 25.95 7.45
C GLY B 48 -9.09 24.95 8.47
N LEU B 49 -9.40 23.75 8.02
CA LEU B 49 -9.82 22.70 8.93
C LEU B 49 -8.61 21.89 9.40
N THR B 50 -7.56 21.93 8.61
CA THR B 50 -6.32 21.26 8.95
C THR B 50 -5.13 21.99 8.33
N MET A 1 17.59 -25.27 4.16
CA MET A 1 16.47 -25.09 3.21
C MET A 1 16.77 -23.95 2.23
N ASP A 2 17.91 -24.05 1.54
CA ASP A 2 18.32 -22.99 0.62
C ASP A 2 19.23 -23.55 -0.47
N SER A 3 18.98 -24.78 -0.88
CA SER A 3 19.76 -25.41 -1.93
C SER A 3 19.48 -24.75 -3.28
N ALA A 4 18.20 -24.63 -3.62
CA ALA A 4 17.79 -24.00 -4.87
C ALA A 4 17.68 -22.50 -4.68
N ILE A 5 17.03 -22.11 -3.58
CA ILE A 5 16.90 -20.70 -3.21
C ILE A 5 18.27 -20.11 -2.97
N SER A 6 18.71 -19.26 -3.87
CA SER A 6 20.04 -18.70 -3.80
C SER A 6 19.96 -17.24 -3.37
N LYS A 7 21.08 -16.52 -3.45
CA LYS A 7 21.13 -15.12 -3.08
C LYS A 7 20.14 -14.32 -3.94
N GLU A 8 19.95 -14.79 -5.17
CA GLU A 8 19.00 -14.19 -6.09
C GLU A 8 17.62 -14.03 -5.46
N ASP A 9 16.97 -15.16 -5.15
CA ASP A 9 15.62 -15.14 -4.58
C ASP A 9 15.58 -14.38 -3.27
N GLU A 10 16.65 -14.53 -2.49
CA GLU A 10 16.72 -13.90 -1.17
C GLU A 10 16.75 -12.39 -1.27
N GLU A 11 17.81 -11.85 -1.88
CA GLU A 11 17.97 -10.41 -2.02
C GLU A 11 16.80 -9.79 -2.77
N ARG A 12 16.26 -10.53 -3.74
CA ARG A 12 15.11 -10.05 -4.51
C ARG A 12 13.90 -9.91 -3.60
N TYR A 13 13.78 -10.80 -2.63
CA TYR A 13 12.70 -10.74 -1.67
C TYR A 13 12.95 -9.66 -0.63
N GLN A 14 14.16 -9.63 -0.10
CA GLN A 14 14.55 -8.65 0.94
C GLN A 14 14.24 -7.23 0.51
N LYS A 15 14.79 -6.84 -0.62
CA LYS A 15 14.54 -5.50 -1.17
C LYS A 15 13.04 -5.28 -1.41
N LEU A 16 12.34 -6.34 -1.76
CA LEU A 16 10.91 -6.28 -2.04
C LEU A 16 10.13 -5.89 -0.79
N VAL A 17 10.49 -6.50 0.34
CA VAL A 17 9.86 -6.17 1.61
C VAL A 17 10.15 -4.72 1.94
N THR A 18 11.33 -4.27 1.57
CA THR A 18 11.74 -2.91 1.77
C THR A 18 10.82 -1.97 1.01
N GLU A 19 10.63 -2.24 -0.28
CA GLU A 19 9.71 -1.48 -1.11
C GLU A 19 8.33 -1.44 -0.49
N ASN A 20 7.91 -2.61 -0.01
CA ASN A 20 6.58 -2.81 0.55
C ASN A 20 6.38 -2.00 1.83
N GLU A 21 7.38 -1.98 2.70
CA GLU A 21 7.30 -1.23 3.96
C GLU A 21 7.25 0.28 3.74
N GLN A 22 8.00 0.76 2.76
CA GLN A 22 8.10 2.20 2.52
C GLN A 22 6.74 2.82 2.26
N LEU A 23 6.11 2.38 1.19
CA LEU A 23 4.93 3.06 0.67
C LEU A 23 3.66 2.71 1.44
N GLN A 24 3.68 1.59 2.17
CA GLN A 24 2.50 1.22 2.97
C GLN A 24 2.31 2.23 4.10
N ARG A 25 3.42 2.78 4.59
CA ARG A 25 3.38 3.83 5.58
C ARG A 25 2.78 5.08 4.95
N LEU A 26 3.29 5.41 3.78
CA LEU A 26 2.90 6.62 3.06
C LEU A 26 1.41 6.59 2.73
N ILE A 27 0.89 5.38 2.55
CA ILE A 27 -0.54 5.17 2.41
C ILE A 27 -1.26 5.48 3.71
N THR A 28 -0.83 4.80 4.77
CA THR A 28 -1.49 4.91 6.07
C THR A 28 -1.59 6.36 6.54
N GLN A 29 -0.60 7.19 6.20
CA GLN A 29 -0.62 8.61 6.56
C GLN A 29 -1.86 9.27 6.00
N LYS A 30 -1.98 9.18 4.69
CA LYS A 30 -3.06 9.84 3.98
C LYS A 30 -4.39 9.13 4.23
N GLU A 31 -4.36 7.80 4.18
CA GLU A 31 -5.55 6.97 4.40
C GLU A 31 -6.33 7.40 5.63
N GLU A 32 -5.71 7.36 6.80
CA GLU A 32 -6.42 7.65 8.03
C GLU A 32 -7.01 9.06 8.01
N LYS A 33 -6.28 10.00 7.43
CA LYS A 33 -6.77 11.37 7.33
C LYS A 33 -7.95 11.45 6.38
N ILE A 34 -7.87 10.72 5.28
CA ILE A 34 -8.96 10.65 4.31
C ILE A 34 -10.18 9.97 4.92
N ARG A 35 -9.94 9.01 5.78
CA ARG A 35 -11.01 8.27 6.45
C ARG A 35 -11.83 9.20 7.33
N VAL A 36 -11.17 10.20 7.88
CA VAL A 36 -11.85 11.23 8.66
C VAL A 36 -12.74 12.06 7.75
N LEU A 37 -12.21 12.37 6.58
CA LEU A 37 -12.98 13.00 5.51
C LEU A 37 -14.14 12.11 5.11
N ARG A 38 -13.88 10.80 5.07
CA ARG A 38 -14.90 9.82 4.72
C ARG A 38 -16.01 9.81 5.75
N GLN A 39 -15.66 9.95 7.03
CA GLN A 39 -16.66 10.06 8.09
C GLN A 39 -17.60 11.22 7.82
N ARG A 40 -17.03 12.30 7.32
CA ARG A 40 -17.81 13.45 6.90
C ARG A 40 -18.70 13.08 5.73
N LEU A 41 -18.14 12.38 4.76
CA LEU A 41 -18.93 11.89 3.62
C LEU A 41 -19.89 10.79 4.05
N VAL A 42 -19.66 10.20 5.21
CA VAL A 42 -20.61 9.24 5.77
C VAL A 42 -21.94 9.94 6.00
N GLU A 43 -21.84 11.22 6.30
CA GLU A 43 -23.00 12.06 6.49
C GLU A 43 -23.68 12.35 5.16
N ARG A 44 -22.89 12.34 4.07
CA ARG A 44 -23.44 12.48 2.73
C ARG A 44 -24.00 11.13 2.26
N GLY A 45 -23.36 10.06 2.73
CA GLY A 45 -23.85 8.72 2.48
C GLY A 45 -22.78 7.81 1.90
N ASP A 46 -21.53 8.01 2.31
CA ASP A 46 -20.42 7.20 1.83
C ASP A 46 -20.41 5.81 2.47
N ALA A 47 -21.00 5.72 3.66
CA ALA A 47 -21.02 4.47 4.40
C ALA A 47 -22.17 3.56 3.93
N LYS A 48 -22.74 3.89 2.80
CA LYS A 48 -23.81 3.09 2.23
C LYS A 48 -23.26 1.92 1.43
N GLY A 49 -22.24 2.18 0.63
CA GLY A 49 -21.65 1.13 -0.17
C GLY A 49 -22.46 0.88 -1.43
N THR A 50 -23.62 0.27 -1.27
CA THR A 50 -24.50 0.01 -2.40
C THR A 50 -25.96 -0.15 -1.92
N GLU A 51 -26.66 1.00 -1.88
CA GLU A 51 -28.08 1.07 -1.50
C GLU A 51 -28.49 0.10 -0.40
N LEU A 52 -28.38 0.54 0.84
CA LEU A 52 -28.78 -0.26 1.98
C LEU A 52 -29.05 0.63 3.19
N ASN A 53 -30.32 0.74 3.53
CA ASN A 53 -30.77 1.53 4.66
C ASN A 53 -30.25 0.94 5.97
N GLY B 1 -8.54 -8.90 10.10
CA GLY B 1 -8.37 -10.34 9.98
C GLY B 1 -6.91 -10.73 10.03
N PRO B 2 -6.58 -11.88 10.64
CA PRO B 2 -5.20 -12.32 10.80
C PRO B 2 -4.60 -12.88 9.52
N LEU B 3 -3.39 -13.43 9.64
CA LEU B 3 -2.67 -14.01 8.52
C LEU B 3 -3.55 -14.94 7.67
N GLY B 4 -3.77 -14.54 6.43
CA GLY B 4 -4.54 -15.36 5.51
C GLY B 4 -3.69 -15.89 4.38
N SER B 5 -2.77 -15.06 3.91
CA SER B 5 -1.99 -15.35 2.71
C SER B 5 -0.67 -16.04 3.05
N ARG B 6 -0.58 -16.61 4.25
CA ARG B 6 0.63 -17.33 4.65
C ARG B 6 0.49 -18.82 4.37
N ARG B 7 -0.34 -19.49 5.17
CA ARG B 7 -0.61 -20.93 5.01
C ARG B 7 0.69 -21.75 5.11
N PHE B 8 1.17 -21.91 6.35
CA PHE B 8 2.39 -22.67 6.65
C PHE B 8 3.60 -22.02 5.99
N VAL B 9 4.71 -22.76 5.92
CA VAL B 9 5.92 -22.21 5.30
C VAL B 9 5.96 -22.50 3.82
N VAL B 10 5.26 -23.57 3.40
CA VAL B 10 5.26 -23.99 2.00
C VAL B 10 4.72 -22.87 1.10
N ASP B 11 3.48 -22.49 1.33
CA ASP B 11 2.88 -21.43 0.54
C ASP B 11 3.55 -20.11 0.87
N ASP B 12 3.68 -19.79 2.16
CA ASP B 12 4.22 -18.50 2.58
C ASP B 12 5.66 -18.30 2.07
N ARG B 13 6.26 -19.33 1.51
CA ARG B 13 7.57 -19.16 0.90
C ARG B 13 7.40 -18.47 -0.45
N ARG B 14 6.57 -19.06 -1.30
CA ARG B 14 6.32 -18.52 -2.63
C ARG B 14 5.19 -17.48 -2.60
N GLU B 15 4.09 -17.84 -1.97
CA GLU B 15 2.91 -16.98 -1.88
C GLU B 15 3.21 -15.64 -1.23
N LEU B 16 4.03 -15.66 -0.18
CA LEU B 16 4.38 -14.44 0.53
C LEU B 16 5.27 -13.55 -0.33
N GLN B 17 6.37 -14.08 -0.86
CA GLN B 17 7.25 -13.26 -1.68
C GLN B 17 6.50 -12.72 -2.91
N TYR B 18 5.57 -13.52 -3.41
CA TYR B 18 4.75 -13.13 -4.54
C TYR B 18 3.76 -12.03 -4.15
N ARG B 19 3.28 -12.07 -2.91
CA ARG B 19 2.29 -11.10 -2.47
C ARG B 19 2.96 -9.76 -2.12
N VAL B 20 4.24 -9.81 -1.75
CA VAL B 20 4.96 -8.58 -1.40
C VAL B 20 5.11 -7.68 -2.62
N GLU B 21 5.47 -8.26 -3.77
CA GLU B 21 5.59 -7.47 -5.00
C GLU B 21 4.25 -6.90 -5.45
N VAL B 22 3.18 -7.70 -5.39
CA VAL B 22 1.87 -7.17 -5.72
C VAL B 22 1.49 -6.07 -4.73
N GLN B 23 1.80 -6.27 -3.46
CA GLN B 23 1.56 -5.22 -2.46
C GLN B 23 2.35 -3.97 -2.81
N ASN B 24 3.63 -4.16 -3.16
CA ASN B 24 4.51 -3.06 -3.62
C ASN B 24 3.83 -2.27 -4.75
N ARG B 25 3.19 -2.98 -5.66
CA ARG B 25 2.53 -2.36 -6.81
C ARG B 25 1.18 -1.76 -6.43
N VAL B 26 0.35 -2.57 -5.79
CA VAL B 26 -0.98 -2.16 -5.33
C VAL B 26 -0.89 -0.91 -4.46
N TYR B 27 0.01 -0.94 -3.49
CA TYR B 27 0.18 0.17 -2.58
C TYR B 27 0.62 1.44 -3.32
N LYS B 28 1.32 1.26 -4.43
CA LYS B 28 1.75 2.39 -5.25
C LYS B 28 0.54 3.07 -5.89
N LYS B 29 -0.41 2.26 -6.32
CA LYS B 29 -1.61 2.77 -6.96
C LYS B 29 -2.50 3.46 -5.93
N GLU B 30 -2.46 2.95 -4.70
CA GLU B 30 -3.22 3.53 -3.59
C GLU B 30 -2.81 4.97 -3.37
N ILE B 31 -1.52 5.22 -3.32
CA ILE B 31 -1.00 6.56 -3.09
C ILE B 31 -1.44 7.55 -4.18
N GLN B 32 -1.64 7.04 -5.38
CA GLN B 32 -2.07 7.87 -6.49
C GLN B 32 -3.55 8.21 -6.36
N ALA B 33 -4.34 7.22 -5.95
CA ALA B 33 -5.74 7.44 -5.63
C ALA B 33 -5.85 8.37 -4.43
N LEU B 34 -5.04 8.08 -3.42
CA LEU B 34 -4.93 8.89 -2.22
C LEU B 34 -4.61 10.33 -2.56
N ASP B 35 -3.80 10.52 -3.59
CA ASP B 35 -3.36 11.84 -4.01
C ASP B 35 -4.55 12.70 -4.46
N ALA B 36 -5.56 12.05 -5.02
CA ALA B 36 -6.79 12.74 -5.39
C ALA B 36 -7.59 13.08 -4.13
N GLU B 37 -7.59 12.15 -3.19
CA GLU B 37 -8.17 12.39 -1.89
C GLU B 37 -7.38 13.47 -1.14
N ILE B 38 -6.10 13.59 -1.43
CA ILE B 38 -5.30 14.67 -0.88
C ILE B 38 -5.95 16.02 -1.20
N ARG B 39 -6.59 16.09 -2.36
CA ARG B 39 -7.34 17.29 -2.76
C ARG B 39 -8.44 17.61 -1.76
N LYS B 40 -9.21 16.60 -1.37
CA LYS B 40 -10.27 16.79 -0.37
C LYS B 40 -9.65 17.18 0.97
N LEU B 41 -8.50 16.60 1.25
CA LEU B 41 -7.75 16.92 2.45
C LEU B 41 -7.31 18.38 2.43
N GLU B 42 -6.75 18.82 1.29
CA GLU B 42 -6.26 20.19 1.14
C GLU B 42 -7.32 21.20 1.55
N ARG B 43 -8.58 20.87 1.33
CA ARG B 43 -9.69 21.73 1.74
C ARG B 43 -9.65 21.92 3.25
N LEU B 44 -9.46 20.82 3.99
CA LEU B 44 -9.37 20.88 5.44
C LEU B 44 -8.05 21.47 5.91
N LEU B 45 -6.95 21.10 5.26
CA LEU B 45 -5.66 21.74 5.48
C LEU B 45 -5.79 23.26 5.42
N GLU B 46 -6.24 23.76 4.28
CA GLU B 46 -6.44 25.20 4.10
C GLU B 46 -7.43 25.75 5.12
N SER B 47 -8.43 24.94 5.48
CA SER B 47 -9.44 25.34 6.45
C SER B 47 -8.82 25.52 7.84
N GLY B 48 -7.73 24.81 8.09
CA GLY B 48 -7.02 24.96 9.34
C GLY B 48 -7.10 23.74 10.22
N LEU B 49 -7.43 22.59 9.64
CA LEU B 49 -7.49 21.35 10.39
C LEU B 49 -6.11 20.71 10.50
N THR B 50 -5.60 20.25 9.38
CA THR B 50 -4.30 19.58 9.35
C THR B 50 -3.19 20.59 9.14
N MET A 1 7.77 -24.92 -3.97
CA MET A 1 9.18 -24.74 -4.39
C MET A 1 9.93 -23.84 -3.41
N ASP A 2 9.87 -24.20 -2.13
CA ASP A 2 10.54 -23.43 -1.09
C ASP A 2 12.05 -23.61 -1.15
N SER A 3 12.47 -24.80 -1.55
CA SER A 3 13.88 -25.13 -1.58
C SER A 3 14.52 -24.65 -2.88
N ALA A 4 13.69 -24.14 -3.78
CA ALA A 4 14.16 -23.61 -5.05
C ALA A 4 14.59 -22.15 -4.89
N ILE A 5 14.24 -21.57 -3.76
CA ILE A 5 14.60 -20.19 -3.46
C ILE A 5 16.05 -20.11 -3.00
N SER A 6 16.92 -19.64 -3.88
CA SER A 6 18.32 -19.47 -3.52
C SER A 6 18.50 -18.10 -2.89
N LYS A 7 19.72 -17.72 -2.56
CA LYS A 7 19.93 -16.38 -1.99
C LYS A 7 19.56 -15.33 -3.04
N GLU A 8 19.64 -15.73 -4.31
CA GLU A 8 19.21 -14.90 -5.42
C GLU A 8 17.79 -14.38 -5.21
N ASP A 9 16.84 -15.30 -5.09
CA ASP A 9 15.44 -14.93 -4.91
C ASP A 9 15.19 -14.41 -3.50
N GLU A 10 16.02 -14.84 -2.56
CA GLU A 10 15.95 -14.37 -1.19
C GLU A 10 16.23 -12.87 -1.11
N GLU A 11 17.41 -12.47 -1.59
CA GLU A 11 17.76 -11.06 -1.66
C GLU A 11 16.73 -10.27 -2.45
N ARG A 12 16.15 -10.91 -3.45
CA ARG A 12 15.06 -10.32 -4.23
C ARG A 12 13.88 -9.99 -3.32
N TYR A 13 13.49 -10.97 -2.52
CA TYR A 13 12.40 -10.80 -1.57
C TYR A 13 12.76 -9.76 -0.50
N GLN A 14 13.97 -9.86 0.05
CA GLN A 14 14.43 -8.93 1.08
C GLN A 14 14.26 -7.47 0.64
N LYS A 15 14.85 -7.13 -0.49
CA LYS A 15 14.69 -5.80 -1.05
C LYS A 15 13.22 -5.47 -1.30
N LEU A 16 12.47 -6.50 -1.66
CA LEU A 16 11.06 -6.35 -1.97
C LEU A 16 10.26 -5.90 -0.75
N VAL A 17 10.54 -6.52 0.40
CA VAL A 17 9.87 -6.17 1.64
C VAL A 17 10.12 -4.70 1.96
N THR A 18 11.34 -4.25 1.66
CA THR A 18 11.71 -2.88 1.87
C THR A 18 10.80 -1.96 1.05
N GLU A 19 10.63 -2.30 -0.22
CA GLU A 19 9.78 -1.53 -1.12
C GLU A 19 8.36 -1.45 -0.58
N ASN A 20 7.93 -2.57 -0.02
CA ASN A 20 6.59 -2.74 0.48
C ASN A 20 6.37 -1.93 1.77
N GLU A 21 7.36 -1.96 2.67
CA GLU A 21 7.27 -1.24 3.93
C GLU A 21 7.26 0.27 3.74
N GLN A 22 7.94 0.75 2.70
CA GLN A 22 8.04 2.19 2.45
C GLN A 22 6.67 2.81 2.24
N LEU A 23 6.03 2.39 1.16
CA LEU A 23 4.86 3.08 0.68
C LEU A 23 3.59 2.71 1.44
N GLN A 24 3.60 1.59 2.15
CA GLN A 24 2.44 1.23 2.99
C GLN A 24 2.34 2.21 4.16
N ARG A 25 3.50 2.73 4.58
CA ARG A 25 3.55 3.76 5.59
C ARG A 25 2.94 5.04 5.03
N LEU A 26 3.31 5.33 3.78
CA LEU A 26 2.85 6.53 3.10
C LEU A 26 1.34 6.46 2.88
N ILE A 27 0.87 5.25 2.63
CA ILE A 27 -0.57 4.99 2.52
C ILE A 27 -1.26 5.28 3.85
N THR A 28 -0.77 4.66 4.92
CA THR A 28 -1.37 4.82 6.25
C THR A 28 -1.50 6.29 6.64
N GLN A 29 -0.61 7.14 6.10
CA GLN A 29 -0.67 8.57 6.34
C GLN A 29 -1.91 9.17 5.70
N LYS A 30 -2.03 8.95 4.40
CA LYS A 30 -3.16 9.44 3.63
C LYS A 30 -4.45 8.80 4.13
N GLU A 31 -4.37 7.51 4.44
CA GLU A 31 -5.51 6.73 4.89
C GLU A 31 -6.20 7.36 6.09
N GLU A 32 -5.46 7.58 7.16
CA GLU A 32 -6.05 8.12 8.39
C GLU A 32 -6.77 9.44 8.10
N LYS A 33 -6.24 10.22 7.17
CA LYS A 33 -6.86 11.49 6.83
C LYS A 33 -8.16 11.26 6.04
N ILE A 34 -8.08 10.42 5.00
CA ILE A 34 -9.20 10.18 4.11
C ILE A 34 -10.33 9.41 4.80
N ARG A 35 -9.98 8.54 5.74
CA ARG A 35 -10.98 7.77 6.46
C ARG A 35 -11.89 8.68 7.27
N VAL A 36 -11.32 9.74 7.78
CA VAL A 36 -12.10 10.76 8.48
C VAL A 36 -13.01 11.48 7.50
N LEU A 37 -12.52 11.64 6.29
CA LEU A 37 -13.33 12.19 5.20
C LEU A 37 -14.39 11.20 4.75
N ARG A 38 -14.09 9.92 4.92
CA ARG A 38 -15.06 8.86 4.63
C ARG A 38 -16.26 9.03 5.56
N GLN A 39 -15.99 9.39 6.81
CA GLN A 39 -17.04 9.65 7.77
C GLN A 39 -17.89 10.84 7.34
N ARG A 40 -17.25 11.82 6.72
CA ARG A 40 -17.94 12.94 6.11
C ARG A 40 -18.88 12.44 5.02
N LEU A 41 -18.37 11.51 4.21
CA LEU A 41 -19.16 10.96 3.13
C LEU A 41 -20.28 10.09 3.69
N VAL A 42 -20.03 9.50 4.85
CA VAL A 42 -21.06 8.77 5.58
C VAL A 42 -22.23 9.70 5.89
N GLU A 43 -21.91 10.88 6.36
CA GLU A 43 -22.92 11.90 6.64
C GLU A 43 -23.62 12.32 5.36
N ARG A 44 -22.84 12.53 4.31
CA ARG A 44 -23.36 12.92 3.00
C ARG A 44 -24.20 11.80 2.39
N GLY A 45 -23.86 10.57 2.75
CA GLY A 45 -24.56 9.42 2.23
C GLY A 45 -23.99 8.99 0.90
N ASP A 46 -22.66 9.02 0.79
CA ASP A 46 -21.98 8.70 -0.47
C ASP A 46 -22.18 7.23 -0.87
N ALA A 47 -22.63 6.44 0.10
CA ALA A 47 -22.98 5.04 -0.16
C ALA A 47 -24.04 4.94 -1.25
N LYS A 48 -24.83 5.99 -1.39
CA LYS A 48 -25.78 6.12 -2.48
C LYS A 48 -25.42 7.32 -3.33
N GLY A 49 -25.24 8.45 -2.67
CA GLY A 49 -24.91 9.68 -3.35
C GLY A 49 -25.01 10.86 -2.41
N THR A 50 -26.18 11.47 -2.36
CA THR A 50 -26.45 12.56 -1.44
C THR A 50 -27.97 12.70 -1.23
N GLU A 51 -28.46 12.13 -0.15
CA GLU A 51 -29.89 12.19 0.16
C GLU A 51 -30.27 13.60 0.60
N LEU A 52 -30.94 14.33 -0.28
CA LEU A 52 -31.36 15.69 0.04
C LEU A 52 -32.62 15.67 0.89
N ASN A 53 -33.38 14.60 0.76
CA ASN A 53 -34.57 14.41 1.58
C ASN A 53 -34.21 13.63 2.84
N GLY B 1 -9.81 -7.26 9.46
CA GLY B 1 -9.35 -8.58 9.08
C GLY B 1 -8.01 -8.88 9.70
N PRO B 2 -7.79 -10.12 10.17
CA PRO B 2 -6.55 -10.50 10.83
C PRO B 2 -5.46 -10.91 9.85
N LEU B 3 -4.36 -11.41 10.41
CA LEU B 3 -3.19 -11.85 9.63
C LEU B 3 -3.57 -12.74 8.44
N GLY B 4 -3.52 -12.16 7.25
CA GLY B 4 -3.76 -12.92 6.04
C GLY B 4 -2.49 -13.06 5.21
N SER B 5 -1.43 -12.41 5.65
CA SER B 5 -0.18 -12.40 4.93
C SER B 5 0.61 -13.69 5.13
N ARG B 6 0.21 -14.49 6.12
CA ARG B 6 0.93 -15.72 6.41
C ARG B 6 0.26 -16.92 5.74
N ARG B 7 -0.92 -17.30 6.25
CA ARG B 7 -1.67 -18.43 5.70
C ARG B 7 -0.82 -19.71 5.66
N PHE B 8 -0.19 -20.01 6.80
CA PHE B 8 0.64 -21.21 6.95
C PHE B 8 1.89 -21.17 6.08
N VAL B 9 2.74 -22.18 6.21
CA VAL B 9 4.00 -22.21 5.47
C VAL B 9 3.76 -22.27 3.97
N VAL B 10 2.73 -23.01 3.56
CA VAL B 10 2.43 -23.22 2.15
C VAL B 10 2.31 -21.89 1.39
N ASP B 11 1.52 -20.97 1.92
CA ASP B 11 1.30 -19.71 1.23
C ASP B 11 2.35 -18.68 1.64
N ASP B 12 2.81 -18.72 2.87
CA ASP B 12 3.88 -17.82 3.30
C ASP B 12 5.08 -17.90 2.36
N ARG B 13 5.29 -19.06 1.76
CA ARG B 13 6.44 -19.24 0.90
C ARG B 13 6.18 -18.61 -0.46
N ARG B 14 5.28 -19.20 -1.24
CA ARG B 14 5.00 -18.72 -2.58
C ARG B 14 4.19 -17.43 -2.55
N GLU B 15 3.08 -17.47 -1.83
CA GLU B 15 2.13 -16.38 -1.80
C GLU B 15 2.73 -15.10 -1.22
N LEU B 16 3.41 -15.21 -0.08
CA LEU B 16 3.88 -14.03 0.61
C LEU B 16 4.92 -13.28 -0.24
N GLN B 17 5.96 -13.96 -0.70
CA GLN B 17 7.00 -13.28 -1.48
C GLN B 17 6.42 -12.70 -2.78
N TYR B 18 5.49 -13.43 -3.39
CA TYR B 18 4.90 -12.98 -4.64
C TYR B 18 3.90 -11.86 -4.41
N ARG B 19 3.33 -11.81 -3.20
CA ARG B 19 2.36 -10.77 -2.90
C ARG B 19 3.07 -9.46 -2.59
N VAL B 20 4.27 -9.53 -2.02
CA VAL B 20 5.00 -8.33 -1.64
C VAL B 20 5.32 -7.48 -2.89
N GLU B 21 5.70 -8.14 -3.99
CA GLU B 21 5.95 -7.42 -5.24
C GLU B 21 4.69 -6.79 -5.81
N VAL B 22 3.58 -7.52 -5.82
CA VAL B 22 2.32 -6.93 -6.27
C VAL B 22 1.90 -5.81 -5.32
N GLN B 23 2.08 -6.02 -4.02
CA GLN B 23 1.76 -4.99 -3.04
C GLN B 23 2.61 -3.74 -3.28
N ASN B 24 3.90 -3.95 -3.56
CA ASN B 24 4.81 -2.85 -3.92
C ASN B 24 4.22 -1.98 -5.04
N ARG B 25 3.55 -2.62 -5.99
CA ARG B 25 2.95 -1.92 -7.11
C ARG B 25 1.56 -1.37 -6.74
N VAL B 26 0.71 -2.24 -6.23
CA VAL B 26 -0.66 -1.88 -5.86
C VAL B 26 -0.69 -0.74 -4.86
N TYR B 27 0.17 -0.82 -3.85
CA TYR B 27 0.25 0.22 -2.84
C TYR B 27 0.66 1.56 -3.45
N LYS B 28 1.54 1.52 -4.45
CA LYS B 28 1.89 2.73 -5.20
C LYS B 28 0.66 3.30 -5.87
N LYS B 29 -0.13 2.42 -6.47
CA LYS B 29 -1.35 2.80 -7.15
C LYS B 29 -2.39 3.34 -6.16
N GLU B 30 -2.39 2.79 -4.95
CA GLU B 30 -3.25 3.29 -3.88
C GLU B 30 -2.95 4.75 -3.61
N ILE B 31 -1.68 5.06 -3.37
CA ILE B 31 -1.25 6.41 -3.05
C ILE B 31 -1.68 7.41 -4.12
N GLN B 32 -1.67 7.00 -5.37
CA GLN B 32 -2.09 7.86 -6.47
C GLN B 32 -3.58 8.18 -6.34
N ALA B 33 -4.35 7.16 -6.01
CA ALA B 33 -5.78 7.32 -5.76
C ALA B 33 -5.99 8.18 -4.51
N LEU B 34 -5.24 7.84 -3.47
CA LEU B 34 -5.32 8.56 -2.20
C LEU B 34 -4.93 10.01 -2.38
N ASP B 35 -4.09 10.29 -3.38
CA ASP B 35 -3.70 11.66 -3.69
C ASP B 35 -4.87 12.45 -4.27
N ALA B 36 -5.72 11.76 -5.02
CA ALA B 36 -6.94 12.37 -5.52
C ALA B 36 -7.88 12.64 -4.36
N GLU B 37 -7.87 11.72 -3.40
CA GLU B 37 -8.57 11.91 -2.16
C GLU B 37 -7.96 13.07 -1.36
N ILE B 38 -6.67 13.31 -1.54
CA ILE B 38 -6.03 14.47 -0.92
C ILE B 38 -6.76 15.75 -1.33
N ARG B 39 -7.35 15.75 -2.52
CA ARG B 39 -8.17 16.87 -2.96
C ARG B 39 -9.37 17.05 -2.03
N LYS B 40 -10.06 15.93 -1.72
CA LYS B 40 -11.19 15.98 -0.79
C LYS B 40 -10.73 16.47 0.58
N LEU B 41 -9.50 16.11 0.93
CA LEU B 41 -8.90 16.55 2.16
C LEU B 41 -8.66 18.05 2.14
N GLU B 42 -7.77 18.49 1.25
CA GLU B 42 -7.34 19.89 1.24
C GLU B 42 -8.52 20.86 1.19
N ARG B 43 -9.57 20.50 0.47
CA ARG B 43 -10.74 21.38 0.38
C ARG B 43 -11.45 21.49 1.74
N LEU B 44 -11.37 20.46 2.56
CA LEU B 44 -11.94 20.52 3.90
C LEU B 44 -10.91 21.04 4.92
N LEU B 45 -9.67 20.54 4.83
CA LEU B 45 -8.55 21.06 5.59
C LEU B 45 -8.48 22.58 5.57
N GLU B 46 -8.35 23.16 4.38
CA GLU B 46 -8.26 24.60 4.21
C GLU B 46 -9.53 25.29 4.70
N SER B 47 -10.63 24.55 4.71
CA SER B 47 -11.90 25.07 5.19
C SER B 47 -11.92 25.12 6.73
N GLY B 48 -10.82 24.68 7.35
CA GLY B 48 -10.71 24.77 8.79
C GLY B 48 -10.87 23.43 9.49
N LEU B 49 -10.51 22.35 8.81
CA LEU B 49 -10.60 21.03 9.42
C LEU B 49 -9.28 20.64 10.08
N THR B 50 -8.19 20.78 9.33
CA THR B 50 -6.86 20.36 9.78
C THR B 50 -6.79 18.84 9.89
N MET A 1 21.42 -19.88 6.83
CA MET A 1 22.38 -18.95 6.19
C MET A 1 22.08 -18.84 4.69
N ASP A 2 22.16 -17.63 4.16
CA ASP A 2 21.91 -17.41 2.74
C ASP A 2 23.23 -17.35 2.00
N SER A 3 23.90 -18.49 1.90
CA SER A 3 25.20 -18.56 1.26
C SER A 3 25.10 -19.20 -0.11
N ALA A 4 24.07 -20.01 -0.32
CA ALA A 4 23.80 -20.56 -1.64
C ALA A 4 23.10 -19.52 -2.48
N ILE A 5 22.21 -18.78 -1.83
CA ILE A 5 21.62 -17.58 -2.39
C ILE A 5 22.67 -16.47 -2.37
N SER A 6 22.82 -15.74 -3.46
CA SER A 6 23.83 -14.70 -3.52
C SER A 6 23.23 -13.37 -3.11
N LYS A 7 24.08 -12.36 -2.90
CA LYS A 7 23.60 -11.03 -2.59
C LYS A 7 22.65 -10.56 -3.69
N GLU A 8 22.88 -11.09 -4.88
CA GLU A 8 22.00 -10.88 -6.03
C GLU A 8 20.54 -11.06 -5.65
N ASP A 9 20.18 -12.29 -5.27
CA ASP A 9 18.80 -12.64 -4.97
C ASP A 9 18.38 -12.10 -3.62
N GLU A 10 19.34 -11.95 -2.73
CA GLU A 10 19.07 -11.39 -1.42
C GLU A 10 18.55 -9.95 -1.55
N GLU A 11 19.35 -9.10 -2.18
CA GLU A 11 18.96 -7.73 -2.45
C GLU A 11 17.65 -7.64 -3.23
N ARG A 12 17.38 -8.63 -4.09
CA ARG A 12 16.13 -8.67 -4.84
C ARG A 12 14.95 -8.75 -3.89
N TYR A 13 15.02 -9.70 -2.96
CA TYR A 13 13.93 -9.94 -2.03
C TYR A 13 13.85 -8.84 -0.96
N GLN A 14 14.98 -8.57 -0.31
CA GLN A 14 15.03 -7.62 0.79
C GLN A 14 14.50 -6.26 0.39
N LYS A 15 15.09 -5.69 -0.65
CA LYS A 15 14.70 -4.38 -1.12
C LYS A 15 13.22 -4.36 -1.54
N LEU A 16 12.70 -5.50 -1.95
CA LEU A 16 11.31 -5.60 -2.38
C LEU A 16 10.38 -5.51 -1.17
N VAL A 17 10.66 -6.30 -0.14
CA VAL A 17 9.90 -6.24 1.10
C VAL A 17 10.07 -4.87 1.72
N THR A 18 11.23 -4.28 1.46
CA THR A 18 11.57 -2.96 1.90
C THR A 18 10.64 -1.93 1.26
N GLU A 19 10.47 -2.04 -0.06
CA GLU A 19 9.55 -1.16 -0.78
C GLU A 19 8.17 -1.22 -0.16
N ASN A 20 7.74 -2.43 0.15
CA ASN A 20 6.46 -2.65 0.81
C ASN A 20 6.37 -1.89 2.12
N GLU A 21 7.43 -1.96 2.92
CA GLU A 21 7.50 -1.22 4.18
C GLU A 21 7.34 0.27 3.95
N GLN A 22 7.99 0.78 2.91
CA GLN A 22 8.02 2.20 2.64
C GLN A 22 6.66 2.71 2.19
N LEU A 23 6.13 2.14 1.12
CA LEU A 23 4.96 2.71 0.49
C LEU A 23 3.67 2.39 1.25
N GLN A 24 3.69 1.36 2.09
CA GLN A 24 2.55 1.09 2.97
C GLN A 24 2.41 2.23 3.97
N ARG A 25 3.55 2.81 4.34
CA ARG A 25 3.60 3.95 5.21
C ARG A 25 3.08 5.18 4.47
N LEU A 26 3.52 5.33 3.23
CA LEU A 26 3.16 6.47 2.40
C LEU A 26 1.67 6.52 2.17
N ILE A 27 1.05 5.36 2.03
CA ILE A 27 -0.40 5.26 1.97
C ILE A 27 -1.00 5.82 3.24
N THR A 28 -0.50 5.32 4.38
CA THR A 28 -0.98 5.74 5.68
C THR A 28 -0.87 7.26 5.87
N GLN A 29 0.23 7.85 5.39
CA GLN A 29 0.45 9.29 5.56
C GLN A 29 -0.57 10.08 4.76
N LYS A 30 -0.78 9.63 3.53
CA LYS A 30 -1.71 10.30 2.62
C LYS A 30 -3.16 10.11 3.06
N GLU A 31 -3.52 8.87 3.38
CA GLU A 31 -4.89 8.52 3.78
C GLU A 31 -5.41 9.42 4.89
N GLU A 32 -4.71 9.47 6.01
CA GLU A 32 -5.16 10.24 7.16
C GLU A 32 -5.14 11.74 6.87
N LYS A 33 -4.24 12.16 5.99
CA LYS A 33 -4.12 13.56 5.63
C LYS A 33 -5.29 13.99 4.76
N ILE A 34 -5.67 13.12 3.84
CA ILE A 34 -6.81 13.37 2.96
C ILE A 34 -8.11 13.46 3.76
N ARG A 35 -8.19 12.67 4.83
CA ARG A 35 -9.34 12.71 5.71
C ARG A 35 -9.57 14.10 6.26
N VAL A 36 -8.48 14.80 6.54
CA VAL A 36 -8.55 16.15 7.08
C VAL A 36 -8.98 17.12 5.99
N LEU A 37 -8.68 16.78 4.74
CA LEU A 37 -9.15 17.54 3.59
C LEU A 37 -10.61 17.26 3.35
N ARG A 38 -11.00 16.05 3.70
CA ARG A 38 -12.38 15.61 3.57
C ARG A 38 -13.27 16.40 4.53
N GLN A 39 -12.66 16.93 5.59
CA GLN A 39 -13.33 17.85 6.49
C GLN A 39 -13.51 19.21 5.83
N ARG A 40 -12.51 19.63 5.04
CA ARG A 40 -12.64 20.85 4.24
C ARG A 40 -13.74 20.66 3.20
N LEU A 41 -13.80 19.46 2.65
CA LEU A 41 -14.83 19.11 1.67
C LEU A 41 -16.20 19.16 2.32
N VAL A 42 -16.25 18.96 3.63
CA VAL A 42 -17.50 19.07 4.38
C VAL A 42 -18.10 20.46 4.20
N GLU A 43 -17.27 21.48 4.33
CA GLU A 43 -17.74 22.85 4.14
C GLU A 43 -18.19 23.08 2.71
N ARG A 44 -17.57 22.37 1.77
CA ARG A 44 -17.93 22.47 0.36
C ARG A 44 -19.19 21.66 0.08
N GLY A 45 -19.36 20.56 0.80
CA GLY A 45 -20.58 19.78 0.74
C GLY A 45 -20.35 18.33 0.35
N ASP A 46 -19.22 17.77 0.78
CA ASP A 46 -18.95 16.35 0.56
C ASP A 46 -19.47 15.53 1.74
N ALA A 47 -19.97 16.23 2.75
CA ALA A 47 -20.43 15.58 3.98
C ALA A 47 -21.78 14.91 3.78
N LYS A 48 -22.20 14.75 2.54
CA LYS A 48 -23.48 14.11 2.23
C LYS A 48 -23.49 12.66 2.68
N GLY A 49 -22.31 12.02 2.68
CA GLY A 49 -22.21 10.65 3.14
C GLY A 49 -22.51 10.52 4.62
N THR A 50 -22.13 11.53 5.39
CA THR A 50 -22.38 11.55 6.82
C THR A 50 -22.57 12.99 7.30
N GLU A 51 -23.81 13.46 7.26
CA GLU A 51 -24.11 14.84 7.58
C GLU A 51 -24.21 15.03 9.08
N LEU A 52 -23.12 15.53 9.67
CA LEU A 52 -23.04 15.76 11.10
C LEU A 52 -23.19 17.24 11.43
N ASN A 53 -23.61 18.01 10.43
CA ASN A 53 -23.80 19.46 10.55
C ASN A 53 -22.46 20.20 10.57
N GLY B 1 3.93 -16.96 -15.20
CA GLY B 1 5.09 -17.33 -15.98
C GLY B 1 5.52 -18.76 -15.69
N PRO B 2 6.15 -19.45 -16.65
CA PRO B 2 6.54 -20.84 -16.49
C PRO B 2 7.90 -20.99 -15.80
N LEU B 3 8.40 -22.21 -15.79
CA LEU B 3 9.72 -22.51 -15.24
C LEU B 3 10.78 -21.59 -15.86
N GLY B 4 11.71 -21.15 -15.04
CA GLY B 4 12.78 -20.31 -15.54
C GLY B 4 13.96 -21.12 -16.02
N SER B 5 14.71 -21.70 -15.10
CA SER B 5 15.87 -22.49 -15.50
C SER B 5 15.67 -23.98 -15.21
N ARG B 6 15.34 -24.33 -13.97
CA ARG B 6 15.10 -25.73 -13.63
C ARG B 6 13.60 -26.00 -13.51
N ARG B 7 12.99 -25.52 -12.43
CA ARG B 7 11.57 -25.72 -12.18
C ARG B 7 11.19 -25.14 -10.81
N PHE B 8 11.43 -25.90 -9.76
CA PHE B 8 11.02 -25.52 -8.41
C PHE B 8 11.94 -24.47 -7.82
N VAL B 9 13.24 -24.63 -8.03
CA VAL B 9 14.24 -23.73 -7.46
C VAL B 9 14.00 -22.30 -7.92
N VAL B 10 13.79 -22.12 -9.21
CA VAL B 10 13.54 -20.80 -9.76
C VAL B 10 12.12 -20.34 -9.42
N ASP B 11 11.26 -21.28 -9.05
CA ASP B 11 9.89 -20.94 -8.73
C ASP B 11 9.82 -20.22 -7.38
N ASP B 12 10.30 -20.85 -6.31
CA ASP B 12 10.26 -20.18 -5.00
C ASP B 12 11.11 -18.92 -5.03
N ARG B 13 11.95 -18.84 -6.05
CA ARG B 13 12.81 -17.69 -6.25
C ARG B 13 11.98 -16.53 -6.81
N ARG B 14 11.36 -16.77 -7.95
CA ARG B 14 10.55 -15.78 -8.64
C ARG B 14 9.20 -15.61 -7.96
N GLU B 15 8.51 -16.73 -7.75
CA GLU B 15 7.14 -16.76 -7.22
C GLU B 15 7.03 -16.08 -5.85
N LEU B 16 7.98 -16.34 -4.98
CA LEU B 16 7.95 -15.77 -3.64
C LEU B 16 8.10 -14.25 -3.71
N GLN B 17 9.16 -13.76 -4.33
CA GLN B 17 9.36 -12.33 -4.46
C GLN B 17 8.25 -11.72 -5.32
N TYR B 18 7.69 -12.53 -6.20
CA TYR B 18 6.60 -12.13 -7.09
C TYR B 18 5.43 -11.57 -6.29
N ARG B 19 5.03 -12.28 -5.23
CA ARG B 19 3.93 -11.82 -4.38
C ARG B 19 4.33 -10.58 -3.61
N VAL B 20 5.62 -10.39 -3.44
CA VAL B 20 6.14 -9.24 -2.73
C VAL B 20 6.08 -8.00 -3.63
N GLU B 21 6.44 -8.17 -4.91
CA GLU B 21 6.38 -7.06 -5.86
C GLU B 21 4.96 -6.71 -6.30
N VAL B 22 4.02 -7.66 -6.27
CA VAL B 22 2.63 -7.29 -6.51
C VAL B 22 2.16 -6.38 -5.39
N GLN B 23 2.60 -6.66 -4.17
CA GLN B 23 2.31 -5.77 -3.06
C GLN B 23 2.90 -4.38 -3.32
N ASN B 24 4.14 -4.35 -3.81
CA ASN B 24 4.79 -3.10 -4.21
C ASN B 24 3.99 -2.37 -5.28
N ARG B 25 3.45 -3.11 -6.23
CA ARG B 25 2.64 -2.55 -7.29
C ARG B 25 1.27 -2.10 -6.75
N VAL B 26 0.62 -2.98 -6.00
CA VAL B 26 -0.70 -2.73 -5.45
C VAL B 26 -0.70 -1.50 -4.54
N TYR B 27 0.18 -1.49 -3.56
CA TYR B 27 0.26 -0.38 -2.63
C TYR B 27 0.64 0.91 -3.35
N LYS B 28 1.38 0.78 -4.44
CA LYS B 28 1.72 1.94 -5.26
C LYS B 28 0.48 2.43 -6.01
N LYS B 29 -0.31 1.48 -6.49
CA LYS B 29 -1.58 1.80 -7.14
C LYS B 29 -2.49 2.57 -6.19
N GLU B 30 -2.43 2.22 -4.91
CA GLU B 30 -3.14 2.95 -3.87
C GLU B 30 -2.68 4.40 -3.87
N ILE B 31 -1.37 4.59 -3.77
CA ILE B 31 -0.76 5.90 -3.77
C ILE B 31 -1.11 6.71 -5.02
N GLN B 32 -1.27 6.04 -6.15
CA GLN B 32 -1.67 6.72 -7.39
C GLN B 32 -3.09 7.26 -7.26
N ALA B 33 -3.94 6.47 -6.64
CA ALA B 33 -5.30 6.91 -6.33
C ALA B 33 -5.25 8.09 -5.37
N LEU B 34 -4.42 7.92 -4.34
CA LEU B 34 -4.24 8.96 -3.33
C LEU B 34 -3.62 10.21 -3.94
N ASP B 35 -2.86 10.01 -5.02
CA ASP B 35 -2.20 11.11 -5.73
C ASP B 35 -3.21 12.09 -6.30
N ALA B 36 -4.38 11.59 -6.68
CA ALA B 36 -5.48 12.44 -7.12
C ALA B 36 -5.96 13.30 -5.96
N GLU B 37 -5.98 12.70 -4.78
CA GLU B 37 -6.29 13.42 -3.58
C GLU B 37 -5.15 14.36 -3.19
N ILE B 38 -3.93 14.01 -3.55
CA ILE B 38 -2.80 14.91 -3.36
C ILE B 38 -3.09 16.25 -4.05
N ARG B 39 -3.83 16.21 -5.14
CA ARG B 39 -4.28 17.42 -5.82
C ARG B 39 -5.07 18.30 -4.85
N LYS B 40 -6.01 17.70 -4.12
CA LYS B 40 -6.79 18.44 -3.11
C LYS B 40 -5.89 18.91 -1.98
N LEU B 41 -4.92 18.07 -1.63
CA LEU B 41 -3.99 18.36 -0.56
C LEU B 41 -3.11 19.57 -0.89
N GLU B 42 -2.46 19.54 -2.05
CA GLU B 42 -1.50 20.58 -2.41
C GLU B 42 -2.16 21.94 -2.52
N ARG B 43 -3.38 22.00 -3.06
CA ARG B 43 -4.08 23.27 -3.20
C ARG B 43 -4.52 23.80 -1.82
N LEU B 44 -4.55 22.91 -0.84
CA LEU B 44 -4.80 23.30 0.53
C LEU B 44 -3.47 23.71 1.18
N LEU B 45 -2.41 22.99 0.82
CA LEU B 45 -1.06 23.32 1.25
C LEU B 45 -0.73 24.76 0.89
N GLU B 46 -0.86 25.06 -0.40
CA GLU B 46 -0.61 26.40 -0.92
C GLU B 46 -1.61 27.43 -0.37
N SER B 47 -2.64 26.93 0.29
CA SER B 47 -3.65 27.78 0.89
C SER B 47 -3.31 28.08 2.35
N GLY B 48 -2.18 27.56 2.82
CA GLY B 48 -1.73 27.90 4.16
C GLY B 48 -1.69 26.71 5.10
N LEU B 49 -1.60 25.51 4.54
CA LEU B 49 -1.46 24.33 5.37
C LEU B 49 0.03 24.02 5.49
N THR B 50 0.73 24.04 4.37
CA THR B 50 2.17 23.84 4.30
C THR B 50 2.58 22.41 4.66
N MET A 1 18.67 -17.83 4.02
CA MET A 1 17.20 -17.98 3.94
C MET A 1 16.81 -19.45 4.03
N ASP A 2 17.31 -20.26 3.11
CA ASP A 2 17.04 -21.69 3.12
C ASP A 2 18.27 -22.47 2.66
N SER A 3 18.14 -23.79 2.58
CA SER A 3 19.26 -24.64 2.15
C SER A 3 19.67 -24.29 0.73
N ALA A 4 18.70 -24.21 -0.17
CA ALA A 4 18.96 -23.85 -1.56
C ALA A 4 18.95 -22.34 -1.74
N ILE A 5 17.88 -21.70 -1.27
CA ILE A 5 17.75 -20.26 -1.39
C ILE A 5 18.78 -19.55 -0.52
N SER A 6 19.79 -18.99 -1.17
CA SER A 6 20.90 -18.37 -0.46
C SER A 6 20.62 -16.88 -0.23
N LYS A 7 21.62 -16.14 0.21
CA LYS A 7 21.43 -14.73 0.46
C LYS A 7 21.09 -13.98 -0.83
N GLU A 8 21.43 -14.60 -1.95
CA GLU A 8 21.17 -14.06 -3.29
C GLU A 8 19.71 -13.61 -3.42
N ASP A 9 18.79 -14.57 -3.34
CA ASP A 9 17.37 -14.28 -3.50
C ASP A 9 16.79 -13.74 -2.20
N GLU A 10 17.48 -14.05 -1.10
CA GLU A 10 17.11 -13.56 0.22
C GLU A 10 17.07 -12.04 0.26
N GLU A 11 18.21 -11.43 -0.01
CA GLU A 11 18.32 -9.98 -0.02
C GLU A 11 17.40 -9.37 -1.06
N ARG A 12 17.11 -10.11 -2.12
CA ARG A 12 16.16 -9.67 -3.13
C ARG A 12 14.75 -9.56 -2.51
N TYR A 13 14.38 -10.58 -1.75
CA TYR A 13 13.12 -10.56 -1.00
C TYR A 13 13.14 -9.43 0.02
N GLN A 14 14.27 -9.29 0.70
CA GLN A 14 14.45 -8.24 1.70
C GLN A 14 14.17 -6.86 1.11
N LYS A 15 14.82 -6.57 0.01
CA LYS A 15 14.59 -5.32 -0.71
C LYS A 15 13.13 -5.20 -1.14
N LEU A 16 12.50 -6.33 -1.46
CA LEU A 16 11.11 -6.34 -1.88
C LEU A 16 10.19 -5.90 -0.74
N VAL A 17 10.41 -6.47 0.45
CA VAL A 17 9.64 -6.08 1.62
C VAL A 17 9.95 -4.63 1.95
N THR A 18 11.19 -4.24 1.68
CA THR A 18 11.62 -2.89 1.86
C THR A 18 10.78 -1.95 1.01
N GLU A 19 10.69 -2.26 -0.28
CA GLU A 19 9.87 -1.49 -1.22
C GLU A 19 8.45 -1.35 -0.71
N ASN A 20 7.99 -2.39 -0.03
CA ASN A 20 6.63 -2.46 0.48
C ASN A 20 6.46 -1.63 1.74
N GLU A 21 7.27 -1.89 2.76
CA GLU A 21 7.12 -1.20 4.03
C GLU A 21 7.18 0.32 3.86
N GLN A 22 7.92 0.77 2.85
CA GLN A 22 8.01 2.21 2.56
C GLN A 22 6.63 2.76 2.22
N LEU A 23 6.08 2.29 1.10
CA LEU A 23 4.86 2.87 0.58
C LEU A 23 3.64 2.40 1.39
N GLN A 24 3.80 1.31 2.14
CA GLN A 24 2.83 0.91 3.15
C GLN A 24 2.53 2.08 4.09
N ARG A 25 3.60 2.71 4.55
CA ARG A 25 3.53 3.84 5.43
C ARG A 25 2.92 5.05 4.72
N LEU A 26 3.40 5.29 3.51
CA LEU A 26 2.95 6.40 2.70
C LEU A 26 1.45 6.32 2.44
N ILE A 27 0.94 5.09 2.36
CA ILE A 27 -0.48 4.85 2.24
C ILE A 27 -1.18 5.21 3.55
N THR A 28 -0.74 4.59 4.63
CA THR A 28 -1.38 4.75 5.94
C THR A 28 -1.54 6.23 6.31
N GLN A 29 -0.55 7.04 5.94
CA GLN A 29 -0.57 8.48 6.20
C GLN A 29 -1.80 9.12 5.57
N LYS A 30 -1.94 8.89 4.29
CA LYS A 30 -3.05 9.46 3.54
C LYS A 30 -4.36 8.77 3.91
N GLU A 31 -4.30 7.46 4.14
CA GLU A 31 -5.47 6.68 4.54
C GLU A 31 -6.18 7.30 5.73
N GLU A 32 -5.48 7.39 6.86
CA GLU A 32 -6.07 7.87 8.09
C GLU A 32 -6.71 9.26 7.92
N LYS A 33 -6.05 10.11 7.15
CA LYS A 33 -6.52 11.48 6.95
C LYS A 33 -7.75 11.53 6.04
N ILE A 34 -7.71 10.77 4.95
CA ILE A 34 -8.82 10.73 4.00
C ILE A 34 -10.08 10.15 4.65
N ARG A 35 -9.89 9.26 5.61
CA ARG A 35 -11.01 8.67 6.34
C ARG A 35 -11.77 9.74 7.09
N VAL A 36 -11.05 10.73 7.59
CA VAL A 36 -11.65 11.87 8.26
C VAL A 36 -12.38 12.74 7.24
N LEU A 37 -11.82 12.80 6.04
CA LEU A 37 -12.43 13.53 4.95
C LEU A 37 -13.66 12.81 4.44
N ARG A 38 -13.66 11.50 4.60
CA ARG A 38 -14.83 10.68 4.27
C ARG A 38 -16.01 11.11 5.14
N GLN A 39 -15.71 11.45 6.38
CA GLN A 39 -16.72 11.98 7.29
C GLN A 39 -17.28 13.30 6.76
N ARG A 40 -16.40 14.10 6.15
CA ARG A 40 -16.82 15.32 5.47
C ARG A 40 -17.71 14.98 4.29
N LEU A 41 -17.34 13.92 3.57
CA LEU A 41 -18.12 13.48 2.43
C LEU A 41 -19.48 12.98 2.88
N VAL A 42 -19.51 12.37 4.07
CA VAL A 42 -20.76 11.98 4.71
C VAL A 42 -21.66 13.21 4.83
N GLU A 43 -21.07 14.32 5.25
CA GLU A 43 -21.77 15.57 5.44
C GLU A 43 -22.16 16.18 4.09
N ARG A 44 -21.61 15.65 3.01
CA ARG A 44 -21.92 16.14 1.68
C ARG A 44 -22.86 15.21 0.95
N GLY A 45 -22.80 13.94 1.32
CA GLY A 45 -23.53 12.90 0.62
C GLY A 45 -22.82 12.56 -0.67
N ASP A 46 -21.50 12.61 -0.63
CA ASP A 46 -20.67 12.53 -1.82
C ASP A 46 -20.83 11.19 -2.55
N ALA A 47 -21.15 10.16 -1.79
CA ALA A 47 -21.30 8.82 -2.35
C ALA A 47 -22.62 8.67 -3.10
N LYS A 48 -23.59 9.50 -2.77
CA LYS A 48 -24.91 9.40 -3.38
C LYS A 48 -25.15 10.59 -4.32
N GLY A 49 -24.90 11.79 -3.79
CA GLY A 49 -25.14 12.99 -4.55
C GLY A 49 -25.68 14.09 -3.66
N THR A 50 -26.80 13.81 -3.00
CA THR A 50 -27.42 14.75 -2.09
C THR A 50 -28.22 14.00 -1.03
N GLU A 51 -27.86 14.18 0.22
CA GLU A 51 -28.56 13.53 1.32
C GLU A 51 -29.93 14.16 1.55
N LEU A 52 -30.97 13.42 1.26
CA LEU A 52 -32.33 13.91 1.43
C LEU A 52 -32.91 13.42 2.75
N ASN A 53 -32.39 12.32 3.24
CA ASN A 53 -32.86 11.74 4.49
C ASN A 53 -32.00 12.21 5.65
N GLY B 1 -11.69 -24.17 8.96
CA GLY B 1 -10.58 -24.32 9.87
C GLY B 1 -9.90 -22.99 10.12
N PRO B 2 -8.59 -22.98 10.35
CA PRO B 2 -7.82 -21.77 10.57
C PRO B 2 -7.30 -21.18 9.27
N LEU B 3 -6.47 -20.15 9.38
CA LEU B 3 -5.86 -19.50 8.22
C LEU B 3 -5.19 -20.52 7.29
N GLY B 4 -5.14 -20.20 6.01
CA GLY B 4 -4.57 -21.10 5.03
C GLY B 4 -3.06 -20.96 4.92
N SER B 5 -2.47 -20.23 5.86
CA SER B 5 -1.04 -20.00 5.87
C SER B 5 -0.31 -21.14 6.59
N ARG B 6 -1.04 -22.23 6.84
CA ARG B 6 -0.49 -23.37 7.59
C ARG B 6 0.57 -24.12 6.77
N ARG B 7 0.55 -23.93 5.46
CA ARG B 7 1.54 -24.56 4.60
C ARG B 7 2.80 -23.70 4.57
N PHE B 8 3.52 -23.73 5.68
CA PHE B 8 4.64 -22.82 5.93
C PHE B 8 5.68 -22.82 4.82
N VAL B 9 6.18 -23.98 4.41
CA VAL B 9 7.22 -24.02 3.41
C VAL B 9 6.63 -23.87 2.01
N VAL B 10 5.44 -24.39 1.81
CA VAL B 10 4.80 -24.38 0.51
C VAL B 10 4.56 -22.96 0.01
N ASP B 11 3.70 -22.22 0.71
CA ASP B 11 3.29 -20.92 0.21
C ASP B 11 4.21 -19.80 0.70
N ASP B 12 4.61 -19.81 1.96
CA ASP B 12 5.44 -18.72 2.48
C ASP B 12 6.71 -18.55 1.65
N ARG B 13 7.15 -19.62 0.98
CA ARG B 13 8.35 -19.52 0.18
C ARG B 13 8.02 -18.92 -1.18
N ARG B 14 7.32 -19.69 -2.00
CA ARG B 14 6.97 -19.30 -3.34
C ARG B 14 6.03 -18.10 -3.32
N GLU B 15 4.99 -18.26 -2.53
CA GLU B 15 3.83 -17.38 -2.58
C GLU B 15 4.04 -16.09 -1.81
N LEU B 16 4.71 -16.15 -0.67
CA LEU B 16 4.87 -14.96 0.15
C LEU B 16 5.74 -13.94 -0.58
N GLN B 17 6.88 -14.37 -1.12
CA GLN B 17 7.72 -13.47 -1.89
C GLN B 17 6.95 -12.99 -3.13
N TYR B 18 6.07 -13.86 -3.62
CA TYR B 18 5.23 -13.57 -4.79
C TYR B 18 4.23 -12.46 -4.50
N ARG B 19 3.67 -12.44 -3.30
CA ARG B 19 2.67 -11.44 -2.96
C ARG B 19 3.31 -10.11 -2.59
N VAL B 20 4.57 -10.13 -2.19
CA VAL B 20 5.25 -8.90 -1.81
C VAL B 20 5.50 -8.02 -3.04
N GLU B 21 5.94 -8.64 -4.14
CA GLU B 21 6.13 -7.91 -5.40
C GLU B 21 4.81 -7.34 -5.95
N VAL B 22 3.73 -8.12 -5.92
CA VAL B 22 2.44 -7.58 -6.34
C VAL B 22 2.02 -6.44 -5.41
N GLN B 23 2.21 -6.62 -4.11
CA GLN B 23 1.88 -5.57 -3.14
C GLN B 23 2.70 -4.31 -3.40
N ASN B 24 3.96 -4.47 -3.78
CA ASN B 24 4.82 -3.36 -4.18
C ASN B 24 4.14 -2.49 -5.24
N ARG B 25 3.53 -3.16 -6.22
CA ARG B 25 2.83 -2.48 -7.30
C ARG B 25 1.46 -1.98 -6.83
N VAL B 26 0.72 -2.87 -6.19
CA VAL B 26 -0.64 -2.55 -5.74
C VAL B 26 -0.66 -1.39 -4.76
N TYR B 27 0.22 -1.41 -3.78
CA TYR B 27 0.28 -0.33 -2.80
C TYR B 27 0.61 0.99 -3.50
N LYS B 28 1.39 0.91 -4.57
CA LYS B 28 1.75 2.10 -5.35
C LYS B 28 0.52 2.64 -6.08
N LYS B 29 -0.32 1.72 -6.55
CA LYS B 29 -1.57 2.09 -7.21
C LYS B 29 -2.48 2.82 -6.24
N GLU B 30 -2.52 2.35 -5.00
CA GLU B 30 -3.35 2.95 -3.97
C GLU B 30 -2.97 4.40 -3.76
N ILE B 31 -1.67 4.66 -3.66
CA ILE B 31 -1.14 6.00 -3.44
C ILE B 31 -1.58 6.96 -4.55
N GLN B 32 -1.68 6.46 -5.77
CA GLN B 32 -2.13 7.27 -6.89
C GLN B 32 -3.59 7.66 -6.70
N ALA B 33 -4.38 6.69 -6.29
CA ALA B 33 -5.78 6.90 -5.97
C ALA B 33 -5.91 7.87 -4.80
N LEU B 34 -5.15 7.59 -3.75
CA LEU B 34 -5.14 8.40 -2.55
C LEU B 34 -4.70 9.82 -2.86
N ASP B 35 -3.83 9.96 -3.87
CA ASP B 35 -3.32 11.25 -4.30
C ASP B 35 -4.44 12.18 -4.77
N ALA B 36 -5.47 11.60 -5.38
CA ALA B 36 -6.63 12.38 -5.78
C ALA B 36 -7.36 12.87 -4.54
N GLU B 37 -7.47 11.98 -3.56
CA GLU B 37 -8.05 12.32 -2.29
C GLU B 37 -7.18 13.36 -1.56
N ILE B 38 -5.89 13.37 -1.84
CA ILE B 38 -5.02 14.40 -1.29
C ILE B 38 -5.53 15.79 -1.67
N ARG B 39 -6.14 15.88 -2.84
CA ARG B 39 -6.75 17.13 -3.27
C ARG B 39 -7.86 17.56 -2.30
N LYS B 40 -8.67 16.60 -1.85
CA LYS B 40 -9.72 16.92 -0.88
C LYS B 40 -9.09 17.29 0.45
N LEU B 41 -8.01 16.62 0.81
CA LEU B 41 -7.26 16.93 2.02
C LEU B 41 -6.73 18.35 1.96
N GLU B 42 -6.04 18.68 0.86
CA GLU B 42 -5.44 20.00 0.68
C GLU B 42 -6.45 21.12 0.85
N ARG B 43 -7.72 20.82 0.58
CA ARG B 43 -8.80 21.78 0.82
C ARG B 43 -8.80 22.21 2.28
N LEU B 44 -8.85 21.23 3.18
CA LEU B 44 -8.84 21.51 4.62
C LEU B 44 -7.52 22.19 5.03
N LEU B 45 -6.41 21.62 4.60
CA LEU B 45 -5.09 22.21 4.79
C LEU B 45 -5.07 23.70 4.45
N GLU B 46 -5.29 24.01 3.18
CA GLU B 46 -5.24 25.40 2.71
C GLU B 46 -6.24 26.30 3.43
N SER B 47 -7.41 25.76 3.76
CA SER B 47 -8.43 26.52 4.45
C SER B 47 -8.02 26.87 5.87
N GLY B 48 -7.05 26.16 6.41
CA GLY B 48 -6.56 26.47 7.74
C GLY B 48 -6.88 25.37 8.75
N LEU B 49 -7.85 24.53 8.41
CA LEU B 49 -8.25 23.44 9.28
C LEU B 49 -7.09 22.47 9.46
N THR B 50 -6.55 22.00 8.34
CA THR B 50 -5.42 21.07 8.35
C THR B 50 -5.79 19.76 9.03
N MET A 1 21.69 -19.16 6.31
CA MET A 1 22.35 -19.95 5.24
C MET A 1 22.69 -19.05 4.05
N ASP A 2 23.70 -18.22 4.22
CA ASP A 2 24.07 -17.22 3.21
C ASP A 2 24.94 -17.84 2.12
N SER A 3 25.45 -19.04 2.39
CA SER A 3 26.27 -19.74 1.41
C SER A 3 25.43 -20.20 0.22
N ALA A 4 24.18 -20.53 0.49
CA ALA A 4 23.27 -20.95 -0.55
C ALA A 4 22.55 -19.76 -1.15
N ILE A 5 21.87 -19.00 -0.30
CA ILE A 5 21.15 -17.82 -0.75
C ILE A 5 22.10 -16.64 -0.89
N SER A 6 22.38 -16.28 -2.13
CA SER A 6 23.31 -15.20 -2.42
C SER A 6 22.57 -13.86 -2.40
N LYS A 7 23.29 -12.76 -2.59
CA LYS A 7 22.63 -11.45 -2.68
C LYS A 7 21.71 -11.40 -3.89
N GLU A 8 21.89 -12.36 -4.78
CA GLU A 8 21.02 -12.53 -5.90
C GLU A 8 19.58 -12.69 -5.42
N ASP A 9 19.34 -13.74 -4.65
CA ASP A 9 18.01 -14.01 -4.14
C ASP A 9 17.66 -13.10 -2.97
N GLU A 10 18.62 -12.94 -2.07
CA GLU A 10 18.38 -12.20 -0.83
C GLU A 10 18.00 -10.75 -1.12
N GLU A 11 18.92 -10.01 -1.72
CA GLU A 11 18.70 -8.60 -2.00
C GLU A 11 17.43 -8.37 -2.81
N ARG A 12 17.09 -9.31 -3.69
CA ARG A 12 15.89 -9.15 -4.50
C ARG A 12 14.63 -9.24 -3.65
N TYR A 13 14.64 -10.14 -2.68
CA TYR A 13 13.51 -10.27 -1.77
C TYR A 13 13.53 -9.15 -0.73
N GLN A 14 14.70 -8.91 -0.17
CA GLN A 14 14.89 -7.86 0.85
C GLN A 14 14.39 -6.52 0.36
N LYS A 15 14.92 -6.09 -0.77
CA LYS A 15 14.52 -4.82 -1.35
C LYS A 15 13.03 -4.78 -1.65
N LEU A 16 12.43 -5.95 -1.90
CA LEU A 16 11.00 -6.04 -2.17
C LEU A 16 10.21 -5.74 -0.90
N VAL A 17 10.61 -6.36 0.22
CA VAL A 17 9.97 -6.09 1.49
C VAL A 17 10.21 -4.65 1.88
N THR A 18 11.37 -4.15 1.48
CA THR A 18 11.73 -2.79 1.70
C THR A 18 10.73 -1.87 1.02
N GLU A 19 10.54 -2.09 -0.29
CA GLU A 19 9.55 -1.35 -1.06
C GLU A 19 8.20 -1.42 -0.38
N ASN A 20 7.85 -2.63 0.03
CA ASN A 20 6.57 -2.94 0.63
C ASN A 20 6.34 -2.16 1.93
N GLU A 21 7.35 -2.12 2.79
CA GLU A 21 7.26 -1.40 4.05
C GLU A 21 7.15 0.11 3.85
N GLN A 22 7.98 0.65 2.95
CA GLN A 22 8.06 2.10 2.75
C GLN A 22 6.72 2.69 2.35
N LEU A 23 6.16 2.17 1.27
CA LEU A 23 5.05 2.84 0.61
C LEU A 23 3.72 2.65 1.33
N GLN A 24 3.60 1.58 2.13
CA GLN A 24 2.37 1.38 2.90
C GLN A 24 2.29 2.42 4.01
N ARG A 25 3.46 2.88 4.46
CA ARG A 25 3.55 3.94 5.42
C ARG A 25 3.13 5.25 4.77
N LEU A 26 3.59 5.44 3.54
CA LEU A 26 3.28 6.62 2.76
C LEU A 26 1.79 6.68 2.48
N ILE A 27 1.19 5.52 2.27
CA ILE A 27 -0.25 5.41 2.15
C ILE A 27 -0.93 5.88 3.42
N THR A 28 -0.55 5.23 4.53
CA THR A 28 -1.16 5.48 5.83
C THR A 28 -1.13 6.98 6.19
N GLN A 29 -0.05 7.66 5.82
CA GLN A 29 0.09 9.09 6.08
C GLN A 29 -0.92 9.89 5.29
N LYS A 30 -0.85 9.74 3.97
CA LYS A 30 -1.74 10.44 3.06
C LYS A 30 -3.20 10.16 3.43
N GLU A 31 -3.54 8.89 3.59
CA GLU A 31 -4.89 8.46 3.95
C GLU A 31 -5.44 9.22 5.16
N GLU A 32 -4.72 9.18 6.27
CA GLU A 32 -5.20 9.81 7.50
C GLU A 32 -5.35 11.32 7.34
N LYS A 33 -4.47 11.92 6.55
CA LYS A 33 -4.47 13.36 6.36
C LYS A 33 -5.63 13.76 5.44
N ILE A 34 -5.91 12.92 4.44
CA ILE A 34 -7.01 13.17 3.52
C ILE A 34 -8.35 13.11 4.25
N ARG A 35 -8.42 12.26 5.28
CA ARG A 35 -9.63 12.14 6.10
C ARG A 35 -10.01 13.50 6.68
N VAL A 36 -9.00 14.19 7.17
CA VAL A 36 -9.20 15.51 7.77
C VAL A 36 -9.65 16.50 6.71
N LEU A 37 -9.05 16.40 5.53
CA LEU A 37 -9.44 17.23 4.40
C LEU A 37 -10.91 17.04 4.09
N ARG A 38 -11.35 15.80 4.15
CA ARG A 38 -12.75 15.47 3.88
C ARG A 38 -13.67 16.23 4.84
N GLN A 39 -13.33 16.23 6.13
CA GLN A 39 -14.10 16.97 7.13
C GLN A 39 -14.10 18.46 6.82
N ARG A 40 -12.95 18.95 6.38
CA ARG A 40 -12.80 20.33 5.98
C ARG A 40 -13.65 20.63 4.75
N LEU A 41 -13.65 19.68 3.82
CA LEU A 41 -14.48 19.79 2.62
C LEU A 41 -15.96 19.75 2.98
N VAL A 42 -16.31 19.09 4.09
CA VAL A 42 -17.69 19.04 4.54
C VAL A 42 -18.25 20.44 4.74
N GLU A 43 -17.45 21.29 5.35
CA GLU A 43 -17.84 22.68 5.61
C GLU A 43 -17.89 23.48 4.30
N ARG A 44 -17.12 23.04 3.32
CA ARG A 44 -17.07 23.71 2.02
C ARG A 44 -18.14 23.17 1.08
N GLY A 45 -18.47 21.90 1.27
CA GLY A 45 -19.40 21.22 0.40
C GLY A 45 -18.66 20.38 -0.62
N ASP A 46 -18.27 19.18 -0.23
CA ASP A 46 -17.52 18.27 -1.09
C ASP A 46 -18.36 17.84 -2.28
N ALA A 47 -19.68 17.99 -2.16
CA ALA A 47 -20.61 17.63 -3.22
C ALA A 47 -20.43 18.51 -4.45
N LYS A 48 -19.73 19.63 -4.28
CA LYS A 48 -19.45 20.54 -5.39
C LYS A 48 -18.42 19.93 -6.33
N GLY A 49 -17.68 18.94 -5.84
CA GLY A 49 -16.65 18.31 -6.64
C GLY A 49 -15.28 18.90 -6.34
N THR A 50 -14.25 18.07 -6.47
CA THR A 50 -12.90 18.54 -6.24
C THR A 50 -11.91 17.80 -7.14
N GLU A 51 -11.69 18.33 -8.33
CA GLU A 51 -10.69 17.80 -9.23
C GLU A 51 -9.60 18.84 -9.44
N LEU A 52 -8.46 18.61 -8.85
CA LEU A 52 -7.38 19.58 -8.88
C LEU A 52 -6.18 19.04 -9.65
N ASN A 53 -6.44 18.55 -10.86
CA ASN A 53 -5.39 18.01 -11.74
C ASN A 53 -4.73 16.78 -11.12
N GLY B 1 20.01 -25.77 2.98
CA GLY B 1 19.02 -24.78 3.35
C GLY B 1 18.16 -25.21 4.52
N PRO B 2 16.97 -24.63 4.66
CA PRO B 2 16.07 -24.92 5.76
C PRO B 2 15.18 -26.12 5.47
N LEU B 3 14.21 -26.35 6.36
CA LEU B 3 13.26 -27.45 6.21
C LEU B 3 12.53 -27.42 4.86
N GLY B 4 13.00 -28.24 3.93
CA GLY B 4 12.39 -28.29 2.62
C GLY B 4 11.07 -29.03 2.64
N SER B 5 10.87 -29.85 3.66
CA SER B 5 9.68 -30.67 3.77
C SER B 5 8.46 -29.87 4.22
N ARG B 6 8.67 -28.60 4.58
CA ARG B 6 7.54 -27.75 4.97
C ARG B 6 6.82 -27.21 3.76
N ARG B 7 7.47 -26.30 3.05
CA ARG B 7 6.86 -25.68 1.88
C ARG B 7 7.84 -25.63 0.72
N PHE B 8 8.99 -26.28 0.92
CA PHE B 8 10.11 -26.21 -0.02
C PHE B 8 10.66 -24.78 -0.09
N VAL B 9 11.94 -24.67 -0.40
CA VAL B 9 12.59 -23.37 -0.46
C VAL B 9 11.99 -22.53 -1.58
N VAL B 10 11.30 -23.20 -2.49
CA VAL B 10 10.62 -22.53 -3.59
C VAL B 10 9.49 -21.63 -3.09
N ASP B 11 8.69 -22.13 -2.15
CA ASP B 11 7.51 -21.40 -1.70
C ASP B 11 7.88 -20.21 -0.82
N ASP B 12 8.77 -20.41 0.14
CA ASP B 12 9.15 -19.30 1.01
C ASP B 12 9.87 -18.23 0.20
N ARG B 13 10.52 -18.63 -0.88
CA ARG B 13 11.31 -17.69 -1.67
C ARG B 13 10.46 -17.06 -2.76
N ARG B 14 10.13 -17.86 -3.76
CA ARG B 14 9.45 -17.35 -4.95
C ARG B 14 8.02 -16.97 -4.60
N GLU B 15 7.39 -17.80 -3.78
CA GLU B 15 5.98 -17.63 -3.47
C GLU B 15 5.75 -16.56 -2.40
N LEU B 16 6.64 -16.43 -1.42
CA LEU B 16 6.44 -15.41 -0.41
C LEU B 16 6.71 -14.04 -1.01
N GLN B 17 7.81 -13.91 -1.75
CA GLN B 17 8.11 -12.64 -2.40
C GLN B 17 7.02 -12.31 -3.41
N TYR B 18 6.41 -13.36 -3.94
CA TYR B 18 5.33 -13.25 -4.91
C TYR B 18 4.21 -12.36 -4.39
N ARG B 19 3.87 -12.49 -3.12
CA ARG B 19 2.81 -11.68 -2.52
C ARG B 19 3.33 -10.31 -2.11
N VAL B 20 4.64 -10.20 -1.89
CA VAL B 20 5.24 -8.94 -1.48
C VAL B 20 5.28 -7.97 -2.65
N GLU B 21 5.66 -8.46 -3.82
CA GLU B 21 5.69 -7.63 -5.04
C GLU B 21 4.30 -7.15 -5.44
N VAL B 22 3.27 -7.99 -5.33
CA VAL B 22 1.92 -7.53 -5.61
C VAL B 22 1.54 -6.44 -4.62
N GLN B 23 1.87 -6.64 -3.35
CA GLN B 23 1.64 -5.63 -2.33
C GLN B 23 2.39 -4.35 -2.69
N ASN B 24 3.64 -4.51 -3.09
CA ASN B 24 4.49 -3.41 -3.56
C ASN B 24 3.80 -2.64 -4.70
N ARG B 25 3.22 -3.37 -5.65
CA ARG B 25 2.55 -2.76 -6.80
C ARG B 25 1.21 -2.14 -6.39
N VAL B 26 0.41 -2.90 -5.67
CA VAL B 26 -0.90 -2.46 -5.22
C VAL B 26 -0.79 -1.19 -4.37
N TYR B 27 0.11 -1.20 -3.42
CA TYR B 27 0.28 -0.06 -2.54
C TYR B 27 0.74 1.17 -3.33
N LYS B 28 1.42 0.95 -4.45
CA LYS B 28 1.79 2.04 -5.34
C LYS B 28 0.56 2.68 -5.96
N LYS B 29 -0.37 1.84 -6.39
CA LYS B 29 -1.59 2.31 -7.02
C LYS B 29 -2.43 3.08 -6.01
N GLU B 30 -2.35 2.66 -4.76
CA GLU B 30 -2.98 3.36 -3.65
C GLU B 30 -2.46 4.79 -3.58
N ILE B 31 -1.13 4.91 -3.55
CA ILE B 31 -0.47 6.20 -3.49
C ILE B 31 -0.80 7.08 -4.69
N GLN B 32 -0.93 6.47 -5.87
CA GLN B 32 -1.31 7.22 -7.06
C GLN B 32 -2.70 7.81 -6.91
N ALA B 33 -3.62 6.99 -6.41
CA ALA B 33 -4.96 7.47 -6.10
C ALA B 33 -4.90 8.56 -5.03
N LEU B 34 -4.11 8.28 -4.00
CA LEU B 34 -3.86 9.25 -2.93
C LEU B 34 -3.28 10.55 -3.48
N ASP B 35 -2.53 10.44 -4.57
CA ASP B 35 -1.83 11.58 -5.16
C ASP B 35 -2.82 12.61 -5.70
N ALA B 36 -3.99 12.17 -6.12
CA ALA B 36 -5.06 13.08 -6.52
C ALA B 36 -5.56 13.85 -5.30
N GLU B 37 -5.68 13.14 -4.21
CA GLU B 37 -6.06 13.73 -2.95
C GLU B 37 -4.92 14.60 -2.40
N ILE B 38 -3.70 14.27 -2.74
CA ILE B 38 -2.57 15.12 -2.41
C ILE B 38 -2.81 16.55 -2.90
N ARG B 39 -3.47 16.67 -4.04
CA ARG B 39 -3.78 17.96 -4.62
C ARG B 39 -4.70 18.76 -3.70
N LYS B 40 -5.70 18.07 -3.13
CA LYS B 40 -6.59 18.72 -2.15
C LYS B 40 -5.80 19.08 -0.90
N LEU B 41 -4.89 18.19 -0.51
CA LEU B 41 -4.01 18.41 0.61
C LEU B 41 -3.14 19.64 0.38
N GLU B 42 -2.52 19.72 -0.79
CA GLU B 42 -1.59 20.80 -1.12
C GLU B 42 -2.26 22.16 -0.95
N ARG B 43 -3.55 22.24 -1.21
CA ARG B 43 -4.31 23.48 -1.03
C ARG B 43 -4.43 23.82 0.45
N LEU B 44 -4.38 22.81 1.29
CA LEU B 44 -4.41 23.00 2.74
C LEU B 44 -3.02 23.36 3.24
N LEU B 45 -2.00 22.69 2.70
CA LEU B 45 -0.61 23.10 2.86
C LEU B 45 -0.45 24.58 2.56
N GLU B 46 -0.80 24.97 1.33
CA GLU B 46 -0.70 26.36 0.87
C GLU B 46 -1.49 27.31 1.77
N SER B 47 -2.63 26.83 2.28
CA SER B 47 -3.51 27.64 3.10
C SER B 47 -2.83 28.03 4.43
N GLY B 48 -1.78 27.29 4.80
CA GLY B 48 -1.04 27.62 5.99
C GLY B 48 -1.54 26.87 7.21
N LEU B 49 -2.34 25.86 6.98
CA LEU B 49 -2.86 25.03 8.07
C LEU B 49 -2.00 23.80 8.25
N THR B 50 -1.75 23.11 7.15
CA THR B 50 -0.96 21.91 7.16
C THR B 50 0.49 22.23 6.79
N MET A 1 28.13 -15.00 2.38
CA MET A 1 27.58 -16.36 2.56
C MET A 1 26.89 -16.84 1.29
N ASP A 2 27.38 -16.38 0.14
CA ASP A 2 26.81 -16.80 -1.14
C ASP A 2 27.93 -17.05 -2.16
N SER A 3 27.98 -18.26 -2.68
CA SER A 3 28.96 -18.61 -3.68
C SER A 3 28.30 -18.85 -5.03
N ALA A 4 27.21 -19.62 -5.02
CA ALA A 4 26.45 -19.89 -6.23
C ALA A 4 25.40 -18.81 -6.44
N ILE A 5 24.78 -18.40 -5.35
CA ILE A 5 23.84 -17.29 -5.36
C ILE A 5 24.60 -15.98 -5.34
N SER A 6 24.07 -14.95 -5.98
CA SER A 6 24.69 -13.64 -5.93
C SER A 6 23.90 -12.74 -4.98
N LYS A 7 24.38 -11.53 -4.76
CA LYS A 7 23.64 -10.56 -3.96
C LYS A 7 22.33 -10.21 -4.67
N GLU A 8 22.33 -10.41 -5.97
CA GLU A 8 21.15 -10.22 -6.82
C GLU A 8 19.90 -10.85 -6.22
N ASP A 9 20.01 -12.11 -5.83
CA ASP A 9 18.88 -12.88 -5.32
C ASP A 9 18.39 -12.31 -3.98
N GLU A 10 19.33 -11.96 -3.13
CA GLU A 10 19.01 -11.41 -1.82
C GLU A 10 18.34 -10.04 -1.94
N GLU A 11 19.02 -9.12 -2.62
CA GLU A 11 18.49 -7.78 -2.83
C GLU A 11 17.14 -7.81 -3.53
N ARG A 12 16.93 -8.84 -4.34
CA ARG A 12 15.63 -9.07 -4.97
C ARG A 12 14.52 -9.13 -3.92
N TYR A 13 14.68 -10.00 -2.94
CA TYR A 13 13.67 -10.16 -1.90
C TYR A 13 13.75 -9.06 -0.87
N GLN A 14 14.95 -8.83 -0.33
CA GLN A 14 15.15 -7.88 0.77
C GLN A 14 14.63 -6.50 0.41
N LYS A 15 15.12 -5.96 -0.69
CA LYS A 15 14.69 -4.64 -1.13
C LYS A 15 13.21 -4.63 -1.49
N LEU A 16 12.66 -5.79 -1.86
CA LEU A 16 11.24 -5.90 -2.17
C LEU A 16 10.40 -5.67 -0.91
N VAL A 17 10.80 -6.31 0.19
CA VAL A 17 10.12 -6.12 1.46
C VAL A 17 10.25 -4.66 1.88
N THR A 18 11.39 -4.07 1.52
CA THR A 18 11.65 -2.69 1.81
C THR A 18 10.68 -1.81 1.05
N GLU A 19 10.57 -2.02 -0.27
CA GLU A 19 9.60 -1.30 -1.09
C GLU A 19 8.22 -1.45 -0.49
N ASN A 20 7.92 -2.67 -0.12
CA ASN A 20 6.63 -3.05 0.42
C ASN A 20 6.29 -2.28 1.70
N GLU A 21 7.21 -2.23 2.66
CA GLU A 21 6.95 -1.55 3.91
C GLU A 21 6.94 -0.02 3.76
N GLN A 22 7.86 0.51 2.95
CA GLN A 22 8.00 1.96 2.81
C GLN A 22 6.68 2.61 2.39
N LEU A 23 6.14 2.14 1.28
CA LEU A 23 5.03 2.82 0.65
C LEU A 23 3.73 2.58 1.42
N GLN A 24 3.71 1.53 2.25
CA GLN A 24 2.62 1.32 3.21
C GLN A 24 2.41 2.58 4.05
N ARG A 25 3.52 3.12 4.51
CA ARG A 25 3.53 4.32 5.32
C ARG A 25 3.09 5.52 4.49
N LEU A 26 3.62 5.61 3.29
CA LEU A 26 3.38 6.74 2.40
C LEU A 26 1.89 6.85 2.06
N ILE A 27 1.25 5.71 1.92
CA ILE A 27 -0.19 5.65 1.74
C ILE A 27 -0.89 6.24 2.95
N THR A 28 -0.53 5.73 4.12
CA THR A 28 -1.17 6.12 5.38
C THR A 28 -1.09 7.63 5.62
N GLN A 29 -0.01 8.25 5.13
CA GLN A 29 0.18 9.69 5.27
C GLN A 29 -0.92 10.44 4.53
N LYS A 30 -1.13 10.01 3.31
CA LYS A 30 -2.07 10.67 2.43
C LYS A 30 -3.50 10.27 2.76
N GLU A 31 -3.72 8.98 3.02
CA GLU A 31 -5.02 8.46 3.43
C GLU A 31 -5.67 9.33 4.51
N GLU A 32 -4.99 9.46 5.65
CA GLU A 32 -5.53 10.21 6.78
C GLU A 32 -5.99 11.61 6.35
N LYS A 33 -5.16 12.29 5.58
CA LYS A 33 -5.46 13.65 5.17
C LYS A 33 -6.59 13.68 4.12
N ILE A 34 -6.56 12.75 3.17
CA ILE A 34 -7.57 12.70 2.13
C ILE A 34 -8.94 12.35 2.69
N ARG A 35 -8.96 11.53 3.74
CA ARG A 35 -10.22 11.13 4.37
C ARG A 35 -10.96 12.34 4.91
N VAL A 36 -10.21 13.31 5.39
CA VAL A 36 -10.77 14.55 5.87
C VAL A 36 -11.26 15.39 4.71
N LEU A 37 -10.46 15.42 3.65
CA LEU A 37 -10.82 16.11 2.41
C LEU A 37 -12.09 15.49 1.82
N ARG A 38 -12.25 14.20 2.04
CA ARG A 38 -13.34 13.45 1.49
C ARG A 38 -14.66 13.87 2.11
N GLN A 39 -14.64 14.18 3.41
CA GLN A 39 -15.82 14.67 4.10
C GLN A 39 -16.01 16.15 3.80
N ARG A 40 -14.91 16.81 3.50
CA ARG A 40 -14.93 18.19 3.08
C ARG A 40 -15.62 18.33 1.73
N LEU A 41 -15.30 17.40 0.83
CA LEU A 41 -15.94 17.33 -0.48
C LEU A 41 -17.44 17.15 -0.31
N VAL A 42 -17.82 16.46 0.76
CA VAL A 42 -19.23 16.26 1.09
C VAL A 42 -19.94 17.60 1.19
N GLU A 43 -19.32 18.54 1.88
CA GLU A 43 -19.89 19.87 2.06
C GLU A 43 -19.89 20.64 0.74
N ARG A 44 -19.04 20.24 -0.18
CA ARG A 44 -18.95 20.89 -1.48
C ARG A 44 -19.89 20.25 -2.48
N GLY A 45 -20.15 18.97 -2.27
CA GLY A 45 -20.90 18.19 -3.23
C GLY A 45 -20.05 17.85 -4.42
N ASP A 46 -18.83 17.40 -4.13
CA ASP A 46 -17.84 17.13 -5.18
C ASP A 46 -18.24 15.91 -5.99
N ALA A 47 -19.10 15.09 -5.41
CA ALA A 47 -19.56 13.87 -6.06
C ALA A 47 -20.45 14.17 -7.27
N LYS A 48 -20.73 15.46 -7.48
CA LYS A 48 -21.49 15.89 -8.65
C LYS A 48 -20.73 15.64 -9.94
N GLY A 49 -19.42 15.44 -9.82
CA GLY A 49 -18.63 15.10 -10.98
C GLY A 49 -17.42 15.99 -11.14
N THR A 50 -16.27 15.51 -10.71
CA THR A 50 -15.00 16.21 -10.90
C THR A 50 -13.85 15.21 -10.93
N GLU A 51 -13.54 14.70 -12.10
CA GLU A 51 -12.43 13.79 -12.28
C GLU A 51 -11.52 14.29 -13.39
N LEU A 52 -10.23 14.23 -13.18
CA LEU A 52 -9.26 14.75 -14.12
C LEU A 52 -8.30 13.65 -14.52
N ASN A 53 -7.02 13.96 -14.62
CA ASN A 53 -6.04 12.97 -15.09
C ASN A 53 -5.81 11.90 -14.04
N GLY B 1 8.66 -37.88 4.68
CA GLY B 1 7.84 -36.69 4.63
C GLY B 1 8.50 -35.56 3.86
N PRO B 2 8.54 -35.65 2.53
CA PRO B 2 9.22 -34.66 1.69
C PRO B 2 8.33 -33.48 1.33
N LEU B 3 8.82 -32.64 0.45
CA LEU B 3 8.09 -31.46 -0.03
C LEU B 3 6.64 -31.79 -0.41
N GLY B 4 5.70 -31.22 0.33
CA GLY B 4 4.31 -31.42 0.00
C GLY B 4 3.66 -30.16 -0.52
N SER B 5 3.41 -29.20 0.36
CA SER B 5 2.86 -27.93 -0.05
C SER B 5 3.85 -26.78 0.19
N ARG B 6 4.54 -26.82 1.32
CA ARG B 6 5.41 -25.73 1.72
C ARG B 6 6.71 -25.72 0.93
N ARG B 7 7.14 -26.94 0.55
CA ARG B 7 8.31 -27.16 -0.30
C ARG B 7 9.55 -26.44 0.23
N PHE B 8 9.60 -26.30 1.56
CA PHE B 8 10.68 -25.60 2.25
C PHE B 8 11.06 -24.28 1.56
N VAL B 9 12.16 -24.30 0.82
CA VAL B 9 12.70 -23.08 0.24
C VAL B 9 12.15 -22.84 -1.16
N VAL B 10 11.66 -23.90 -1.80
CA VAL B 10 11.18 -23.78 -3.17
C VAL B 10 9.94 -22.90 -3.24
N ASP B 11 8.93 -23.23 -2.44
CA ASP B 11 7.69 -22.46 -2.47
C ASP B 11 7.91 -21.09 -1.86
N ASP B 12 8.46 -21.06 -0.64
CA ASP B 12 8.60 -19.82 0.11
C ASP B 12 9.53 -18.84 -0.62
N ARG B 13 10.24 -19.33 -1.61
CA ARG B 13 11.11 -18.48 -2.40
C ARG B 13 10.30 -17.76 -3.45
N ARG B 14 9.68 -18.54 -4.32
CA ARG B 14 8.85 -17.98 -5.38
C ARG B 14 7.60 -17.36 -4.82
N GLU B 15 6.88 -18.14 -4.03
CA GLU B 15 5.57 -17.78 -3.53
C GLU B 15 5.60 -16.56 -2.62
N LEU B 16 6.51 -16.58 -1.66
CA LEU B 16 6.57 -15.52 -0.65
C LEU B 16 7.04 -14.20 -1.28
N GLN B 17 8.10 -14.24 -2.08
CA GLN B 17 8.57 -13.02 -2.72
C GLN B 17 7.51 -12.47 -3.66
N TYR B 18 6.75 -13.39 -4.24
CA TYR B 18 5.72 -13.05 -5.21
C TYR B 18 4.62 -12.19 -4.59
N ARG B 19 4.29 -12.47 -3.34
CA ARG B 19 3.23 -11.73 -2.67
C ARG B 19 3.73 -10.37 -2.18
N VAL B 20 5.04 -10.24 -2.03
CA VAL B 20 5.63 -8.98 -1.57
C VAL B 20 5.62 -7.96 -2.71
N GLU B 21 5.96 -8.40 -3.92
CA GLU B 21 5.92 -7.51 -5.09
C GLU B 21 4.50 -7.04 -5.42
N VAL B 22 3.50 -7.92 -5.33
CA VAL B 22 2.13 -7.49 -5.54
C VAL B 22 1.75 -6.45 -4.50
N GLN B 23 2.20 -6.66 -3.27
CA GLN B 23 1.97 -5.67 -2.22
C GLN B 23 2.59 -4.33 -2.60
N ASN B 24 3.85 -4.38 -3.06
CA ASN B 24 4.51 -3.19 -3.61
C ASN B 24 3.66 -2.54 -4.71
N ARG B 25 3.20 -3.36 -5.64
CA ARG B 25 2.38 -2.88 -6.76
C ARG B 25 1.07 -2.25 -6.27
N VAL B 26 0.31 -3.03 -5.51
CA VAL B 26 -0.99 -2.60 -5.00
C VAL B 26 -0.88 -1.31 -4.22
N TYR B 27 0.07 -1.27 -3.30
CA TYR B 27 0.27 -0.10 -2.47
C TYR B 27 0.77 1.09 -3.29
N LYS B 28 1.56 0.81 -4.33
CA LYS B 28 2.01 1.86 -5.24
C LYS B 28 0.82 2.45 -5.98
N LYS B 29 -0.07 1.56 -6.42
CA LYS B 29 -1.30 1.95 -7.10
C LYS B 29 -2.13 2.87 -6.23
N GLU B 30 -2.12 2.62 -4.92
CA GLU B 30 -2.82 3.48 -3.97
C GLU B 30 -2.21 4.87 -3.99
N ILE B 31 -0.89 4.93 -3.90
CA ILE B 31 -0.15 6.19 -3.86
C ILE B 31 -0.37 7.01 -5.13
N GLN B 32 -0.44 6.36 -6.29
CA GLN B 32 -0.66 7.07 -7.53
C GLN B 32 -2.04 7.71 -7.53
N ALA B 33 -3.03 6.94 -7.10
CA ALA B 33 -4.39 7.43 -6.94
C ALA B 33 -4.41 8.56 -5.91
N LEU B 34 -3.69 8.32 -4.82
CA LEU B 34 -3.55 9.29 -3.74
C LEU B 34 -2.90 10.58 -4.23
N ASP B 35 -2.00 10.45 -5.20
CA ASP B 35 -1.24 11.62 -5.69
C ASP B 35 -2.17 12.64 -6.35
N ALA B 36 -3.24 12.15 -6.97
CA ALA B 36 -4.27 13.02 -7.49
C ALA B 36 -4.96 13.75 -6.35
N GLU B 37 -5.26 13.00 -5.30
CA GLU B 37 -5.83 13.55 -4.10
C GLU B 37 -4.84 14.51 -3.43
N ILE B 38 -3.55 14.26 -3.61
CA ILE B 38 -2.54 15.19 -3.12
C ILE B 38 -2.79 16.59 -3.67
N ARG B 39 -3.35 16.66 -4.88
CA ARG B 39 -3.68 17.95 -5.47
C ARG B 39 -4.77 18.67 -4.68
N LYS B 40 -5.78 17.93 -4.23
CA LYS B 40 -6.83 18.51 -3.40
C LYS B 40 -6.24 18.91 -2.04
N LEU B 41 -5.31 18.10 -1.56
CA LEU B 41 -4.60 18.37 -0.34
C LEU B 41 -3.77 19.64 -0.46
N GLU B 42 -2.95 19.71 -1.51
CA GLU B 42 -2.06 20.85 -1.72
C GLU B 42 -2.82 22.16 -1.73
N ARG B 43 -4.08 22.10 -2.17
CA ARG B 43 -4.96 23.27 -2.10
C ARG B 43 -5.03 23.78 -0.67
N LEU B 44 -5.25 22.87 0.27
CA LEU B 44 -5.30 23.22 1.69
C LEU B 44 -3.92 23.59 2.22
N LEU B 45 -2.89 22.81 1.87
CA LEU B 45 -1.51 23.17 2.19
C LEU B 45 -1.21 24.61 1.81
N GLU B 46 -1.41 24.94 0.55
CA GLU B 46 -1.22 26.30 0.05
C GLU B 46 -2.12 27.30 0.78
N SER B 47 -3.24 26.82 1.28
CA SER B 47 -4.16 27.66 2.04
C SER B 47 -3.67 27.86 3.48
N GLY B 48 -2.70 27.05 3.88
CA GLY B 48 -2.12 27.20 5.21
C GLY B 48 -2.44 26.04 6.14
N LEU B 49 -2.70 24.86 5.57
CA LEU B 49 -3.02 23.68 6.37
C LEU B 49 -1.77 23.12 7.05
N THR B 50 -0.68 23.02 6.30
CA THR B 50 0.54 22.42 6.81
C THR B 50 1.68 23.44 6.79
N MET A 1 23.00 -18.80 5.06
CA MET A 1 22.14 -18.87 3.85
C MET A 1 22.89 -18.42 2.60
N ASP A 2 23.90 -17.57 2.77
CA ASP A 2 24.61 -17.00 1.63
C ASP A 2 25.97 -17.67 1.42
N SER A 3 25.97 -19.00 1.37
CA SER A 3 27.21 -19.74 1.12
C SER A 3 27.40 -19.94 -0.39
N ALA A 4 26.36 -20.44 -1.05
CA ALA A 4 26.37 -20.57 -2.49
C ALA A 4 25.52 -19.45 -3.09
N ILE A 5 24.42 -19.15 -2.42
CA ILE A 5 23.59 -18.02 -2.75
C ILE A 5 24.35 -16.73 -2.42
N SER A 6 24.21 -15.70 -3.25
CA SER A 6 24.91 -14.46 -3.02
C SER A 6 24.00 -13.48 -2.30
N LYS A 7 24.58 -12.39 -1.81
CA LYS A 7 23.79 -11.30 -1.24
C LYS A 7 22.83 -10.77 -2.30
N GLU A 8 23.21 -11.00 -3.55
CA GLU A 8 22.41 -10.65 -4.70
C GLU A 8 20.97 -11.14 -4.55
N ASP A 9 20.82 -12.45 -4.35
CA ASP A 9 19.50 -13.07 -4.27
C ASP A 9 18.75 -12.57 -3.05
N GLU A 10 19.48 -12.35 -1.96
CA GLU A 10 18.89 -11.88 -0.72
C GLU A 10 18.37 -10.45 -0.87
N GLU A 11 19.25 -9.56 -1.31
CA GLU A 11 18.91 -8.16 -1.50
C GLU A 11 17.69 -7.98 -2.39
N ARG A 12 17.54 -8.84 -3.39
CA ARG A 12 16.40 -8.73 -4.29
C ARG A 12 15.10 -8.93 -3.53
N TYR A 13 15.12 -9.83 -2.55
CA TYR A 13 13.97 -10.05 -1.71
C TYR A 13 13.85 -8.96 -0.64
N GLN A 14 14.97 -8.70 0.04
CA GLN A 14 15.00 -7.69 1.10
C GLN A 14 14.49 -6.36 0.62
N LYS A 15 15.11 -5.85 -0.44
CA LYS A 15 14.71 -4.58 -1.03
C LYS A 15 13.23 -4.58 -1.42
N LEU A 16 12.71 -5.74 -1.82
CA LEU A 16 11.32 -5.84 -2.22
C LEU A 16 10.40 -5.64 -1.02
N VAL A 17 10.70 -6.32 0.07
CA VAL A 17 9.93 -6.15 1.31
C VAL A 17 10.13 -4.74 1.82
N THR A 18 11.29 -4.18 1.53
CA THR A 18 11.61 -2.82 1.86
C THR A 18 10.66 -1.88 1.12
N GLU A 19 10.58 -2.06 -0.20
CA GLU A 19 9.66 -1.30 -1.03
C GLU A 19 8.26 -1.38 -0.49
N ASN A 20 7.90 -2.57 0.00
CA ASN A 20 6.60 -2.78 0.64
C ASN A 20 6.43 -1.88 1.84
N GLU A 21 7.28 -2.03 2.85
CA GLU A 21 7.12 -1.32 4.10
C GLU A 21 7.13 0.20 3.90
N GLN A 22 7.94 0.66 2.94
CA GLN A 22 8.04 2.09 2.64
C GLN A 22 6.69 2.68 2.28
N LEU A 23 6.11 2.16 1.21
CA LEU A 23 4.96 2.80 0.61
C LEU A 23 3.67 2.48 1.35
N GLN A 24 3.68 1.41 2.15
CA GLN A 24 2.60 1.14 3.09
C GLN A 24 2.41 2.36 3.99
N ARG A 25 3.55 2.89 4.45
CA ARG A 25 3.58 4.06 5.28
C ARG A 25 3.13 5.28 4.49
N LEU A 26 3.68 5.41 3.29
CA LEU A 26 3.41 6.56 2.43
C LEU A 26 1.92 6.70 2.14
N ILE A 27 1.25 5.57 1.97
CA ILE A 27 -0.20 5.56 1.84
C ILE A 27 -0.85 6.13 3.08
N THR A 28 -0.52 5.55 4.22
CA THR A 28 -1.07 5.96 5.51
C THR A 28 -0.86 7.46 5.76
N GLN A 29 0.32 7.96 5.39
CA GLN A 29 0.66 9.37 5.58
C GLN A 29 -0.30 10.26 4.82
N LYS A 30 -0.40 10.00 3.52
CA LYS A 30 -1.23 10.79 2.64
C LYS A 30 -2.72 10.59 2.93
N GLU A 31 -3.11 9.36 3.24
CA GLU A 31 -4.50 9.05 3.53
C GLU A 31 -5.05 9.87 4.68
N GLU A 32 -4.36 9.86 5.81
CA GLU A 32 -4.82 10.59 6.99
C GLU A 32 -4.75 12.10 6.75
N LYS A 33 -3.84 12.49 5.87
CA LYS A 33 -3.66 13.91 5.55
C LYS A 33 -4.80 14.39 4.66
N ILE A 34 -5.11 13.62 3.62
CA ILE A 34 -6.21 13.93 2.72
C ILE A 34 -7.55 13.87 3.47
N ARG A 35 -7.63 12.97 4.44
CA ARG A 35 -8.82 12.79 5.23
C ARG A 35 -9.27 14.12 5.86
N VAL A 36 -8.30 14.89 6.33
CA VAL A 36 -8.59 16.18 6.92
C VAL A 36 -9.00 17.18 5.84
N LEU A 37 -8.31 17.14 4.72
CA LEU A 37 -8.66 17.96 3.56
C LEU A 37 -10.11 17.74 3.18
N ARG A 38 -10.52 16.48 3.19
CA ARG A 38 -11.90 16.12 2.89
C ARG A 38 -12.87 16.94 3.74
N GLN A 39 -12.68 16.90 5.05
CA GLN A 39 -13.53 17.63 5.98
C GLN A 39 -13.53 19.13 5.67
N ARG A 40 -12.34 19.63 5.37
CA ARG A 40 -12.17 21.02 5.02
C ARG A 40 -12.97 21.37 3.78
N LEU A 41 -12.91 20.48 2.78
CA LEU A 41 -13.67 20.65 1.55
C LEU A 41 -15.17 20.54 1.82
N VAL A 42 -15.56 19.70 2.78
CA VAL A 42 -16.97 19.47 3.10
C VAL A 42 -17.72 20.79 3.33
N GLU A 43 -17.15 21.64 4.16
CA GLU A 43 -17.77 22.93 4.46
C GLU A 43 -17.78 23.82 3.23
N ARG A 44 -16.72 23.73 2.44
CA ARG A 44 -16.59 24.51 1.23
C ARG A 44 -17.56 24.04 0.15
N GLY A 45 -17.69 22.73 0.05
CA GLY A 45 -18.42 22.14 -1.06
C GLY A 45 -17.59 22.23 -2.32
N ASP A 46 -16.63 21.32 -2.44
CA ASP A 46 -15.63 21.36 -3.50
C ASP A 46 -16.26 21.28 -4.90
N ALA A 47 -17.43 20.66 -4.99
CA ALA A 47 -18.12 20.52 -6.26
C ALA A 47 -18.53 21.88 -6.83
N LYS A 48 -18.75 22.85 -5.94
CA LYS A 48 -19.16 24.18 -6.36
C LYS A 48 -17.98 25.15 -6.22
N GLY A 49 -16.84 24.61 -5.81
CA GLY A 49 -15.65 25.42 -5.58
C GLY A 49 -15.24 26.24 -6.79
N THR A 50 -15.39 27.54 -6.69
CA THR A 50 -15.00 28.44 -7.76
C THR A 50 -13.83 29.30 -7.32
N GLU A 51 -12.62 28.79 -7.56
CA GLU A 51 -11.40 29.47 -7.15
C GLU A 51 -11.05 30.58 -8.14
N LEU A 52 -10.72 31.75 -7.62
CA LEU A 52 -10.39 32.90 -8.46
C LEU A 52 -9.02 33.47 -8.11
N ASN A 53 -8.46 33.01 -7.00
CA ASN A 53 -7.16 33.48 -6.55
C ASN A 53 -6.17 32.33 -6.42
N GLY B 1 15.24 -18.50 -13.08
CA GLY B 1 15.96 -19.23 -12.07
C GLY B 1 15.19 -20.43 -11.58
N PRO B 2 15.38 -21.60 -12.21
CA PRO B 2 14.64 -22.81 -11.87
C PRO B 2 15.23 -23.55 -10.68
N LEU B 3 14.70 -24.75 -10.42
CA LEU B 3 15.15 -25.61 -9.33
C LEU B 3 16.67 -25.61 -9.16
N GLY B 4 17.10 -25.57 -7.90
CA GLY B 4 18.51 -25.56 -7.60
C GLY B 4 19.04 -26.93 -7.28
N SER B 5 18.65 -27.48 -6.14
CA SER B 5 19.04 -28.83 -5.80
C SER B 5 17.83 -29.76 -5.85
N ARG B 6 16.77 -29.42 -5.14
CA ARG B 6 15.53 -30.17 -5.25
C ARG B 6 14.51 -29.40 -6.09
N ARG B 7 13.95 -28.34 -5.51
CA ARG B 7 12.86 -27.62 -6.17
C ARG B 7 12.30 -26.51 -5.28
N PHE B 8 11.80 -26.90 -4.11
CA PHE B 8 10.98 -26.01 -3.27
C PHE B 8 11.71 -24.72 -2.88
N VAL B 9 13.02 -24.79 -2.73
CA VAL B 9 13.80 -23.62 -2.33
C VAL B 9 13.62 -22.45 -3.31
N VAL B 10 13.60 -22.75 -4.60
CA VAL B 10 13.44 -21.70 -5.60
C VAL B 10 11.98 -21.32 -5.73
N ASP B 11 11.10 -22.23 -5.33
CA ASP B 11 9.68 -21.96 -5.34
C ASP B 11 9.33 -20.91 -4.30
N ASP B 12 9.67 -21.17 -3.04
CA ASP B 12 9.34 -20.23 -1.96
C ASP B 12 10.11 -18.92 -2.16
N ARG B 13 11.06 -18.93 -3.06
CA ARG B 13 11.76 -17.71 -3.42
C ARG B 13 10.92 -16.92 -4.42
N ARG B 14 10.78 -17.47 -5.62
CA ARG B 14 10.12 -16.79 -6.72
C ARG B 14 8.62 -16.61 -6.45
N GLU B 15 8.03 -17.57 -5.76
CA GLU B 15 6.61 -17.52 -5.45
C GLU B 15 6.30 -16.54 -4.34
N LEU B 16 7.10 -16.55 -3.29
CA LEU B 16 6.87 -15.68 -2.15
C LEU B 16 7.22 -14.24 -2.50
N GLN B 17 8.35 -14.03 -3.19
CA GLN B 17 8.76 -12.69 -3.56
C GLN B 17 7.73 -12.06 -4.50
N TYR B 18 7.09 -12.92 -5.28
CA TYR B 18 6.10 -12.48 -6.25
C TYR B 18 4.96 -11.72 -5.57
N ARG B 19 4.47 -12.25 -4.45
CA ARG B 19 3.39 -11.59 -3.72
C ARG B 19 3.88 -10.30 -3.07
N VAL B 20 5.19 -10.21 -2.87
CA VAL B 20 5.77 -9.02 -2.28
C VAL B 20 5.83 -7.90 -3.31
N GLU B 21 6.24 -8.22 -4.54
CA GLU B 21 6.30 -7.22 -5.60
C GLU B 21 4.91 -6.78 -6.08
N VAL B 22 3.90 -7.65 -6.03
CA VAL B 22 2.55 -7.20 -6.32
C VAL B 22 2.09 -6.23 -5.25
N GLN B 23 2.38 -6.53 -4.00
CA GLN B 23 2.11 -5.60 -2.90
C GLN B 23 2.82 -4.28 -3.15
N ASN B 24 4.06 -4.37 -3.62
CA ASN B 24 4.87 -3.20 -3.96
C ASN B 24 4.19 -2.37 -5.06
N ARG B 25 3.60 -3.03 -6.02
CA ARG B 25 2.95 -2.36 -7.14
C ARG B 25 1.56 -1.84 -6.76
N VAL B 26 0.77 -2.71 -6.14
CA VAL B 26 -0.58 -2.37 -5.71
C VAL B 26 -0.59 -1.12 -4.84
N TYR B 27 0.22 -1.14 -3.80
CA TYR B 27 0.29 -0.03 -2.86
C TYR B 27 0.81 1.23 -3.57
N LYS B 28 1.58 1.03 -4.62
CA LYS B 28 2.10 2.13 -5.41
C LYS B 28 0.97 2.76 -6.21
N LYS B 29 0.11 1.92 -6.76
CA LYS B 29 -1.07 2.37 -7.49
C LYS B 29 -1.97 3.21 -6.58
N GLU B 30 -2.05 2.79 -5.32
CA GLU B 30 -2.80 3.53 -4.31
C GLU B 30 -2.28 4.96 -4.22
N ILE B 31 -0.96 5.09 -4.09
CA ILE B 31 -0.30 6.38 -3.99
C ILE B 31 -0.54 7.24 -5.24
N GLN B 32 -0.74 6.61 -6.38
CA GLN B 32 -1.03 7.33 -7.61
C GLN B 32 -2.43 7.91 -7.56
N ALA B 33 -3.35 7.13 -7.03
CA ALA B 33 -4.70 7.62 -6.75
C ALA B 33 -4.63 8.77 -5.77
N LEU B 34 -3.87 8.54 -4.70
CA LEU B 34 -3.69 9.53 -3.65
C LEU B 34 -3.01 10.77 -4.20
N ASP B 35 -2.22 10.58 -5.26
CA ASP B 35 -1.44 11.68 -5.85
C ASP B 35 -2.34 12.77 -6.40
N ALA B 36 -3.52 12.39 -6.87
CA ALA B 36 -4.52 13.37 -7.29
C ALA B 36 -5.00 14.17 -6.09
N GLU B 37 -5.21 13.46 -4.98
CA GLU B 37 -5.56 14.10 -3.74
C GLU B 37 -4.37 14.89 -3.19
N ILE B 38 -3.16 14.46 -3.51
CA ILE B 38 -1.96 15.20 -3.13
C ILE B 38 -2.03 16.62 -3.68
N ARG B 39 -2.69 16.78 -4.82
CA ARG B 39 -2.87 18.08 -5.41
C ARG B 39 -3.71 18.98 -4.49
N LYS B 40 -4.73 18.38 -3.88
CA LYS B 40 -5.54 19.12 -2.89
C LYS B 40 -4.69 19.46 -1.67
N LEU B 41 -3.75 18.59 -1.36
CA LEU B 41 -2.81 18.83 -0.28
C LEU B 41 -1.88 19.99 -0.65
N GLU B 42 -1.29 19.91 -1.84
CA GLU B 42 -0.34 20.91 -2.28
C GLU B 42 -0.97 22.31 -2.36
N ARG B 43 -2.25 22.37 -2.69
CA ARG B 43 -2.94 23.66 -2.72
C ARG B 43 -3.14 24.18 -1.29
N LEU B 44 -3.03 23.29 -0.32
CA LEU B 44 -3.02 23.70 1.07
C LEU B 44 -1.60 24.14 1.44
N LEU B 45 -0.67 23.21 1.33
CA LEU B 45 0.76 23.45 1.53
C LEU B 45 1.24 24.74 0.87
N GLU B 46 1.19 24.76 -0.45
CA GLU B 46 1.80 25.82 -1.23
C GLU B 46 0.92 27.06 -1.39
N SER B 47 -0.38 26.84 -1.53
CA SER B 47 -1.28 27.94 -1.86
C SER B 47 -1.91 28.55 -0.61
N GLY B 48 -1.73 27.87 0.52
CA GLY B 48 -2.23 28.37 1.79
C GLY B 48 -3.74 28.41 1.84
N LEU B 49 -4.37 27.49 1.10
CA LEU B 49 -5.82 27.43 0.99
C LEU B 49 -6.49 27.43 2.36
N THR B 50 -5.93 26.63 3.28
CA THR B 50 -6.44 26.53 4.64
C THR B 50 -7.79 25.81 4.68
N MET A 1 19.98 -27.26 -2.37
CA MET A 1 19.85 -25.81 -2.64
C MET A 1 19.98 -25.02 -1.35
N ASP A 2 21.12 -25.12 -0.69
CA ASP A 2 21.36 -24.41 0.55
C ASP A 2 22.38 -23.31 0.36
N SER A 3 23.62 -23.72 0.11
CA SER A 3 24.72 -22.78 -0.04
C SER A 3 24.74 -22.17 -1.44
N ALA A 4 23.85 -22.65 -2.31
CA ALA A 4 23.75 -22.14 -3.66
C ALA A 4 23.03 -20.79 -3.68
N ILE A 5 22.27 -20.53 -2.63
CA ILE A 5 21.56 -19.26 -2.49
C ILE A 5 22.51 -18.19 -1.97
N SER A 6 22.87 -17.26 -2.83
CA SER A 6 23.79 -16.19 -2.46
C SER A 6 23.02 -14.99 -1.92
N LYS A 7 23.70 -13.87 -1.72
CA LYS A 7 23.03 -12.65 -1.30
C LYS A 7 22.19 -12.08 -2.44
N GLU A 8 22.44 -12.60 -3.65
CA GLU A 8 21.67 -12.23 -4.83
C GLU A 8 20.18 -12.47 -4.61
N ASP A 9 19.84 -13.72 -4.26
CA ASP A 9 18.46 -14.10 -3.99
C ASP A 9 17.94 -13.35 -2.76
N GLU A 10 18.80 -13.20 -1.77
CA GLU A 10 18.46 -12.53 -0.51
C GLU A 10 18.03 -11.09 -0.76
N GLU A 11 18.94 -10.29 -1.29
CA GLU A 11 18.68 -8.88 -1.56
C GLU A 11 17.47 -8.69 -2.47
N ARG A 12 17.20 -9.68 -3.30
CA ARG A 12 16.06 -9.63 -4.20
C ARG A 12 14.76 -9.56 -3.41
N TYR A 13 14.67 -10.40 -2.38
CA TYR A 13 13.50 -10.41 -1.52
C TYR A 13 13.53 -9.25 -0.54
N GLN A 14 14.67 -9.04 0.09
CA GLN A 14 14.84 -7.99 1.09
C GLN A 14 14.42 -6.63 0.55
N LYS A 15 15.00 -6.25 -0.57
CA LYS A 15 14.68 -4.98 -1.19
C LYS A 15 13.19 -4.88 -1.53
N LEU A 16 12.57 -6.00 -1.88
CA LEU A 16 11.15 -6.00 -2.23
C LEU A 16 10.29 -5.70 -1.01
N VAL A 17 10.60 -6.36 0.10
CA VAL A 17 9.86 -6.12 1.34
C VAL A 17 10.11 -4.71 1.81
N THR A 18 11.31 -4.21 1.56
CA THR A 18 11.68 -2.86 1.90
C THR A 18 10.74 -1.89 1.18
N GLU A 19 10.54 -2.13 -0.11
CA GLU A 19 9.64 -1.33 -0.93
C GLU A 19 8.25 -1.36 -0.33
N ASN A 20 7.83 -2.56 0.05
CA ASN A 20 6.52 -2.79 0.64
C ASN A 20 6.34 -1.96 1.91
N GLU A 21 7.35 -2.00 2.79
CA GLU A 21 7.30 -1.26 4.05
C GLU A 21 7.28 0.25 3.82
N GLN A 22 7.99 0.72 2.81
CA GLN A 22 8.06 2.15 2.53
C GLN A 22 6.70 2.72 2.24
N LEU A 23 6.10 2.24 1.16
CA LEU A 23 4.93 2.88 0.60
C LEU A 23 3.65 2.55 1.35
N GLN A 24 3.66 1.47 2.12
CA GLN A 24 2.53 1.16 2.99
C GLN A 24 2.39 2.26 4.05
N ARG A 25 3.53 2.79 4.47
CA ARG A 25 3.58 3.90 5.40
C ARG A 25 3.07 5.16 4.71
N LEU A 26 3.58 5.39 3.51
CA LEU A 26 3.23 6.58 2.73
C LEU A 26 1.72 6.61 2.48
N ILE A 27 1.15 5.44 2.23
CA ILE A 27 -0.29 5.31 2.14
C ILE A 27 -0.95 5.73 3.45
N THR A 28 -0.56 5.07 4.53
CA THR A 28 -1.14 5.30 5.84
C THR A 28 -1.07 6.79 6.24
N GLN A 29 0.00 7.47 5.84
CA GLN A 29 0.16 8.90 6.13
C GLN A 29 -0.95 9.68 5.46
N LYS A 30 -0.98 9.58 4.14
CA LYS A 30 -1.95 10.30 3.33
C LYS A 30 -3.38 9.89 3.70
N GLU A 31 -3.60 8.59 3.84
CA GLU A 31 -4.92 8.04 4.13
C GLU A 31 -5.54 8.67 5.37
N GLU A 32 -4.83 8.66 6.49
CA GLU A 32 -5.37 9.20 7.74
C GLU A 32 -5.67 10.69 7.62
N LYS A 33 -4.87 11.39 6.83
CA LYS A 33 -5.10 12.80 6.59
C LYS A 33 -6.33 13.00 5.73
N ILE A 34 -6.42 12.20 4.67
CA ILE A 34 -7.55 12.26 3.76
C ILE A 34 -8.84 11.82 4.46
N ARG A 35 -8.69 10.95 5.48
CA ARG A 35 -9.84 10.54 6.29
C ARG A 35 -10.58 11.74 6.84
N VAL A 36 -9.83 12.69 7.39
CA VAL A 36 -10.41 13.88 7.97
C VAL A 36 -11.07 14.74 6.89
N LEU A 37 -10.41 14.82 5.74
CA LEU A 37 -10.97 15.51 4.59
C LEU A 37 -12.24 14.85 4.14
N ARG A 38 -12.23 13.53 4.13
CA ARG A 38 -13.38 12.74 3.76
C ARG A 38 -14.53 12.98 4.73
N GLN A 39 -14.21 13.09 6.02
CA GLN A 39 -15.19 13.49 7.03
C GLN A 39 -15.83 14.82 6.69
N ARG A 40 -15.00 15.76 6.28
CA ARG A 40 -15.47 17.06 5.82
C ARG A 40 -16.42 16.87 4.64
N LEU A 41 -16.00 16.04 3.70
CA LEU A 41 -16.81 15.71 2.54
C LEU A 41 -18.11 15.02 2.96
N VAL A 42 -18.08 14.31 4.08
CA VAL A 42 -19.28 13.64 4.62
C VAL A 42 -20.37 14.66 4.90
N GLU A 43 -20.01 15.72 5.61
CA GLU A 43 -20.97 16.78 5.93
C GLU A 43 -21.33 17.57 4.66
N ARG A 44 -20.39 17.63 3.72
CA ARG A 44 -20.65 18.26 2.43
C ARG A 44 -21.54 17.37 1.58
N GLY A 45 -21.56 16.09 1.93
CA GLY A 45 -22.42 15.13 1.26
C GLY A 45 -21.80 14.55 0.00
N ASP A 46 -20.48 14.41 0.00
CA ASP A 46 -19.78 13.86 -1.16
C ASP A 46 -20.17 12.40 -1.38
N ALA A 47 -20.51 11.72 -0.29
CA ALA A 47 -20.95 10.33 -0.37
C ALA A 47 -22.27 10.24 -1.15
N LYS A 48 -23.02 11.34 -1.13
CA LYS A 48 -24.28 11.41 -1.86
C LYS A 48 -24.06 11.97 -3.27
N GLY A 49 -22.83 12.41 -3.53
CA GLY A 49 -22.50 12.96 -4.83
C GLY A 49 -22.33 11.89 -5.88
N THR A 50 -22.20 10.65 -5.44
CA THR A 50 -22.14 9.52 -6.32
C THR A 50 -23.29 8.56 -6.00
N GLU A 51 -24.27 8.52 -6.87
CA GLU A 51 -25.42 7.64 -6.72
C GLU A 51 -25.04 6.19 -7.04
N LEU A 52 -26.06 5.34 -7.22
CA LEU A 52 -25.88 3.92 -7.56
C LEU A 52 -25.45 3.11 -6.35
N ASN A 53 -25.35 3.79 -5.20
CA ASN A 53 -24.88 3.21 -3.93
C ASN A 53 -23.68 2.27 -4.12
N GLY B 1 -4.81 -28.72 7.28
CA GLY B 1 -3.80 -29.27 8.17
C GLY B 1 -2.41 -28.78 7.83
N PRO B 2 -1.63 -29.58 7.10
CA PRO B 2 -0.22 -29.29 6.81
C PRO B 2 -0.04 -28.21 5.74
N LEU B 3 1.21 -28.02 5.34
CA LEU B 3 1.61 -27.01 4.36
C LEU B 3 0.63 -26.92 3.17
N GLY B 4 -0.06 -25.80 3.09
CA GLY B 4 -0.97 -25.57 1.99
C GLY B 4 -0.45 -24.49 1.07
N SER B 5 -0.19 -23.32 1.63
CA SER B 5 0.34 -22.20 0.87
C SER B 5 1.87 -22.25 0.83
N ARG B 6 2.47 -22.78 1.90
CA ARG B 6 3.93 -22.90 1.99
C ARG B 6 4.47 -23.76 0.85
N ARG B 7 4.17 -25.06 0.92
CA ARG B 7 4.61 -26.03 -0.10
C ARG B 7 6.14 -26.04 -0.21
N PHE B 8 6.80 -26.18 0.94
CA PHE B 8 8.26 -26.20 1.02
C PHE B 8 8.85 -24.86 0.59
N VAL B 9 10.17 -24.83 0.39
CA VAL B 9 10.84 -23.61 -0.06
C VAL B 9 10.46 -23.29 -1.51
N VAL B 10 9.90 -24.29 -2.19
CA VAL B 10 9.53 -24.17 -3.60
C VAL B 10 8.59 -22.98 -3.82
N ASP B 11 7.39 -23.05 -3.25
CA ASP B 11 6.44 -21.96 -3.41
C ASP B 11 6.80 -20.80 -2.52
N ASP B 12 7.19 -21.09 -1.28
CA ASP B 12 7.55 -20.03 -0.32
C ASP B 12 8.55 -19.05 -0.92
N ARG B 13 9.29 -19.49 -1.91
CA ARG B 13 10.27 -18.63 -2.54
C ARG B 13 9.58 -17.71 -3.54
N ARG B 14 9.07 -18.30 -4.62
CA ARG B 14 8.47 -17.54 -5.70
C ARG B 14 7.10 -16.98 -5.29
N GLU B 15 6.30 -17.84 -4.69
CA GLU B 15 4.92 -17.50 -4.34
C GLU B 15 4.85 -16.42 -3.27
N LEU B 16 5.76 -16.46 -2.30
CA LEU B 16 5.75 -15.47 -1.24
C LEU B 16 6.26 -14.13 -1.76
N GLN B 17 7.41 -14.13 -2.43
CA GLN B 17 8.00 -12.89 -2.94
C GLN B 17 7.06 -12.26 -3.96
N TYR B 18 6.34 -13.11 -4.69
CA TYR B 18 5.38 -12.64 -5.69
C TYR B 18 4.39 -11.66 -5.08
N ARG B 19 3.78 -12.04 -3.95
CA ARG B 19 2.77 -11.20 -3.33
C ARG B 19 3.37 -9.89 -2.85
N VAL B 20 4.66 -9.90 -2.57
CA VAL B 20 5.33 -8.72 -2.06
C VAL B 20 5.48 -7.67 -3.16
N GLU B 21 5.87 -8.10 -4.36
CA GLU B 21 6.00 -7.17 -5.50
C GLU B 21 4.66 -6.70 -6.04
N VAL B 22 3.61 -7.51 -5.94
CA VAL B 22 2.28 -7.00 -6.30
C VAL B 22 1.83 -5.98 -5.27
N GLN B 23 2.11 -6.24 -3.99
CA GLN B 23 1.84 -5.26 -2.94
C GLN B 23 2.61 -3.97 -3.22
N ASN B 24 3.87 -4.13 -3.66
CA ASN B 24 4.70 -3.01 -4.08
C ASN B 24 3.97 -2.16 -5.14
N ARG B 25 3.32 -2.84 -6.08
CA ARG B 25 2.64 -2.17 -7.18
C ARG B 25 1.29 -1.61 -6.74
N VAL B 26 0.46 -2.47 -6.15
CA VAL B 26 -0.89 -2.08 -5.74
C VAL B 26 -0.86 -0.91 -4.77
N TYR B 27 0.02 -0.97 -3.79
CA TYR B 27 0.16 0.10 -2.82
C TYR B 27 0.61 1.39 -3.49
N LYS B 28 1.45 1.24 -4.50
CA LYS B 28 1.95 2.37 -5.28
C LYS B 28 0.81 2.99 -6.06
N LYS B 29 -0.05 2.14 -6.61
CA LYS B 29 -1.23 2.58 -7.32
C LYS B 29 -2.15 3.37 -6.41
N GLU B 30 -2.25 2.93 -5.16
CA GLU B 30 -3.05 3.65 -4.17
C GLU B 30 -2.51 5.06 -4.00
N ILE B 31 -1.20 5.16 -3.79
CA ILE B 31 -0.54 6.44 -3.57
C ILE B 31 -0.79 7.42 -4.71
N GLN B 32 -0.74 6.93 -5.94
CA GLN B 32 -0.99 7.78 -7.10
C GLN B 32 -2.39 8.35 -7.04
N ALA B 33 -3.34 7.49 -6.69
CA ALA B 33 -4.72 7.91 -6.47
C ALA B 33 -4.78 8.90 -5.31
N LEU B 34 -4.15 8.53 -4.21
CA LEU B 34 -4.13 9.34 -2.99
C LEU B 34 -3.47 10.69 -3.23
N ASP B 35 -2.61 10.75 -4.24
CA ASP B 35 -1.94 12.00 -4.60
C ASP B 35 -2.96 13.01 -5.11
N ALA B 36 -4.02 12.51 -5.73
CA ALA B 36 -5.13 13.37 -6.12
C ALA B 36 -5.86 13.86 -4.87
N GLU B 37 -5.99 12.98 -3.88
CA GLU B 37 -6.53 13.38 -2.60
C GLU B 37 -5.58 14.34 -1.89
N ILE B 38 -4.30 14.25 -2.18
CA ILE B 38 -3.34 15.23 -1.67
C ILE B 38 -3.79 16.63 -2.05
N ARG B 39 -4.41 16.77 -3.22
CA ARG B 39 -4.93 18.05 -3.65
C ARG B 39 -6.03 18.51 -2.69
N LYS B 40 -6.87 17.59 -2.24
CA LYS B 40 -7.91 17.93 -1.26
C LYS B 40 -7.27 18.33 0.06
N LEU B 41 -6.14 17.70 0.38
CA LEU B 41 -5.36 18.06 1.55
C LEU B 41 -4.76 19.43 1.39
N GLU B 42 -4.32 19.76 0.18
CA GLU B 42 -3.80 21.08 -0.12
C GLU B 42 -4.89 22.13 0.05
N ARG B 43 -6.13 21.74 -0.22
CA ARG B 43 -7.28 22.61 0.00
C ARG B 43 -7.44 22.90 1.50
N LEU B 44 -7.05 21.92 2.31
CA LEU B 44 -7.02 22.08 3.76
C LEU B 44 -5.87 23.02 4.14
N LEU B 45 -4.71 22.74 3.58
CA LEU B 45 -3.49 23.51 3.84
C LEU B 45 -3.65 24.98 3.44
N GLU B 46 -3.97 25.19 2.17
CA GLU B 46 -4.05 26.54 1.60
C GLU B 46 -5.17 27.37 2.25
N SER B 47 -6.27 26.72 2.59
CA SER B 47 -7.40 27.43 3.18
C SER B 47 -7.12 27.78 4.65
N GLY B 48 -6.00 27.26 5.17
CA GLY B 48 -5.64 27.55 6.54
C GLY B 48 -6.51 26.81 7.53
N LEU B 49 -7.02 25.66 7.13
CA LEU B 49 -7.88 24.86 7.96
C LEU B 49 -7.02 24.08 8.97
N THR B 50 -5.85 23.68 8.53
CA THR B 50 -4.90 22.99 9.40
C THR B 50 -3.47 23.31 8.96
N MET A 1 24.13 -20.52 3.06
CA MET A 1 25.23 -20.55 2.06
C MET A 1 24.72 -21.15 0.75
N ASP A 2 24.33 -20.29 -0.18
CA ASP A 2 23.82 -20.75 -1.47
C ASP A 2 24.72 -20.25 -2.59
N SER A 3 24.85 -21.08 -3.62
CA SER A 3 25.68 -20.75 -4.77
C SER A 3 24.83 -20.08 -5.84
N ALA A 4 23.65 -20.63 -6.10
CA ALA A 4 22.72 -20.06 -7.06
C ALA A 4 22.09 -18.80 -6.50
N ILE A 5 21.62 -18.89 -5.26
CA ILE A 5 21.07 -17.73 -4.57
C ILE A 5 22.21 -16.95 -3.92
N SER A 6 22.65 -15.90 -4.58
CA SER A 6 23.74 -15.10 -4.07
C SER A 6 23.18 -13.92 -3.29
N LYS A 7 24.05 -13.05 -2.79
CA LYS A 7 23.60 -11.85 -2.13
C LYS A 7 22.72 -11.03 -3.07
N GLU A 8 22.98 -11.20 -4.36
CA GLU A 8 22.19 -10.58 -5.42
C GLU A 8 20.72 -10.97 -5.30
N ASP A 9 20.45 -12.27 -5.22
CA ASP A 9 19.07 -12.76 -5.14
C ASP A 9 18.52 -12.52 -3.75
N GLU A 10 19.42 -12.52 -2.77
CA GLU A 10 19.07 -12.26 -1.38
C GLU A 10 18.53 -10.84 -1.22
N GLU A 11 19.37 -9.86 -1.54
CA GLU A 11 18.99 -8.46 -1.50
C GLU A 11 17.76 -8.19 -2.35
N ARG A 12 17.60 -8.97 -3.41
CA ARG A 12 16.42 -8.86 -4.28
C ARG A 12 15.14 -9.01 -3.45
N TYR A 13 15.11 -10.03 -2.59
CA TYR A 13 13.98 -10.23 -1.70
C TYR A 13 13.94 -9.15 -0.62
N GLN A 14 15.08 -8.90 0.00
CA GLN A 14 15.17 -7.92 1.08
C GLN A 14 14.66 -6.57 0.65
N LYS A 15 15.24 -6.03 -0.41
CA LYS A 15 14.81 -4.76 -0.97
C LYS A 15 13.33 -4.79 -1.34
N LEU A 16 12.83 -5.97 -1.71
CA LEU A 16 11.42 -6.12 -2.08
C LEU A 16 10.53 -5.90 -0.86
N VAL A 17 10.92 -6.47 0.27
CA VAL A 17 10.18 -6.26 1.50
C VAL A 17 10.22 -4.78 1.87
N THR A 18 11.39 -4.19 1.67
CA THR A 18 11.60 -2.80 1.95
C THR A 18 10.67 -1.93 1.10
N GLU A 19 10.50 -2.33 -0.16
CA GLU A 19 9.64 -1.59 -1.07
C GLU A 19 8.22 -1.46 -0.52
N ASN A 20 7.66 -2.55 -0.02
CA ASN A 20 6.29 -2.53 0.46
C ASN A 20 6.21 -1.90 1.86
N GLU A 21 7.29 -1.98 2.63
CA GLU A 21 7.34 -1.32 3.94
C GLU A 21 7.25 0.19 3.80
N GLN A 22 7.99 0.73 2.84
CA GLN A 22 8.05 2.17 2.64
C GLN A 22 6.69 2.76 2.30
N LEU A 23 6.11 2.30 1.20
CA LEU A 23 4.95 2.95 0.65
C LEU A 23 3.66 2.60 1.39
N GLN A 24 3.66 1.51 2.15
CA GLN A 24 2.50 1.20 2.99
C GLN A 24 2.36 2.27 4.07
N ARG A 25 3.50 2.79 4.50
CA ARG A 25 3.56 3.89 5.43
C ARG A 25 3.09 5.16 4.75
N LEU A 26 3.62 5.39 3.55
CA LEU A 26 3.29 6.57 2.76
C LEU A 26 1.78 6.66 2.55
N ILE A 27 1.16 5.51 2.38
CA ILE A 27 -0.29 5.42 2.31
C ILE A 27 -0.92 5.93 3.58
N THR A 28 -0.55 5.33 4.72
CA THR A 28 -1.16 5.66 6.00
C THR A 28 -1.05 7.15 6.32
N GLN A 29 0.05 7.79 5.89
CA GLN A 29 0.26 9.21 6.15
C GLN A 29 -0.77 10.05 5.41
N LYS A 30 -0.95 9.73 4.15
CA LYS A 30 -1.94 10.43 3.33
C LYS A 30 -3.36 10.05 3.76
N GLU A 31 -3.57 8.78 4.02
CA GLU A 31 -4.87 8.26 4.42
C GLU A 31 -5.44 8.97 5.65
N GLU A 32 -4.63 9.07 6.70
CA GLU A 32 -5.08 9.70 7.94
C GLU A 32 -5.53 11.14 7.72
N LYS A 33 -4.82 11.85 6.85
CA LYS A 33 -5.17 13.24 6.54
C LYS A 33 -6.37 13.32 5.61
N ILE A 34 -6.45 12.39 4.65
CA ILE A 34 -7.57 12.34 3.73
C ILE A 34 -8.86 11.99 4.48
N ARG A 35 -8.73 11.21 5.56
CA ARG A 35 -9.88 10.87 6.39
C ARG A 35 -10.55 12.13 6.90
N VAL A 36 -9.75 13.05 7.40
CA VAL A 36 -10.25 14.30 7.91
C VAL A 36 -10.84 15.14 6.78
N LEU A 37 -10.19 15.10 5.63
CA LEU A 37 -10.69 15.77 4.44
C LEU A 37 -12.07 15.25 4.08
N ARG A 38 -12.23 13.94 4.16
CA ARG A 38 -13.47 13.30 3.85
C ARG A 38 -14.56 13.77 4.80
N GLN A 39 -14.22 13.87 6.08
CA GLN A 39 -15.11 14.45 7.09
C GLN A 39 -15.43 15.90 6.76
N ARG A 40 -14.39 16.64 6.41
CA ARG A 40 -14.53 18.04 6.05
C ARG A 40 -15.49 18.21 4.88
N LEU A 41 -15.41 17.30 3.91
CA LEU A 41 -16.31 17.36 2.77
C LEU A 41 -17.72 16.94 3.16
N VAL A 42 -17.86 16.19 4.25
CA VAL A 42 -19.18 15.84 4.76
C VAL A 42 -19.95 17.11 5.09
N GLU A 43 -19.27 18.05 5.71
CA GLU A 43 -19.88 19.33 6.05
C GLU A 43 -19.81 20.32 4.89
N ARG A 44 -19.13 19.94 3.81
CA ARG A 44 -19.17 20.73 2.59
C ARG A 44 -20.39 20.28 1.78
N GLY A 45 -20.71 19.01 1.95
CA GLY A 45 -21.85 18.41 1.31
C GLY A 45 -21.44 17.62 0.09
N ASP A 46 -20.27 17.00 0.17
CA ASP A 46 -19.74 16.17 -0.91
C ASP A 46 -20.40 14.79 -0.87
N ALA A 47 -21.29 14.63 0.10
CA ALA A 47 -22.00 13.36 0.30
C ALA A 47 -23.06 13.14 -0.77
N LYS A 48 -23.01 13.94 -1.83
CA LYS A 48 -23.92 13.81 -2.95
C LYS A 48 -23.66 12.50 -3.70
N GLY A 49 -22.43 12.00 -3.57
CA GLY A 49 -22.10 10.70 -4.12
C GLY A 49 -22.58 9.59 -3.20
N THR A 50 -21.71 9.12 -2.32
CA THR A 50 -22.08 8.12 -1.34
C THR A 50 -21.31 8.33 -0.04
N GLU A 51 -21.89 9.12 0.84
CA GLU A 51 -21.33 9.32 2.16
C GLU A 51 -22.47 9.44 3.17
N LEU A 52 -22.88 8.32 3.70
CA LEU A 52 -24.03 8.27 4.56
C LEU A 52 -23.62 8.45 6.01
N ASN A 53 -23.15 7.38 6.61
CA ASN A 53 -22.75 7.37 8.01
C ASN A 53 -21.53 6.48 8.19
N GLY B 1 3.01 -24.47 11.66
CA GLY B 1 3.15 -24.83 10.26
C GLY B 1 2.54 -26.18 9.93
N PRO B 2 2.22 -26.41 8.66
CA PRO B 2 1.68 -27.68 8.19
C PRO B 2 2.77 -28.72 7.92
N LEU B 3 2.39 -29.83 7.30
CA LEU B 3 3.34 -30.85 6.89
C LEU B 3 4.55 -30.25 6.17
N GLY B 4 5.74 -30.67 6.59
CA GLY B 4 6.96 -30.11 6.04
C GLY B 4 7.38 -30.81 4.77
N SER B 5 6.59 -31.77 4.33
CA SER B 5 6.87 -32.54 3.13
C SER B 5 6.83 -31.67 1.86
N ARG B 6 6.34 -30.45 2.00
CA ARG B 6 6.31 -29.52 0.87
C ARG B 6 7.67 -28.85 0.70
N ARG B 7 8.47 -28.90 1.76
CA ARG B 7 9.73 -28.15 1.84
C ARG B 7 9.46 -26.66 1.94
N PHE B 8 9.37 -26.16 3.17
CA PHE B 8 9.03 -24.76 3.44
C PHE B 8 10.04 -23.82 2.83
N VAL B 9 11.27 -24.31 2.66
CA VAL B 9 12.33 -23.53 2.04
C VAL B 9 11.90 -23.05 0.64
N VAL B 10 11.08 -23.87 -0.02
CA VAL B 10 10.63 -23.55 -1.36
C VAL B 10 9.54 -22.47 -1.33
N ASP B 11 8.50 -22.68 -0.52
CA ASP B 11 7.39 -21.74 -0.49
C ASP B 11 7.74 -20.47 0.24
N ASP B 12 8.67 -20.53 1.17
CA ASP B 12 9.12 -19.32 1.83
C ASP B 12 9.96 -18.51 0.84
N ARG B 13 10.53 -19.20 -0.13
CA ARG B 13 11.43 -18.55 -1.06
C ARG B 13 10.64 -17.93 -2.20
N ARG B 14 10.11 -18.77 -3.08
CA ARG B 14 9.41 -18.29 -4.26
C ARG B 14 8.03 -17.77 -3.92
N GLU B 15 7.35 -18.48 -3.03
CA GLU B 15 5.97 -18.16 -2.72
C GLU B 15 5.86 -16.95 -1.77
N LEU B 16 6.82 -16.79 -0.86
CA LEU B 16 6.75 -15.68 0.07
C LEU B 16 7.17 -14.39 -0.64
N GLN B 17 8.26 -14.44 -1.40
CA GLN B 17 8.74 -13.26 -2.12
C GLN B 17 7.69 -12.75 -3.08
N TYR B 18 6.92 -13.69 -3.62
CA TYR B 18 5.87 -13.36 -4.58
C TYR B 18 4.83 -12.42 -3.96
N ARG B 19 4.43 -12.69 -2.72
CA ARG B 19 3.43 -11.85 -2.07
C ARG B 19 4.02 -10.48 -1.75
N VAL B 20 5.34 -10.42 -1.65
CA VAL B 20 6.01 -9.19 -1.28
C VAL B 20 5.98 -8.19 -2.44
N GLU B 21 6.26 -8.66 -3.65
CA GLU B 21 6.20 -7.80 -4.83
C GLU B 21 4.79 -7.30 -5.10
N VAL B 22 3.78 -8.17 -4.97
CA VAL B 22 2.40 -7.73 -5.14
C VAL B 22 2.05 -6.70 -4.07
N GLN B 23 2.49 -6.93 -2.83
CA GLN B 23 2.26 -5.96 -1.77
C GLN B 23 2.85 -4.60 -2.13
N ASN B 24 4.09 -4.62 -2.65
CA ASN B 24 4.73 -3.40 -3.13
C ASN B 24 3.87 -2.71 -4.19
N ARG B 25 3.38 -3.49 -5.13
CA ARG B 25 2.64 -2.97 -6.27
C ARG B 25 1.22 -2.51 -5.90
N VAL B 26 0.53 -3.29 -5.10
CA VAL B 26 -0.82 -2.95 -4.64
C VAL B 26 -0.81 -1.64 -3.87
N TYR B 27 0.12 -1.52 -2.93
CA TYR B 27 0.23 -0.30 -2.13
C TYR B 27 0.57 0.90 -3.01
N LYS B 28 1.26 0.63 -4.11
CA LYS B 28 1.61 1.69 -5.06
C LYS B 28 0.36 2.18 -5.76
N LYS B 29 -0.53 1.24 -6.09
CA LYS B 29 -1.81 1.56 -6.70
C LYS B 29 -2.60 2.49 -5.80
N GLU B 30 -2.56 2.22 -4.49
CA GLU B 30 -3.27 3.02 -3.51
C GLU B 30 -2.79 4.46 -3.55
N ILE B 31 -1.48 4.65 -3.46
CA ILE B 31 -0.89 6.00 -3.41
C ILE B 31 -1.25 6.84 -4.62
N GLN B 32 -1.36 6.21 -5.79
CA GLN B 32 -1.72 6.94 -6.99
C GLN B 32 -3.18 7.39 -6.91
N ALA B 33 -4.01 6.51 -6.37
CA ALA B 33 -5.40 6.84 -6.10
C ALA B 33 -5.48 7.95 -5.06
N LEU B 34 -4.66 7.78 -4.02
CA LEU B 34 -4.59 8.75 -2.93
C LEU B 34 -4.02 10.07 -3.42
N ASP B 35 -3.24 10.02 -4.50
CA ASP B 35 -2.66 11.23 -5.08
C ASP B 35 -3.76 12.16 -5.57
N ALA B 36 -4.87 11.58 -6.02
CA ALA B 36 -6.05 12.36 -6.37
C ALA B 36 -6.58 13.06 -5.13
N GLU B 37 -6.57 12.34 -4.02
CA GLU B 37 -6.96 12.90 -2.74
C GLU B 37 -5.93 13.92 -2.25
N ILE B 38 -4.67 13.73 -2.64
CA ILE B 38 -3.64 14.71 -2.33
C ILE B 38 -4.06 16.09 -2.86
N ARG B 39 -4.79 16.10 -3.97
CA ARG B 39 -5.33 17.35 -4.52
C ARG B 39 -6.30 17.99 -3.53
N LYS B 40 -7.19 17.18 -2.95
CA LYS B 40 -8.16 17.69 -1.97
C LYS B 40 -7.43 18.19 -0.73
N LEU B 41 -6.34 17.51 -0.39
CA LEU B 41 -5.47 17.94 0.68
C LEU B 41 -4.85 19.30 0.37
N GLU B 42 -4.13 19.36 -0.76
CA GLU B 42 -3.35 20.54 -1.12
C GLU B 42 -4.22 21.78 -1.28
N ARG B 43 -5.42 21.63 -1.83
CA ARG B 43 -6.31 22.77 -2.00
C ARG B 43 -6.65 23.41 -0.65
N LEU B 44 -6.78 22.59 0.38
CA LEU B 44 -7.02 23.08 1.72
C LEU B 44 -5.71 23.49 2.39
N LEU B 45 -4.62 22.81 2.02
CA LEU B 45 -3.29 23.19 2.49
C LEU B 45 -2.98 24.62 2.10
N GLU B 46 -3.03 24.87 0.80
CA GLU B 46 -2.75 26.18 0.24
C GLU B 46 -3.69 27.25 0.80
N SER B 47 -4.96 26.89 0.96
CA SER B 47 -5.95 27.83 1.46
C SER B 47 -5.68 28.17 2.93
N GLY B 48 -5.29 27.17 3.70
CA GLY B 48 -4.97 27.39 5.10
C GLY B 48 -5.95 26.73 6.05
N LEU B 49 -6.57 25.64 5.61
CA LEU B 49 -7.50 24.90 6.47
C LEU B 49 -6.77 23.86 7.29
N THR B 50 -5.63 23.41 6.79
CA THR B 50 -4.87 22.37 7.44
C THR B 50 -3.62 22.94 8.11
N MET A 1 22.10 -25.49 6.09
CA MET A 1 21.77 -24.09 6.45
C MET A 1 21.52 -23.26 5.19
N ASP A 2 20.72 -23.82 4.28
CA ASP A 2 20.40 -23.19 3.00
C ASP A 2 21.64 -23.03 2.14
N SER A 3 21.82 -23.97 1.24
CA SER A 3 22.91 -23.91 0.27
C SER A 3 22.35 -23.52 -1.09
N ALA A 4 21.11 -23.07 -1.11
CA ALA A 4 20.44 -22.69 -2.35
C ALA A 4 20.49 -21.20 -2.57
N ILE A 5 19.95 -20.43 -1.62
CA ILE A 5 19.86 -18.99 -1.75
C ILE A 5 21.14 -18.31 -1.29
N SER A 6 21.69 -17.45 -2.13
CA SER A 6 22.86 -16.67 -1.75
C SER A 6 22.42 -15.27 -1.33
N LYS A 7 23.37 -14.39 -1.05
CA LYS A 7 23.03 -13.02 -0.70
C LYS A 7 22.32 -12.34 -1.87
N GLU A 8 22.60 -12.83 -3.07
CA GLU A 8 22.00 -12.33 -4.30
C GLU A 8 20.48 -12.21 -4.19
N ASP A 9 19.81 -13.35 -4.12
CA ASP A 9 18.36 -13.39 -4.14
C ASP A 9 17.78 -12.95 -2.80
N GLU A 10 18.58 -13.07 -1.75
CA GLU A 10 18.15 -12.65 -0.42
C GLU A 10 17.93 -11.14 -0.39
N GLU A 11 18.99 -10.38 -0.62
CA GLU A 11 18.90 -8.92 -0.66
C GLU A 11 17.87 -8.48 -1.68
N ARG A 12 17.77 -9.24 -2.77
CA ARG A 12 16.76 -9.00 -3.80
C ARG A 12 15.35 -9.05 -3.19
N TYR A 13 15.08 -10.12 -2.46
CA TYR A 13 13.82 -10.27 -1.74
C TYR A 13 13.66 -9.18 -0.68
N GLN A 14 14.72 -8.98 0.09
CA GLN A 14 14.72 -7.99 1.17
C GLN A 14 14.32 -6.61 0.68
N LYS A 15 14.99 -6.13 -0.35
CA LYS A 15 14.68 -4.84 -0.94
C LYS A 15 13.22 -4.75 -1.38
N LEU A 16 12.66 -5.88 -1.77
CA LEU A 16 11.27 -5.94 -2.20
C LEU A 16 10.32 -5.72 -1.02
N VAL A 17 10.59 -6.40 0.08
CA VAL A 17 9.82 -6.20 1.30
C VAL A 17 10.04 -4.79 1.81
N THR A 18 11.23 -4.29 1.56
CA THR A 18 11.61 -2.95 1.90
C THR A 18 10.70 -1.94 1.19
N GLU A 19 10.54 -2.12 -0.12
CA GLU A 19 9.64 -1.29 -0.90
C GLU A 19 8.27 -1.26 -0.27
N ASN A 20 7.80 -2.44 0.11
CA ASN A 20 6.50 -2.60 0.74
C ASN A 20 6.39 -1.79 2.03
N GLU A 21 7.40 -1.90 2.88
CA GLU A 21 7.43 -1.15 4.13
C GLU A 21 7.36 0.35 3.87
N GLN A 22 8.04 0.80 2.82
CA GLN A 22 8.10 2.21 2.49
C GLN A 22 6.71 2.77 2.16
N LEU A 23 6.11 2.24 1.11
CA LEU A 23 4.92 2.84 0.54
C LEU A 23 3.65 2.49 1.31
N GLN A 24 3.68 1.41 2.09
CA GLN A 24 2.53 1.08 2.93
C GLN A 24 2.39 2.14 4.02
N ARG A 25 3.52 2.69 4.43
CA ARG A 25 3.58 3.77 5.38
C ARG A 25 3.07 5.05 4.72
N LEU A 26 3.51 5.25 3.48
CA LEU A 26 3.09 6.40 2.70
C LEU A 26 1.58 6.39 2.50
N ILE A 27 1.03 5.19 2.39
CA ILE A 27 -0.41 5.02 2.36
C ILE A 27 -1.02 5.46 3.68
N THR A 28 -0.56 4.85 4.79
CA THR A 28 -1.13 5.13 6.11
C THR A 28 -1.07 6.62 6.44
N GLN A 29 0.01 7.29 6.04
CA GLN A 29 0.18 8.72 6.28
C GLN A 29 -0.91 9.51 5.61
N LYS A 30 -1.03 9.31 4.32
CA LYS A 30 -2.09 9.95 3.53
C LYS A 30 -3.46 9.52 4.03
N GLU A 31 -3.65 8.22 4.16
CA GLU A 31 -4.90 7.62 4.66
C GLU A 31 -5.39 8.31 5.91
N GLU A 32 -4.58 8.31 6.97
CA GLU A 32 -5.01 8.83 8.26
C GLU A 32 -5.46 10.29 8.15
N LYS A 33 -4.82 11.04 7.25
CA LYS A 33 -5.20 12.44 7.02
C LYS A 33 -6.48 12.52 6.19
N ILE A 34 -6.56 11.68 5.17
CA ILE A 34 -7.73 11.64 4.29
C ILE A 34 -8.98 11.22 5.06
N ARG A 35 -8.80 10.34 6.03
CA ARG A 35 -9.91 9.87 6.86
C ARG A 35 -10.51 11.03 7.64
N VAL A 36 -9.66 11.93 8.07
CA VAL A 36 -10.09 13.14 8.75
C VAL A 36 -10.84 14.04 7.77
N LEU A 37 -10.36 14.06 6.53
CA LEU A 37 -11.03 14.78 5.45
C LEU A 37 -12.38 14.17 5.14
N ARG A 38 -12.45 12.85 5.25
CA ARG A 38 -13.71 12.15 5.03
C ARG A 38 -14.76 12.64 6.02
N GLN A 39 -14.32 12.96 7.23
CA GLN A 39 -15.19 13.54 8.25
C GLN A 39 -15.65 14.94 7.82
N ARG A 40 -14.74 15.72 7.24
CA ARG A 40 -15.12 17.00 6.65
C ARG A 40 -16.18 16.78 5.60
N LEU A 41 -16.00 15.73 4.81
CA LEU A 41 -16.94 15.42 3.74
C LEU A 41 -18.26 14.92 4.33
N VAL A 42 -18.22 14.42 5.55
CA VAL A 42 -19.44 14.03 6.26
C VAL A 42 -20.30 15.26 6.53
N GLU A 43 -19.65 16.30 7.02
CA GLU A 43 -20.33 17.55 7.30
C GLU A 43 -20.79 18.22 6.00
N ARG A 44 -19.95 18.13 4.98
CA ARG A 44 -20.30 18.59 3.64
C ARG A 44 -21.46 17.80 3.06
N GLY A 45 -21.43 16.50 3.30
CA GLY A 45 -22.44 15.60 2.79
C GLY A 45 -21.92 14.73 1.67
N ASP A 46 -20.69 15.02 1.26
CA ASP A 46 -20.03 14.28 0.19
C ASP A 46 -19.73 12.85 0.60
N ALA A 47 -19.57 12.63 1.89
CA ALA A 47 -19.34 11.28 2.41
C ALA A 47 -20.56 10.80 3.20
N LYS A 48 -21.58 11.65 3.27
CA LYS A 48 -22.77 11.35 4.03
C LYS A 48 -23.87 10.83 3.09
N GLY A 49 -23.52 10.72 1.82
CA GLY A 49 -24.45 10.18 0.85
C GLY A 49 -24.58 8.68 0.97
N THR A 50 -23.55 8.05 1.49
CA THR A 50 -23.54 6.62 1.68
C THR A 50 -23.14 6.28 3.12
N GLU A 51 -24.06 5.66 3.82
CA GLU A 51 -23.83 5.25 5.21
C GLU A 51 -23.11 3.91 5.27
N LEU A 52 -21.79 3.98 5.36
CA LEU A 52 -20.98 2.77 5.47
C LEU A 52 -20.75 2.43 6.94
N ASN A 53 -21.06 3.41 7.79
CA ASN A 53 -20.92 3.30 9.24
C ASN A 53 -19.45 3.11 9.64
N GLY B 1 -1.70 -28.72 -16.35
CA GLY B 1 -2.82 -28.41 -15.50
C GLY B 1 -2.69 -27.07 -14.80
N PRO B 2 -3.12 -26.98 -13.53
CA PRO B 2 -3.15 -25.73 -12.78
C PRO B 2 -1.79 -25.35 -12.22
N LEU B 3 -1.80 -24.32 -11.37
CA LEU B 3 -0.59 -23.85 -10.69
C LEU B 3 0.27 -24.98 -10.12
N GLY B 4 1.56 -24.71 -9.99
CA GLY B 4 2.52 -25.71 -9.57
C GLY B 4 2.48 -26.01 -8.08
N SER B 5 1.40 -25.60 -7.41
CA SER B 5 1.26 -25.76 -5.97
C SER B 5 1.19 -27.21 -5.53
N ARG B 6 1.28 -28.14 -6.48
CA ARG B 6 1.40 -29.55 -6.15
C ARG B 6 2.79 -29.81 -5.58
N ARG B 7 3.73 -28.95 -5.94
CA ARG B 7 5.07 -28.98 -5.39
C ARG B 7 5.26 -27.77 -4.49
N PHE B 8 4.87 -27.92 -3.24
CA PHE B 8 4.77 -26.81 -2.29
C PHE B 8 6.11 -26.08 -2.10
N VAL B 9 7.20 -26.73 -2.48
CA VAL B 9 8.52 -26.12 -2.40
C VAL B 9 8.64 -24.92 -3.35
N VAL B 10 8.03 -25.02 -4.52
CA VAL B 10 8.14 -23.97 -5.52
C VAL B 10 7.21 -22.82 -5.19
N ASP B 11 6.13 -23.12 -4.45
CA ASP B 11 5.20 -22.10 -4.00
C ASP B 11 5.91 -21.07 -3.14
N ASP B 12 6.33 -21.47 -1.95
CA ASP B 12 6.95 -20.53 -1.02
C ASP B 12 8.17 -19.84 -1.62
N ARG B 13 8.75 -20.45 -2.64
CA ARG B 13 9.93 -19.87 -3.26
C ARG B 13 9.53 -18.77 -4.24
N ARG B 14 8.88 -19.15 -5.32
CA ARG B 14 8.51 -18.21 -6.36
C ARG B 14 7.37 -17.31 -5.89
N GLU B 15 6.37 -17.93 -5.28
CA GLU B 15 5.14 -17.24 -4.93
C GLU B 15 5.32 -16.25 -3.80
N LEU B 16 6.12 -16.60 -2.78
CA LEU B 16 6.30 -15.71 -1.65
C LEU B 16 6.93 -14.39 -2.10
N GLN B 17 8.07 -14.48 -2.76
CA GLN B 17 8.74 -13.27 -3.23
C GLN B 17 7.89 -12.58 -4.30
N TYR B 18 7.09 -13.35 -5.01
CA TYR B 18 6.19 -12.81 -6.02
C TYR B 18 5.07 -11.98 -5.38
N ARG B 19 4.49 -12.48 -4.30
CA ARG B 19 3.38 -11.77 -3.65
C ARG B 19 3.88 -10.43 -3.11
N VAL B 20 5.16 -10.35 -2.81
CA VAL B 20 5.74 -9.15 -2.24
C VAL B 20 5.79 -8.04 -3.29
N GLU B 21 6.19 -8.38 -4.51
CA GLU B 21 6.23 -7.40 -5.61
C GLU B 21 4.82 -6.97 -6.06
N VAL B 22 3.85 -7.87 -6.03
CA VAL B 22 2.48 -7.45 -6.31
C VAL B 22 1.98 -6.56 -5.20
N GLN B 23 2.27 -6.90 -3.95
CA GLN B 23 1.92 -6.04 -2.83
C GLN B 23 2.57 -4.67 -3.00
N ASN B 24 3.84 -4.66 -3.44
CA ASN B 24 4.54 -3.43 -3.81
C ASN B 24 3.72 -2.62 -4.81
N ARG B 25 3.29 -3.28 -5.87
CA ARG B 25 2.49 -2.64 -6.91
C ARG B 25 1.14 -2.17 -6.39
N VAL B 26 0.45 -3.07 -5.70
CA VAL B 26 -0.89 -2.79 -5.17
C VAL B 26 -0.87 -1.59 -4.25
N TYR B 27 0.10 -1.54 -3.34
CA TYR B 27 0.23 -0.41 -2.44
C TYR B 27 0.52 0.87 -3.20
N LYS B 28 1.32 0.76 -4.26
CA LYS B 28 1.63 1.90 -5.11
C LYS B 28 0.38 2.38 -5.82
N LYS B 29 -0.42 1.42 -6.28
CA LYS B 29 -1.68 1.72 -6.95
C LYS B 29 -2.61 2.49 -6.03
N GLU B 30 -2.61 2.13 -4.75
CA GLU B 30 -3.42 2.83 -3.76
C GLU B 30 -3.00 4.28 -3.67
N ILE B 31 -1.69 4.52 -3.57
CA ILE B 31 -1.15 5.86 -3.45
C ILE B 31 -1.54 6.74 -4.64
N GLN B 32 -1.65 6.15 -5.81
CA GLN B 32 -2.11 6.88 -6.98
C GLN B 32 -3.52 7.40 -6.75
N ALA B 33 -4.38 6.50 -6.33
CA ALA B 33 -5.75 6.85 -5.95
C ALA B 33 -5.74 7.91 -4.85
N LEU B 34 -4.92 7.68 -3.84
CA LEU B 34 -4.83 8.56 -2.67
C LEU B 34 -4.25 9.91 -3.04
N ASP B 35 -3.55 9.99 -4.17
CA ASP B 35 -2.98 11.26 -4.63
C ASP B 35 -4.10 12.21 -5.04
N ALA B 36 -5.20 11.65 -5.51
CA ALA B 36 -6.40 12.44 -5.78
C ALA B 36 -6.97 12.97 -4.45
N GLU B 37 -6.84 12.16 -3.42
CA GLU B 37 -7.24 12.58 -2.09
C GLU B 37 -6.25 13.60 -1.54
N ILE B 38 -5.01 13.55 -1.99
CA ILE B 38 -4.04 14.59 -1.66
C ILE B 38 -4.61 15.96 -2.03
N ARG B 39 -5.42 16.00 -3.08
CA ARG B 39 -6.06 17.23 -3.51
C ARG B 39 -7.00 17.75 -2.40
N LYS B 40 -7.82 16.87 -1.85
CA LYS B 40 -8.73 17.24 -0.75
C LYS B 40 -7.91 17.64 0.48
N LEU B 41 -6.78 17.00 0.65
CA LEU B 41 -5.86 17.31 1.73
C LEU B 41 -5.27 18.71 1.55
N GLU B 42 -4.77 18.99 0.35
CA GLU B 42 -4.10 20.26 0.11
C GLU B 42 -5.06 21.43 0.15
N ARG B 43 -6.32 21.22 -0.26
CA ARG B 43 -7.31 22.29 -0.18
C ARG B 43 -7.54 22.66 1.29
N LEU B 44 -7.40 21.66 2.16
CA LEU B 44 -7.46 21.90 3.60
C LEU B 44 -6.24 22.68 4.04
N LEU B 45 -5.08 22.12 3.73
CA LEU B 45 -3.79 22.71 4.07
C LEU B 45 -3.68 24.17 3.63
N GLU B 46 -3.84 24.39 2.34
CA GLU B 46 -3.58 25.70 1.75
C GLU B 46 -4.65 26.72 2.10
N SER B 47 -5.90 26.28 2.12
CA SER B 47 -7.01 27.19 2.37
C SER B 47 -7.20 27.44 3.87
N GLY B 48 -6.71 26.52 4.69
CA GLY B 48 -6.75 26.71 6.13
C GLY B 48 -8.13 26.44 6.72
N LEU B 49 -8.89 25.55 6.07
CA LEU B 49 -10.26 25.27 6.45
C LEU B 49 -10.40 24.89 7.92
N THR B 50 -9.90 23.72 8.29
CA THR B 50 -9.99 23.24 9.66
C THR B 50 -9.06 22.04 9.89
N MET A 1 20.86 -22.42 9.01
CA MET A 1 19.76 -22.51 8.03
C MET A 1 20.21 -21.95 6.68
N ASP A 2 19.29 -21.95 5.71
CA ASP A 2 19.54 -21.38 4.39
C ASP A 2 20.63 -22.15 3.65
N SER A 3 20.28 -23.32 3.14
CA SER A 3 21.23 -24.14 2.39
C SER A 3 20.96 -24.02 0.88
N ALA A 4 19.70 -24.20 0.49
CA ALA A 4 19.32 -24.12 -0.91
C ALA A 4 19.18 -22.67 -1.35
N ILE A 5 18.92 -21.81 -0.38
CA ILE A 5 18.75 -20.39 -0.64
C ILE A 5 20.11 -19.69 -0.66
N SER A 6 20.41 -19.00 -1.75
CA SER A 6 21.64 -18.25 -1.85
C SER A 6 21.38 -16.80 -1.46
N LYS A 7 22.39 -15.94 -1.53
CA LYS A 7 22.19 -14.52 -1.24
C LYS A 7 21.22 -13.94 -2.25
N GLU A 8 21.21 -14.56 -3.42
CA GLU A 8 20.37 -14.20 -4.53
C GLU A 8 18.90 -14.06 -4.12
N ASP A 9 18.29 -15.18 -3.72
CA ASP A 9 16.88 -15.21 -3.37
C ASP A 9 16.60 -14.37 -2.12
N GLU A 10 17.57 -14.34 -1.22
CA GLU A 10 17.43 -13.64 0.05
C GLU A 10 17.41 -12.13 -0.14
N GLU A 11 18.50 -11.58 -0.66
CA GLU A 11 18.64 -10.15 -0.85
C GLU A 11 17.52 -9.57 -1.71
N ARG A 12 17.09 -10.34 -2.71
CA ARG A 12 15.99 -9.92 -3.56
C ARG A 12 14.70 -9.84 -2.75
N TYR A 13 14.54 -10.77 -1.82
CA TYR A 13 13.38 -10.75 -0.94
C TYR A 13 13.46 -9.57 0.02
N GLN A 14 14.64 -9.39 0.61
CA GLN A 14 14.88 -8.29 1.54
C GLN A 14 14.49 -6.94 0.95
N LYS A 15 15.06 -6.63 -0.20
CA LYS A 15 14.73 -5.38 -0.90
C LYS A 15 13.24 -5.29 -1.20
N LEU A 16 12.62 -6.43 -1.48
CA LEU A 16 11.21 -6.46 -1.84
C LEU A 16 10.35 -6.07 -0.65
N VAL A 17 10.66 -6.61 0.52
CA VAL A 17 9.95 -6.24 1.73
C VAL A 17 10.15 -4.76 1.99
N THR A 18 11.37 -4.30 1.74
CA THR A 18 11.73 -2.93 1.88
C THR A 18 10.81 -2.05 1.06
N GLU A 19 10.63 -2.41 -0.21
CA GLU A 19 9.80 -1.66 -1.13
C GLU A 19 8.40 -1.45 -0.58
N ASN A 20 7.79 -2.51 -0.07
CA ASN A 20 6.41 -2.43 0.36
C ASN A 20 6.29 -1.77 1.74
N GLU A 21 7.31 -1.88 2.57
CA GLU A 21 7.32 -1.21 3.87
C GLU A 21 7.26 0.30 3.72
N GLN A 22 7.97 0.81 2.71
CA GLN A 22 8.05 2.25 2.48
C GLN A 22 6.67 2.84 2.25
N LEU A 23 6.04 2.41 1.17
CA LEU A 23 4.83 3.05 0.69
C LEU A 23 3.59 2.63 1.47
N GLN A 24 3.65 1.50 2.18
CA GLN A 24 2.53 1.12 3.03
C GLN A 24 2.38 2.12 4.18
N ARG A 25 3.49 2.72 4.57
CA ARG A 25 3.49 3.76 5.58
C ARG A 25 2.87 5.01 4.98
N LEU A 26 3.27 5.32 3.77
CA LEU A 26 2.77 6.49 3.05
C LEU A 26 1.27 6.39 2.87
N ILE A 27 0.80 5.19 2.60
CA ILE A 27 -0.62 4.88 2.62
C ILE A 27 -1.21 5.21 3.98
N THR A 28 -0.61 4.62 5.00
CA THR A 28 -1.07 4.76 6.37
C THR A 28 -1.19 6.23 6.80
N GLN A 29 -0.28 7.08 6.31
CA GLN A 29 -0.33 8.52 6.60
C GLN A 29 -1.66 9.09 6.16
N LYS A 30 -1.98 8.82 4.91
CA LYS A 30 -3.18 9.36 4.29
C LYS A 30 -4.42 8.65 4.83
N GLU A 31 -4.31 7.34 5.00
CA GLU A 31 -5.42 6.51 5.49
C GLU A 31 -5.96 7.00 6.83
N GLU A 32 -5.07 7.27 7.78
CA GLU A 32 -5.50 7.74 9.10
C GLU A 32 -6.21 9.08 9.00
N LYS A 33 -5.81 9.90 8.03
CA LYS A 33 -6.47 11.18 7.80
C LYS A 33 -7.84 10.95 7.17
N ILE A 34 -7.87 10.11 6.15
CA ILE A 34 -9.11 9.78 5.45
C ILE A 34 -10.07 9.03 6.38
N ARG A 35 -9.51 8.32 7.35
CA ARG A 35 -10.29 7.62 8.35
C ARG A 35 -11.17 8.60 9.13
N VAL A 36 -10.66 9.79 9.34
CA VAL A 36 -11.44 10.83 10.00
C VAL A 36 -12.55 11.30 9.07
N LEU A 37 -12.24 11.32 7.78
CA LEU A 37 -13.22 11.64 6.75
C LEU A 37 -14.26 10.53 6.66
N ARG A 38 -13.87 9.31 7.03
CA ARG A 38 -14.79 8.19 7.09
C ARG A 38 -15.94 8.53 8.03
N GLN A 39 -15.59 9.08 9.19
CA GLN A 39 -16.58 9.52 10.16
C GLN A 39 -17.51 10.57 9.55
N ARG A 40 -16.93 11.48 8.77
CA ARG A 40 -17.72 12.47 8.03
C ARG A 40 -18.71 11.77 7.09
N LEU A 41 -18.26 10.69 6.47
CA LEU A 41 -19.10 9.97 5.52
C LEU A 41 -20.05 9.04 6.26
N VAL A 42 -19.76 8.75 7.52
CA VAL A 42 -20.72 8.06 8.38
C VAL A 42 -21.95 8.93 8.52
N GLU A 43 -21.70 10.22 8.66
CA GLU A 43 -22.76 11.21 8.81
C GLU A 43 -23.42 11.48 7.46
N ARG A 44 -22.75 11.09 6.38
CA ARG A 44 -23.31 11.22 5.04
C ARG A 44 -24.11 9.97 4.70
N GLY A 45 -23.63 8.85 5.23
CA GLY A 45 -24.30 7.58 5.07
C GLY A 45 -23.55 6.64 4.14
N ASP A 46 -22.26 6.88 3.96
CA ASP A 46 -21.43 6.05 3.09
C ASP A 46 -21.04 4.76 3.80
N ALA A 47 -20.92 4.85 5.12
CA ALA A 47 -20.53 3.72 5.95
C ALA A 47 -21.65 2.68 6.04
N LYS A 48 -22.78 2.99 5.43
CA LYS A 48 -23.91 2.07 5.42
C LYS A 48 -23.68 0.95 4.43
N GLY A 49 -22.86 1.22 3.42
CA GLY A 49 -22.50 0.21 2.44
C GLY A 49 -21.53 -0.79 3.03
N THR A 50 -21.93 -2.05 3.07
CA THR A 50 -21.12 -3.09 3.68
C THR A 50 -20.69 -4.11 2.62
N GLU A 51 -19.47 -3.95 2.12
CA GLU A 51 -18.92 -4.90 1.17
C GLU A 51 -18.54 -6.19 1.88
N LEU A 52 -18.90 -7.31 1.29
CA LEU A 52 -18.64 -8.61 1.87
C LEU A 52 -17.24 -9.10 1.53
N ASN A 53 -16.25 -8.39 2.05
CA ASN A 53 -14.84 -8.74 1.83
C ASN A 53 -14.49 -10.03 2.57
N GLY B 1 5.10 -33.18 5.13
CA GLY B 1 5.33 -33.65 6.48
C GLY B 1 4.26 -33.16 7.42
N PRO B 2 4.12 -31.82 7.57
CA PRO B 2 3.00 -31.22 8.28
C PRO B 2 1.74 -31.22 7.40
N LEU B 3 0.70 -30.53 7.85
CA LEU B 3 -0.53 -30.37 7.07
C LEU B 3 -0.24 -30.10 5.59
N GLY B 4 -0.55 -31.08 4.76
CA GLY B 4 -0.24 -31.00 3.34
C GLY B 4 -1.22 -30.17 2.55
N SER B 5 -2.23 -29.64 3.23
CA SER B 5 -3.20 -28.75 2.61
C SER B 5 -2.69 -27.32 2.59
N ARG B 6 -1.84 -26.99 3.56
CA ARG B 6 -1.28 -25.65 3.65
C ARG B 6 0.14 -25.62 3.11
N ARG B 7 0.95 -26.62 3.46
CA ARG B 7 2.35 -26.69 3.02
C ARG B 7 3.05 -25.37 3.27
N PHE B 8 3.03 -24.91 4.51
CA PHE B 8 3.46 -23.56 4.84
C PHE B 8 4.97 -23.37 4.63
N VAL B 9 5.71 -24.44 4.43
CA VAL B 9 7.13 -24.32 4.12
C VAL B 9 7.32 -24.11 2.62
N VAL B 10 6.74 -24.99 1.83
CA VAL B 10 6.85 -24.93 0.38
C VAL B 10 6.16 -23.69 -0.17
N ASP B 11 4.90 -23.50 0.23
CA ASP B 11 4.11 -22.40 -0.28
C ASP B 11 4.67 -21.07 0.17
N ASP B 12 4.86 -20.88 1.48
CA ASP B 12 5.33 -19.60 2.01
C ASP B 12 6.75 -19.27 1.55
N ARG B 13 7.38 -20.17 0.82
CA ARG B 13 8.67 -19.85 0.23
C ARG B 13 8.47 -18.97 -0.99
N ARG B 14 7.84 -19.54 -2.01
CA ARG B 14 7.61 -18.82 -3.25
C ARG B 14 6.48 -17.81 -3.08
N GLU B 15 5.42 -18.24 -2.42
CA GLU B 15 4.20 -17.45 -2.32
C GLU B 15 4.38 -16.22 -1.44
N LEU B 16 5.13 -16.35 -0.36
CA LEU B 16 5.37 -15.21 0.52
C LEU B 16 6.10 -14.11 -0.25
N GLN B 17 7.25 -14.43 -0.82
CA GLN B 17 8.01 -13.44 -1.56
C GLN B 17 7.21 -12.95 -2.78
N TYR B 18 6.36 -13.82 -3.31
CA TYR B 18 5.47 -13.45 -4.40
C TYR B 18 4.48 -12.38 -3.96
N ARG B 19 3.83 -12.59 -2.82
CA ARG B 19 2.80 -11.67 -2.37
C ARG B 19 3.42 -10.34 -1.95
N VAL B 20 4.71 -10.34 -1.64
CA VAL B 20 5.39 -9.12 -1.25
C VAL B 20 5.52 -8.15 -2.44
N GLU B 21 5.92 -8.66 -3.61
CA GLU B 21 6.05 -7.82 -4.79
C GLU B 21 4.71 -7.30 -5.29
N VAL B 22 3.65 -8.12 -5.22
CA VAL B 22 2.33 -7.62 -5.55
C VAL B 22 1.90 -6.56 -4.54
N GLN B 23 2.22 -6.77 -3.26
CA GLN B 23 1.95 -5.77 -2.25
C GLN B 23 2.69 -4.46 -2.55
N ASN B 24 3.95 -4.58 -2.98
CA ASN B 24 4.74 -3.42 -3.41
C ASN B 24 4.00 -2.61 -4.47
N ARG B 25 3.35 -3.31 -5.39
CA ARG B 25 2.61 -2.69 -6.48
C ARG B 25 1.25 -2.16 -6.00
N VAL B 26 0.50 -3.04 -5.35
CA VAL B 26 -0.83 -2.72 -4.86
C VAL B 26 -0.81 -1.53 -3.91
N TYR B 27 0.16 -1.51 -3.01
CA TYR B 27 0.29 -0.39 -2.08
C TYR B 27 0.46 0.93 -2.83
N LYS B 28 1.23 0.90 -3.91
CA LYS B 28 1.41 2.10 -4.74
C LYS B 28 0.09 2.51 -5.34
N LYS B 29 -0.66 1.52 -5.82
CA LYS B 29 -1.97 1.74 -6.40
C LYS B 29 -2.94 2.30 -5.38
N GLU B 30 -2.79 1.90 -4.11
CA GLU B 30 -3.59 2.45 -3.04
C GLU B 30 -3.36 3.95 -2.95
N ILE B 31 -2.10 4.36 -2.89
CA ILE B 31 -1.74 5.77 -2.76
C ILE B 31 -2.36 6.62 -3.87
N GLN B 32 -2.43 6.07 -5.07
CA GLN B 32 -3.03 6.76 -6.20
C GLN B 32 -4.53 6.94 -5.96
N ALA B 33 -5.17 5.88 -5.51
CA ALA B 33 -6.58 5.93 -5.16
C ALA B 33 -6.80 6.87 -3.98
N LEU B 34 -5.91 6.79 -3.01
CA LEU B 34 -5.96 7.61 -1.82
C LEU B 34 -5.71 9.07 -2.16
N ASP B 35 -5.01 9.29 -3.25
CA ASP B 35 -4.76 10.65 -3.75
C ASP B 35 -6.09 11.33 -4.09
N ALA B 36 -7.06 10.53 -4.51
CA ALA B 36 -8.42 11.04 -4.71
C ALA B 36 -9.05 11.42 -3.37
N GLU B 37 -8.82 10.59 -2.37
CA GLU B 37 -9.27 10.89 -1.02
C GLU B 37 -8.53 12.11 -0.46
N ILE B 38 -7.31 12.34 -0.92
CA ILE B 38 -6.59 13.55 -0.56
C ILE B 38 -7.43 14.78 -0.90
N ARG B 39 -8.20 14.69 -1.97
CA ARG B 39 -9.11 15.77 -2.36
C ARG B 39 -10.14 16.02 -1.26
N LYS B 40 -10.74 14.96 -0.73
CA LYS B 40 -11.71 15.10 0.35
C LYS B 40 -11.01 15.63 1.61
N LEU B 41 -9.78 15.21 1.79
CA LEU B 41 -8.97 15.70 2.88
C LEU B 41 -8.78 17.21 2.78
N GLU B 42 -8.48 17.68 1.58
CA GLU B 42 -8.21 19.10 1.35
C GLU B 42 -9.34 20.00 1.83
N ARG B 43 -10.58 19.53 1.76
CA ARG B 43 -11.70 20.32 2.25
C ARG B 43 -11.67 20.40 3.78
N LEU B 44 -11.05 19.42 4.41
CA LEU B 44 -10.83 19.50 5.84
C LEU B 44 -9.60 20.38 6.11
N LEU B 45 -8.47 20.00 5.53
CA LEU B 45 -7.24 20.77 5.62
C LEU B 45 -7.46 22.26 5.37
N GLU B 46 -7.84 22.60 4.16
CA GLU B 46 -7.89 23.99 3.72
C GLU B 46 -9.20 24.69 4.09
N SER B 47 -10.31 23.97 4.03
CA SER B 47 -11.60 24.62 4.24
C SER B 47 -12.02 24.55 5.71
N GLY B 48 -11.53 23.55 6.42
CA GLY B 48 -11.82 23.44 7.83
C GLY B 48 -13.08 22.64 8.12
N LEU B 49 -13.38 21.68 7.23
CA LEU B 49 -14.59 20.86 7.34
C LEU B 49 -14.78 20.30 8.75
N THR B 50 -13.70 19.77 9.33
CA THR B 50 -13.73 19.19 10.67
C THR B 50 -14.57 17.90 10.68
N MET A 1 25.66 -26.96 -2.77
CA MET A 1 24.43 -27.58 -2.22
C MET A 1 23.39 -26.51 -1.93
N ASP A 2 22.31 -26.51 -2.72
CA ASP A 2 21.23 -25.55 -2.57
C ASP A 2 21.76 -24.12 -2.66
N SER A 3 22.55 -23.86 -3.69
CA SER A 3 23.14 -22.55 -3.88
C SER A 3 22.31 -21.72 -4.84
N ALA A 4 21.14 -22.23 -5.21
CA ALA A 4 20.19 -21.46 -6.01
C ALA A 4 19.79 -20.21 -5.25
N ILE A 5 19.60 -20.35 -3.95
CA ILE A 5 19.38 -19.22 -3.08
C ILE A 5 20.71 -18.73 -2.53
N SER A 6 21.24 -17.68 -3.14
CA SER A 6 22.47 -17.07 -2.66
C SER A 6 22.11 -15.79 -1.92
N LYS A 7 23.11 -15.02 -1.53
CA LYS A 7 22.87 -13.72 -0.93
C LYS A 7 22.04 -12.86 -1.88
N GLU A 8 22.22 -13.09 -3.18
CA GLU A 8 21.48 -12.39 -4.22
C GLU A 8 19.97 -12.52 -4.03
N ASP A 9 19.51 -13.75 -3.77
CA ASP A 9 18.09 -14.00 -3.55
C ASP A 9 17.62 -13.31 -2.29
N GLU A 10 18.44 -13.37 -1.25
CA GLU A 10 18.14 -12.75 0.02
C GLU A 10 18.05 -11.22 -0.12
N GLU A 11 19.12 -10.62 -0.65
CA GLU A 11 19.14 -9.19 -0.91
C GLU A 11 17.92 -8.75 -1.70
N ARG A 12 17.56 -9.55 -2.70
CA ARG A 12 16.40 -9.26 -3.53
C ARG A 12 15.13 -9.28 -2.70
N TYR A 13 14.99 -10.29 -1.87
CA TYR A 13 13.84 -10.43 -0.99
C TYR A 13 13.77 -9.29 0.02
N GLN A 14 14.88 -9.07 0.73
CA GLN A 14 14.98 -8.01 1.72
C GLN A 14 14.59 -6.66 1.13
N LYS A 15 15.22 -6.30 0.02
CA LYS A 15 14.89 -5.07 -0.66
C LYS A 15 13.43 -5.07 -1.13
N LEU A 16 12.91 -6.24 -1.48
CA LEU A 16 11.51 -6.36 -1.89
C LEU A 16 10.60 -5.95 -0.75
N VAL A 17 10.81 -6.54 0.43
CA VAL A 17 10.00 -6.22 1.60
C VAL A 17 10.14 -4.74 1.90
N THR A 18 11.35 -4.24 1.72
CA THR A 18 11.67 -2.86 1.92
C THR A 18 10.76 -1.97 1.06
N GLU A 19 10.56 -2.39 -0.18
CA GLU A 19 9.74 -1.64 -1.12
C GLU A 19 8.32 -1.45 -0.60
N ASN A 20 7.73 -2.52 -0.08
CA ASN A 20 6.36 -2.44 0.42
C ASN A 20 6.29 -1.83 1.82
N GLU A 21 7.35 -1.94 2.61
CA GLU A 21 7.39 -1.28 3.92
C GLU A 21 7.30 0.24 3.79
N GLN A 22 7.98 0.78 2.80
CA GLN A 22 8.04 2.22 2.60
C GLN A 22 6.67 2.80 2.30
N LEU A 23 6.07 2.33 1.22
CA LEU A 23 4.89 2.97 0.67
C LEU A 23 3.62 2.57 1.41
N GLN A 24 3.65 1.47 2.16
CA GLN A 24 2.51 1.13 3.02
C GLN A 24 2.36 2.19 4.11
N ARG A 25 3.50 2.74 4.54
CA ARG A 25 3.52 3.84 5.47
C ARG A 25 2.91 5.08 4.81
N LEU A 26 3.32 5.31 3.58
CA LEU A 26 2.82 6.44 2.80
C LEU A 26 1.31 6.35 2.65
N ILE A 27 0.83 5.13 2.48
CA ILE A 27 -0.61 4.87 2.45
C ILE A 27 -1.24 5.27 3.78
N THR A 28 -0.74 4.68 4.87
CA THR A 28 -1.32 4.89 6.19
C THR A 28 -1.39 6.38 6.56
N GLN A 29 -0.41 7.15 6.09
CA GLN A 29 -0.39 8.59 6.35
C GLN A 29 -1.56 9.27 5.66
N LYS A 30 -1.66 9.03 4.37
CA LYS A 30 -2.75 9.59 3.58
C LYS A 30 -4.09 9.09 4.12
N GLU A 31 -4.18 7.79 4.37
CA GLU A 31 -5.41 7.16 4.82
C GLU A 31 -5.94 7.76 6.11
N GLU A 32 -5.07 8.00 7.09
CA GLU A 32 -5.53 8.56 8.37
C GLU A 32 -6.00 10.00 8.19
N LYS A 33 -5.39 10.73 7.26
CA LYS A 33 -5.83 12.09 6.96
C LYS A 33 -7.14 12.08 6.18
N ILE A 34 -7.20 11.21 5.17
CA ILE A 34 -8.42 11.07 4.37
C ILE A 34 -9.56 10.54 5.23
N ARG A 35 -9.22 9.75 6.24
CA ARG A 35 -10.16 9.25 7.20
C ARG A 35 -10.99 10.38 7.78
N VAL A 36 -10.33 11.47 8.13
CA VAL A 36 -11.01 12.64 8.67
C VAL A 36 -11.97 13.22 7.63
N LEU A 37 -11.50 13.32 6.40
CA LEU A 37 -12.33 13.77 5.28
C LEU A 37 -13.48 12.81 5.04
N ARG A 38 -13.22 11.54 5.27
CA ARG A 38 -14.19 10.50 5.08
C ARG A 38 -15.29 10.59 6.12
N GLN A 39 -14.93 11.02 7.33
CA GLN A 39 -15.91 11.28 8.37
C GLN A 39 -16.90 12.34 7.91
N ARG A 40 -16.39 13.37 7.22
CA ARG A 40 -17.24 14.37 6.61
C ARG A 40 -18.19 13.72 5.61
N LEU A 41 -17.64 12.81 4.82
CA LEU A 41 -18.42 12.13 3.79
C LEU A 41 -19.42 11.17 4.42
N VAL A 42 -19.15 10.73 5.64
CA VAL A 42 -20.05 9.83 6.36
C VAL A 42 -21.41 10.48 6.56
N GLU A 43 -21.40 11.72 7.05
CA GLU A 43 -22.63 12.45 7.29
C GLU A 43 -23.33 12.79 5.97
N ARG A 44 -22.54 12.93 4.92
CA ARG A 44 -23.07 13.19 3.58
C ARG A 44 -23.60 11.90 2.96
N GLY A 45 -23.04 10.78 3.37
CA GLY A 45 -23.38 9.49 2.80
C GLY A 45 -22.48 9.15 1.63
N ASP A 46 -21.57 10.06 1.34
CA ASP A 46 -20.64 9.90 0.23
C ASP A 46 -19.45 9.05 0.64
N ALA A 47 -19.44 8.60 1.89
CA ALA A 47 -18.41 7.70 2.37
C ALA A 47 -18.55 6.33 1.73
N LYS A 48 -19.76 6.05 1.26
CA LYS A 48 -20.02 4.84 0.50
C LYS A 48 -19.99 5.15 -0.98
N GLY A 49 -20.74 6.18 -1.39
CA GLY A 49 -20.79 6.54 -2.79
C GLY A 49 -21.38 5.42 -3.63
N THR A 50 -22.50 4.90 -3.18
CA THR A 50 -23.16 3.80 -3.88
C THR A 50 -24.67 3.95 -3.79
N GLU A 51 -25.29 4.28 -4.92
CA GLU A 51 -26.73 4.42 -4.99
C GLU A 51 -27.23 3.98 -6.37
N LEU A 52 -28.09 2.98 -6.37
CA LEU A 52 -28.61 2.44 -7.61
C LEU A 52 -30.06 2.01 -7.44
N ASN A 53 -30.96 2.86 -7.90
CA ASN A 53 -32.40 2.62 -7.82
C ASN A 53 -32.86 2.59 -6.37
N GLY B 1 -10.05 -22.56 -4.13
CA GLY B 1 -9.26 -22.32 -2.94
C GLY B 1 -9.28 -23.50 -2.00
N PRO B 2 -8.45 -24.53 -2.24
CA PRO B 2 -8.37 -25.71 -1.40
C PRO B 2 -7.50 -25.47 -0.17
N LEU B 3 -7.22 -26.53 0.58
CA LEU B 3 -6.32 -26.49 1.73
C LEU B 3 -5.06 -25.66 1.43
N GLY B 4 -5.01 -24.45 1.97
CA GLY B 4 -3.94 -23.53 1.66
C GLY B 4 -3.00 -23.31 2.82
N SER B 5 -3.12 -24.14 3.85
CA SER B 5 -2.24 -24.06 5.00
C SER B 5 -1.11 -25.06 4.86
N ARG B 6 -0.96 -25.61 3.66
CA ARG B 6 0.13 -26.52 3.34
C ARG B 6 1.44 -25.75 3.34
N ARG B 7 1.58 -24.87 2.35
CA ARG B 7 2.73 -23.99 2.21
C ARG B 7 4.05 -24.75 2.27
N PHE B 8 4.74 -24.65 3.41
CA PHE B 8 6.03 -25.28 3.62
C PHE B 8 7.10 -24.59 2.77
N VAL B 9 8.36 -25.01 2.91
CA VAL B 9 9.48 -24.35 2.23
C VAL B 9 9.25 -24.19 0.72
N VAL B 10 8.62 -25.18 0.11
CA VAL B 10 8.41 -25.17 -1.34
C VAL B 10 7.46 -24.04 -1.76
N ASP B 11 6.33 -23.92 -1.08
CA ASP B 11 5.35 -22.90 -1.42
C ASP B 11 5.85 -21.54 -0.95
N ASP B 12 6.33 -21.49 0.29
CA ASP B 12 6.82 -20.23 0.87
C ASP B 12 8.08 -19.74 0.15
N ARG B 13 8.59 -20.55 -0.75
CA ARG B 13 9.70 -20.12 -1.58
C ARG B 13 9.16 -19.12 -2.60
N ARG B 14 8.30 -19.61 -3.48
CA ARG B 14 7.70 -18.77 -4.50
C ARG B 14 6.66 -17.83 -3.89
N GLU B 15 5.73 -18.41 -3.14
CA GLU B 15 4.57 -17.69 -2.61
C GLU B 15 4.95 -16.54 -1.69
N LEU B 16 5.90 -16.76 -0.78
CA LEU B 16 6.25 -15.74 0.18
C LEU B 16 6.82 -14.52 -0.53
N GLN B 17 7.86 -14.69 -1.34
CA GLN B 17 8.44 -13.55 -2.04
C GLN B 17 7.43 -12.98 -3.04
N TYR B 18 6.57 -13.85 -3.57
CA TYR B 18 5.54 -13.44 -4.52
C TYR B 18 4.54 -12.49 -3.88
N ARG B 19 4.18 -12.76 -2.62
CA ARG B 19 3.20 -11.95 -1.92
C ARG B 19 3.79 -10.60 -1.53
N VAL B 20 5.11 -10.53 -1.45
CA VAL B 20 5.77 -9.28 -1.10
C VAL B 20 5.77 -8.34 -2.30
N GLU B 21 6.18 -8.83 -3.46
CA GLU B 21 6.17 -8.02 -4.68
C GLU B 21 4.77 -7.53 -5.04
N VAL B 22 3.75 -8.36 -4.87
CA VAL B 22 2.38 -7.91 -5.11
C VAL B 22 2.01 -6.81 -4.12
N GLN B 23 2.40 -6.99 -2.86
CA GLN B 23 2.15 -5.96 -1.86
C GLN B 23 2.83 -4.65 -2.26
N ASN B 24 4.07 -4.74 -2.73
CA ASN B 24 4.79 -3.57 -3.26
C ASN B 24 3.97 -2.87 -4.35
N ARG B 25 3.44 -3.66 -5.28
CA ARG B 25 2.65 -3.13 -6.39
C ARG B 25 1.31 -2.58 -5.91
N VAL B 26 0.57 -3.40 -5.18
CA VAL B 26 -0.76 -3.06 -4.71
C VAL B 26 -0.76 -1.77 -3.88
N TYR B 27 0.23 -1.65 -3.00
CA TYR B 27 0.36 -0.46 -2.17
C TYR B 27 0.58 0.79 -3.02
N LYS B 28 1.34 0.63 -4.11
CA LYS B 28 1.57 1.73 -5.04
C LYS B 28 0.27 2.17 -5.67
N LYS B 29 -0.51 1.18 -6.09
CA LYS B 29 -1.79 1.42 -6.73
C LYS B 29 -2.74 2.16 -5.78
N GLU B 30 -2.64 1.85 -4.49
CA GLU B 30 -3.44 2.53 -3.49
C GLU B 30 -3.09 4.01 -3.45
N ILE B 31 -1.79 4.31 -3.35
CA ILE B 31 -1.31 5.68 -3.27
C ILE B 31 -1.79 6.52 -4.46
N GLN B 32 -1.85 5.90 -5.63
CA GLN B 32 -2.34 6.58 -6.82
C GLN B 32 -3.80 6.97 -6.62
N ALA B 33 -4.59 6.01 -6.18
CA ALA B 33 -5.98 6.26 -5.83
C ALA B 33 -6.08 7.33 -4.76
N LEU B 34 -5.27 7.18 -3.74
CA LEU B 34 -5.25 8.09 -2.60
C LEU B 34 -4.83 9.49 -3.01
N ASP B 35 -4.09 9.60 -4.11
CA ASP B 35 -3.65 10.90 -4.61
C ASP B 35 -4.86 11.71 -5.05
N ALA B 36 -5.91 11.02 -5.49
CA ALA B 36 -7.19 11.66 -5.76
C ALA B 36 -7.80 12.17 -4.45
N GLU B 37 -7.66 11.38 -3.40
CA GLU B 37 -8.10 11.78 -2.09
C GLU B 37 -7.22 12.91 -1.56
N ILE B 38 -5.97 12.98 -2.00
CA ILE B 38 -5.12 14.11 -1.67
C ILE B 38 -5.79 15.41 -2.07
N ARG B 39 -6.57 15.37 -3.16
CA ARG B 39 -7.33 16.53 -3.60
C ARG B 39 -8.32 16.98 -2.53
N LYS B 40 -9.07 16.04 -1.97
CA LYS B 40 -10.02 16.35 -0.89
C LYS B 40 -9.27 16.85 0.33
N LEU B 41 -8.09 16.28 0.55
CA LEU B 41 -7.21 16.72 1.62
C LEU B 41 -6.76 18.15 1.40
N GLU B 42 -6.41 18.48 0.17
CA GLU B 42 -5.99 19.84 -0.17
C GLU B 42 -7.12 20.83 0.06
N ARG B 43 -8.35 20.32 0.09
CA ARG B 43 -9.50 21.14 0.45
C ARG B 43 -9.45 21.48 1.95
N LEU B 44 -8.79 20.64 2.71
CA LEU B 44 -8.56 20.90 4.13
C LEU B 44 -7.35 21.82 4.27
N LEU B 45 -6.18 21.32 3.86
CA LEU B 45 -4.93 22.07 3.86
C LEU B 45 -5.12 23.51 3.41
N GLU B 46 -5.56 23.69 2.18
CA GLU B 46 -5.64 25.01 1.58
C GLU B 46 -6.97 25.71 1.85
N SER B 47 -8.09 24.98 1.74
CA SER B 47 -9.40 25.62 1.75
C SER B 47 -10.04 25.59 3.14
N GLY B 48 -9.42 24.88 4.07
CA GLY B 48 -9.87 24.86 5.45
C GLY B 48 -11.22 24.18 5.62
N LEU B 49 -11.51 23.20 4.77
CA LEU B 49 -12.79 22.49 4.78
C LEU B 49 -13.15 22.02 6.19
N THR B 50 -12.19 21.42 6.88
CA THR B 50 -12.37 20.94 8.26
C THR B 50 -13.31 19.73 8.28
N MET A 1 23.47 -25.17 -6.25
CA MET A 1 23.70 -25.65 -4.86
C MET A 1 24.37 -24.58 -4.03
N ASP A 2 23.59 -23.91 -3.19
CA ASP A 2 24.07 -22.90 -2.24
C ASP A 2 24.59 -21.65 -2.95
N SER A 3 25.80 -21.74 -3.49
CA SER A 3 26.45 -20.58 -4.10
C SER A 3 25.95 -20.33 -5.53
N ALA A 4 24.98 -21.12 -5.96
CA ALA A 4 24.36 -20.91 -7.27
C ALA A 4 23.35 -19.77 -7.18
N ILE A 5 23.00 -19.42 -5.96
CA ILE A 5 22.13 -18.28 -5.70
C ILE A 5 22.98 -17.04 -5.50
N SER A 6 22.85 -16.07 -6.40
CA SER A 6 23.65 -14.85 -6.31
C SER A 6 22.94 -13.83 -5.43
N LYS A 7 23.51 -12.63 -5.30
CA LYS A 7 22.88 -11.58 -4.52
C LYS A 7 21.59 -11.13 -5.21
N GLU A 8 21.45 -11.51 -6.48
CA GLU A 8 20.25 -11.21 -7.25
C GLU A 8 18.99 -11.67 -6.52
N ASP A 9 18.88 -12.96 -6.27
CA ASP A 9 17.73 -13.52 -5.59
C ASP A 9 17.53 -12.90 -4.21
N GLU A 10 18.63 -12.69 -3.51
CA GLU A 10 18.59 -12.09 -2.18
C GLU A 10 18.02 -10.68 -2.22
N GLU A 11 18.73 -9.79 -2.89
CA GLU A 11 18.34 -8.40 -2.98
C GLU A 11 17.00 -8.23 -3.69
N ARG A 12 16.60 -9.23 -4.45
CA ARG A 12 15.33 -9.19 -5.13
C ARG A 12 14.20 -9.27 -4.11
N TYR A 13 14.34 -10.16 -3.14
CA TYR A 13 13.35 -10.27 -2.08
C TYR A 13 13.57 -9.19 -1.01
N GLN A 14 14.79 -9.09 -0.53
CA GLN A 14 15.12 -8.17 0.58
C GLN A 14 14.66 -6.74 0.27
N LYS A 15 15.17 -6.19 -0.82
CA LYS A 15 14.80 -4.85 -1.23
C LYS A 15 13.30 -4.75 -1.52
N LEU A 16 12.70 -5.86 -1.94
CA LEU A 16 11.27 -5.90 -2.23
C LEU A 16 10.47 -5.64 -0.96
N VAL A 17 10.88 -6.28 0.14
CA VAL A 17 10.21 -6.10 1.42
C VAL A 17 10.25 -4.63 1.80
N THR A 18 11.40 -4.00 1.57
CA THR A 18 11.58 -2.61 1.89
C THR A 18 10.57 -1.76 1.13
N GLU A 19 10.41 -2.05 -0.16
CA GLU A 19 9.49 -1.31 -1.00
C GLU A 19 8.08 -1.42 -0.45
N ASN A 20 7.75 -2.62 -0.01
CA ASN A 20 6.43 -2.94 0.53
C ASN A 20 6.20 -2.22 1.86
N GLU A 21 7.23 -2.17 2.69
CA GLU A 21 7.12 -1.53 4.01
C GLU A 21 7.11 -0.01 3.88
N GLN A 22 7.89 0.53 2.94
CA GLN A 22 8.00 1.98 2.78
C GLN A 22 6.68 2.59 2.32
N LEU A 23 6.16 2.09 1.21
CA LEU A 23 5.07 2.77 0.55
C LEU A 23 3.74 2.62 1.29
N GLN A 24 3.63 1.58 2.12
CA GLN A 24 2.44 1.42 2.97
C GLN A 24 2.42 2.52 4.03
N ARG A 25 3.62 2.94 4.45
CA ARG A 25 3.76 4.04 5.38
C ARG A 25 3.43 5.35 4.69
N LEU A 26 3.90 5.48 3.45
CA LEU A 26 3.66 6.67 2.66
C LEU A 26 2.17 6.87 2.44
N ILE A 27 1.45 5.78 2.22
CA ILE A 27 0.01 5.82 2.18
C ILE A 27 -0.53 6.31 3.52
N THR A 28 -0.07 5.65 4.58
CA THR A 28 -0.52 5.91 5.94
C THR A 28 -0.41 7.40 6.31
N GLN A 29 0.72 8.02 5.96
CA GLN A 29 0.97 9.40 6.36
C GLN A 29 0.19 10.38 5.49
N LYS A 30 0.00 10.05 4.22
CA LYS A 30 -0.74 10.92 3.32
C LYS A 30 -2.24 10.79 3.58
N GLU A 31 -2.69 9.55 3.80
CA GLU A 31 -4.09 9.27 4.08
C GLU A 31 -4.64 10.11 5.24
N GLU A 32 -3.91 10.15 6.35
CA GLU A 32 -4.38 10.85 7.54
C GLU A 32 -4.52 12.35 7.29
N LYS A 33 -3.54 12.95 6.60
CA LYS A 33 -3.60 14.38 6.31
C LYS A 33 -4.71 14.68 5.29
N ILE A 34 -4.77 13.91 4.22
CA ILE A 34 -5.75 14.14 3.17
C ILE A 34 -7.18 14.05 3.71
N ARG A 35 -7.39 13.11 4.63
CA ARG A 35 -8.68 12.91 5.22
C ARG A 35 -9.18 14.17 5.89
N VAL A 36 -8.25 14.93 6.45
CA VAL A 36 -8.59 16.20 7.07
C VAL A 36 -8.75 17.27 6.01
N LEU A 37 -7.88 17.22 5.00
CA LEU A 37 -7.94 18.14 3.87
C LEU A 37 -9.32 18.14 3.23
N ARG A 38 -9.85 16.95 3.01
CA ARG A 38 -11.15 16.81 2.36
C ARG A 38 -12.23 17.49 3.20
N GLN A 39 -12.13 17.36 4.51
CA GLN A 39 -13.05 18.01 5.44
C GLN A 39 -12.83 19.51 5.43
N ARG A 40 -11.58 19.91 5.34
CA ARG A 40 -11.21 21.31 5.28
C ARG A 40 -11.81 21.97 4.05
N LEU A 41 -11.76 21.27 2.91
CA LEU A 41 -12.36 21.79 1.69
C LEU A 41 -13.86 21.88 1.83
N VAL A 42 -14.45 21.05 2.70
CA VAL A 42 -15.88 21.12 2.98
C VAL A 42 -16.24 22.49 3.52
N GLU A 43 -15.43 22.99 4.43
CA GLU A 43 -15.64 24.29 5.03
C GLU A 43 -15.36 25.42 4.04
N ARG A 44 -14.68 25.09 2.95
CA ARG A 44 -14.30 26.10 1.97
C ARG A 44 -15.23 26.05 0.75
N GLY A 45 -15.72 24.86 0.47
CA GLY A 45 -16.55 24.63 -0.69
C GLY A 45 -15.71 24.36 -1.92
N ASP A 46 -15.23 23.13 -2.03
CA ASP A 46 -14.27 22.76 -3.08
C ASP A 46 -14.84 22.96 -4.48
N ALA A 47 -16.17 22.94 -4.61
CA ALA A 47 -16.80 23.14 -5.90
C ALA A 47 -16.56 24.56 -6.42
N LYS A 48 -16.71 25.54 -5.53
CA LYS A 48 -16.54 26.94 -5.93
C LYS A 48 -15.12 27.43 -5.65
N GLY A 49 -14.47 26.78 -4.70
CA GLY A 49 -13.14 27.20 -4.31
C GLY A 49 -13.18 28.20 -3.19
N THR A 50 -12.12 28.95 -3.02
CA THR A 50 -12.05 29.96 -1.97
C THR A 50 -10.80 30.82 -2.15
N GLU A 51 -10.98 32.12 -2.02
CA GLU A 51 -9.86 33.04 -2.14
C GLU A 51 -9.00 33.01 -0.88
N LEU A 52 -7.72 32.74 -1.08
CA LEU A 52 -6.78 32.65 0.04
C LEU A 52 -5.44 33.28 -0.33
N ASN A 53 -5.48 34.23 -1.27
CA ASN A 53 -4.26 34.91 -1.70
C ASN A 53 -3.86 35.97 -0.69
N GLY B 1 7.30 -9.84 10.64
CA GLY B 1 6.13 -10.43 10.03
C GLY B 1 5.77 -11.76 10.66
N PRO B 2 4.73 -12.44 10.15
CA PRO B 2 4.27 -13.72 10.71
C PRO B 2 5.13 -14.89 10.25
N LEU B 3 4.68 -16.09 10.57
CA LEU B 3 5.38 -17.33 10.20
C LEU B 3 5.76 -17.35 8.72
N GLY B 4 7.03 -17.63 8.45
CA GLY B 4 7.51 -17.67 7.08
C GLY B 4 7.67 -19.08 6.56
N SER B 5 7.60 -20.05 7.46
CA SER B 5 7.76 -21.45 7.11
C SER B 5 6.42 -22.19 7.25
N ARG B 6 5.34 -21.42 7.26
CA ARG B 6 3.99 -21.94 7.45
C ARG B 6 3.69 -23.08 6.49
N ARG B 7 3.72 -22.78 5.20
CA ARG B 7 3.44 -23.77 4.18
C ARG B 7 4.75 -24.36 3.65
N PHE B 8 5.67 -24.62 4.58
CA PHE B 8 6.98 -25.15 4.27
C PHE B 8 7.80 -24.17 3.42
N VAL B 9 8.94 -24.62 2.93
CA VAL B 9 9.79 -23.75 2.13
C VAL B 9 9.22 -23.55 0.74
N VAL B 10 8.71 -24.64 0.16
CA VAL B 10 8.20 -24.61 -1.21
C VAL B 10 7.23 -23.46 -1.45
N ASP B 11 6.13 -23.46 -0.71
CA ASP B 11 5.09 -22.47 -0.88
C ASP B 11 5.55 -21.08 -0.47
N ASP B 12 5.83 -20.91 0.82
CA ASP B 12 6.07 -19.59 1.39
C ASP B 12 7.38 -18.97 0.93
N ARG B 13 8.17 -19.69 0.15
CA ARG B 13 9.33 -19.06 -0.47
C ARG B 13 8.85 -18.22 -1.64
N ARG B 14 8.23 -18.90 -2.60
CA ARG B 14 7.74 -18.24 -3.80
C ARG B 14 6.53 -17.36 -3.47
N GLU B 15 5.57 -17.94 -2.76
CA GLU B 15 4.32 -17.25 -2.42
C GLU B 15 4.58 -15.95 -1.68
N LEU B 16 5.49 -15.98 -0.74
CA LEU B 16 5.75 -14.82 0.09
C LEU B 16 6.39 -13.71 -0.74
N GLN B 17 7.51 -14.00 -1.41
CA GLN B 17 8.18 -12.96 -2.20
C GLN B 17 7.25 -12.45 -3.31
N TYR B 18 6.39 -13.33 -3.80
CA TYR B 18 5.44 -12.99 -4.84
C TYR B 18 4.40 -11.99 -4.33
N ARG B 19 3.97 -12.14 -3.07
CA ARG B 19 2.95 -11.26 -2.53
C ARG B 19 3.54 -9.90 -2.15
N VAL B 20 4.84 -9.86 -1.88
CA VAL B 20 5.48 -8.61 -1.51
C VAL B 20 5.53 -7.66 -2.71
N GLU B 21 5.89 -8.18 -3.88
CA GLU B 21 5.92 -7.36 -5.11
C GLU B 21 4.52 -6.88 -5.52
N VAL B 22 3.50 -7.72 -5.42
CA VAL B 22 2.15 -7.26 -5.71
C VAL B 22 1.75 -6.17 -4.74
N GLN B 23 2.11 -6.35 -3.48
CA GLN B 23 1.88 -5.32 -2.48
C GLN B 23 2.60 -4.02 -2.86
N ASN B 24 3.86 -4.15 -3.29
CA ASN B 24 4.65 -3.02 -3.77
C ASN B 24 3.97 -2.33 -4.95
N ARG B 25 3.28 -3.12 -5.78
CA ARG B 25 2.59 -2.59 -6.95
C ARG B 25 1.25 -1.97 -6.58
N VAL B 26 0.44 -2.72 -5.85
CA VAL B 26 -0.90 -2.28 -5.45
C VAL B 26 -0.85 -1.01 -4.62
N TYR B 27 -0.01 -1.02 -3.59
CA TYR B 27 0.11 0.12 -2.70
C TYR B 27 0.67 1.33 -3.43
N LYS B 28 1.44 1.07 -4.48
CA LYS B 28 1.97 2.11 -5.33
C LYS B 28 0.81 2.78 -6.08
N LYS B 29 -0.13 1.96 -6.55
CA LYS B 29 -1.31 2.45 -7.25
C LYS B 29 -2.11 3.38 -6.35
N GLU B 30 -2.19 3.05 -5.06
CA GLU B 30 -2.88 3.88 -4.09
C GLU B 30 -2.24 5.25 -4.03
N ILE B 31 -0.92 5.25 -3.85
CA ILE B 31 -0.15 6.48 -3.76
C ILE B 31 -0.33 7.38 -4.98
N GLN B 32 -0.59 6.79 -6.13
CA GLN B 32 -0.83 7.59 -7.33
C GLN B 32 -2.15 8.33 -7.22
N ALA B 33 -3.16 7.63 -6.72
CA ALA B 33 -4.45 8.26 -6.42
C ALA B 33 -4.25 9.33 -5.36
N LEU B 34 -3.56 8.95 -4.31
CA LEU B 34 -3.27 9.83 -3.19
C LEU B 34 -2.42 11.02 -3.66
N ASP B 35 -1.65 10.81 -4.71
CA ASP B 35 -0.77 11.85 -5.26
C ASP B 35 -1.57 13.06 -5.74
N ALA B 36 -2.77 12.81 -6.25
CA ALA B 36 -3.69 13.88 -6.62
C ALA B 36 -4.10 14.65 -5.38
N GLU B 37 -4.33 13.91 -4.30
CA GLU B 37 -4.64 14.50 -3.03
C GLU B 37 -3.39 15.16 -2.42
N ILE B 38 -2.22 14.65 -2.76
CA ILE B 38 -0.98 15.30 -2.38
C ILE B 38 -0.96 16.74 -2.91
N ARG B 39 -1.65 16.96 -4.03
CA ARG B 39 -1.76 18.29 -4.60
C ARG B 39 -2.48 19.23 -3.64
N LYS B 40 -3.60 18.77 -3.07
CA LYS B 40 -4.34 19.57 -2.08
C LYS B 40 -3.46 19.79 -0.84
N LEU B 41 -2.71 18.75 -0.49
CA LEU B 41 -1.74 18.85 0.59
C LEU B 41 -0.70 19.92 0.28
N GLU B 42 -0.15 19.89 -0.93
CA GLU B 42 0.86 20.86 -1.36
C GLU B 42 0.38 22.29 -1.15
N ARG B 43 -0.92 22.50 -1.27
CA ARG B 43 -1.51 23.81 -1.05
C ARG B 43 -1.36 24.25 0.40
N LEU B 44 -1.25 23.28 1.31
CA LEU B 44 -0.96 23.57 2.71
C LEU B 44 0.56 23.63 2.96
N LEU B 45 1.29 22.63 2.44
CA LEU B 45 2.75 22.64 2.47
C LEU B 45 3.31 23.98 2.01
N GLU B 46 3.06 24.32 0.77
CA GLU B 46 3.58 25.55 0.16
C GLU B 46 2.99 26.79 0.81
N SER B 47 1.91 26.62 1.56
CA SER B 47 1.27 27.73 2.26
C SER B 47 2.00 28.02 3.57
N GLY B 48 2.86 27.10 3.98
CA GLY B 48 3.58 27.28 5.22
C GLY B 48 2.83 26.69 6.40
N LEU B 49 1.93 25.75 6.12
CA LEU B 49 1.14 25.12 7.15
C LEU B 49 1.79 23.83 7.61
N THR B 50 2.09 22.95 6.66
CA THR B 50 2.65 21.65 6.97
C THR B 50 4.15 21.76 7.21
N MET A 1 16.69 -23.60 4.79
CA MET A 1 18.03 -23.95 5.29
C MET A 1 18.94 -24.30 4.12
N ASP A 2 19.43 -23.29 3.43
CA ASP A 2 20.28 -23.51 2.27
C ASP A 2 21.42 -22.50 2.24
N SER A 3 22.63 -22.99 2.01
CA SER A 3 23.82 -22.13 2.05
C SER A 3 24.25 -21.69 0.66
N ALA A 4 23.59 -22.19 -0.37
CA ALA A 4 23.92 -21.81 -1.74
C ALA A 4 23.30 -20.47 -2.08
N ILE A 5 22.32 -20.07 -1.27
CA ILE A 5 21.66 -18.78 -1.40
C ILE A 5 22.67 -17.62 -1.27
N SER A 6 22.77 -16.82 -2.32
CA SER A 6 23.70 -15.70 -2.33
C SER A 6 22.93 -14.38 -2.22
N LYS A 7 23.63 -13.25 -2.37
CA LYS A 7 22.98 -11.95 -2.30
C LYS A 7 21.86 -11.81 -3.32
N GLU A 8 22.00 -12.53 -4.43
CA GLU A 8 20.99 -12.55 -5.48
C GLU A 8 19.59 -12.79 -4.92
N ASP A 9 19.44 -13.85 -4.15
CA ASP A 9 18.13 -14.21 -3.60
C ASP A 9 17.84 -13.41 -2.33
N GLU A 10 18.88 -13.19 -1.55
CA GLU A 10 18.76 -12.51 -0.26
C GLU A 10 18.42 -11.04 -0.44
N GLU A 11 19.32 -10.29 -1.04
CA GLU A 11 19.16 -8.85 -1.18
C GLU A 11 17.94 -8.51 -2.02
N ARG A 12 17.65 -9.35 -3.02
CA ARG A 12 16.47 -9.14 -3.84
C ARG A 12 15.20 -9.30 -3.02
N TYR A 13 15.20 -10.26 -2.10
CA TYR A 13 14.06 -10.46 -1.23
C TYR A 13 13.92 -9.29 -0.28
N GLN A 14 15.01 -8.98 0.42
CA GLN A 14 15.04 -7.93 1.43
C GLN A 14 14.56 -6.60 0.86
N LYS A 15 15.20 -6.18 -0.22
CA LYS A 15 14.82 -4.94 -0.89
C LYS A 15 13.33 -4.94 -1.27
N LEU A 16 12.81 -6.11 -1.63
CA LEU A 16 11.41 -6.22 -2.03
C LEU A 16 10.48 -5.97 -0.84
N VAL A 17 10.84 -6.54 0.31
CA VAL A 17 10.07 -6.31 1.52
C VAL A 17 10.16 -4.84 1.90
N THR A 18 11.34 -4.27 1.68
CA THR A 18 11.58 -2.89 1.96
C THR A 18 10.70 -2.00 1.09
N GLU A 19 10.54 -2.38 -0.17
CA GLU A 19 9.72 -1.61 -1.10
C GLU A 19 8.30 -1.45 -0.58
N ASN A 20 7.73 -2.50 0.00
CA ASN A 20 6.36 -2.43 0.47
C ASN A 20 6.28 -1.78 1.86
N GLU A 21 7.36 -1.89 2.64
CA GLU A 21 7.42 -1.22 3.94
C GLU A 21 7.28 0.28 3.78
N GLN A 22 8.01 0.82 2.82
CA GLN A 22 8.05 2.27 2.58
C GLN A 22 6.67 2.81 2.29
N LEU A 23 6.07 2.35 1.20
CA LEU A 23 4.88 2.97 0.66
C LEU A 23 3.62 2.57 1.41
N GLN A 24 3.66 1.48 2.18
CA GLN A 24 2.51 1.12 3.02
C GLN A 24 2.36 2.16 4.11
N ARG A 25 3.49 2.76 4.49
CA ARG A 25 3.51 3.84 5.45
C ARG A 25 3.01 5.12 4.80
N LEU A 26 3.38 5.30 3.54
CA LEU A 26 2.96 6.46 2.77
C LEU A 26 1.45 6.43 2.55
N ILE A 27 0.91 5.22 2.53
CA ILE A 27 -0.53 5.02 2.51
C ILE A 27 -1.13 5.49 3.83
N THR A 28 -0.57 4.97 4.93
CA THR A 28 -1.05 5.27 6.27
C THR A 28 -1.15 6.78 6.51
N GLN A 29 -0.21 7.54 5.93
CA GLN A 29 -0.20 8.98 6.07
C GLN A 29 -1.42 9.60 5.41
N LYS A 30 -1.59 9.30 4.13
CA LYS A 30 -2.69 9.84 3.36
C LYS A 30 -4.04 9.32 3.86
N GLU A 31 -4.11 8.03 4.17
CA GLU A 31 -5.34 7.40 4.65
C GLU A 31 -5.90 8.08 5.90
N GLU A 32 -5.04 8.40 6.87
CA GLU A 32 -5.50 9.03 8.11
C GLU A 32 -5.98 10.45 7.84
N LYS A 33 -5.39 11.09 6.85
CA LYS A 33 -5.76 12.45 6.50
C LYS A 33 -7.07 12.45 5.72
N ILE A 34 -7.20 11.50 4.80
CA ILE A 34 -8.43 11.33 4.04
C ILE A 34 -9.54 10.81 4.95
N ARG A 35 -9.16 10.07 5.99
CA ARG A 35 -10.08 9.58 6.98
C ARG A 35 -10.92 10.72 7.56
N VAL A 36 -10.27 11.83 7.82
CA VAL A 36 -10.94 13.02 8.33
C VAL A 36 -11.96 13.52 7.32
N LEU A 37 -11.59 13.41 6.05
CA LEU A 37 -12.49 13.78 4.95
C LEU A 37 -13.55 12.72 4.74
N ARG A 38 -13.24 11.48 5.12
CA ARG A 38 -14.20 10.41 5.07
C ARG A 38 -15.37 10.73 5.99
N GLN A 39 -15.05 11.32 7.14
CA GLN A 39 -16.05 11.80 8.07
C GLN A 39 -16.94 12.86 7.43
N ARG A 40 -16.33 13.74 6.63
CA ARG A 40 -17.09 14.71 5.85
C ARG A 40 -18.00 13.96 4.88
N LEU A 41 -17.47 12.90 4.27
CA LEU A 41 -18.24 12.10 3.33
C LEU A 41 -19.33 11.33 4.06
N VAL A 42 -19.12 11.08 5.34
CA VAL A 42 -20.14 10.46 6.19
C VAL A 42 -21.35 11.37 6.28
N GLU A 43 -21.08 12.66 6.49
CA GLU A 43 -22.13 13.66 6.56
C GLU A 43 -22.81 13.83 5.21
N ARG A 44 -22.02 13.72 4.15
CA ARG A 44 -22.53 13.80 2.79
C ARG A 44 -23.31 12.54 2.42
N GLY A 45 -22.86 11.42 2.96
CA GLY A 45 -23.47 10.14 2.68
C GLY A 45 -22.67 9.32 1.70
N ASP A 46 -21.61 9.93 1.19
CA ASP A 46 -20.74 9.29 0.21
C ASP A 46 -19.94 8.15 0.85
N ALA A 47 -19.61 8.30 2.11
CA ALA A 47 -18.88 7.27 2.85
C ALA A 47 -19.86 6.40 3.62
N LYS A 48 -21.14 6.64 3.40
CA LYS A 48 -22.18 5.83 4.00
C LYS A 48 -22.64 4.78 3.01
N GLY A 49 -22.67 5.17 1.74
CA GLY A 49 -23.06 4.26 0.68
C GLY A 49 -24.56 4.11 0.63
N THR A 50 -25.07 3.14 1.37
CA THR A 50 -26.49 2.90 1.45
C THR A 50 -26.84 2.29 2.81
N GLU A 51 -27.43 3.10 3.68
CA GLU A 51 -27.83 2.66 5.00
C GLU A 51 -29.23 3.13 5.29
N LEU A 52 -30.13 2.18 5.38
CA LEU A 52 -31.52 2.44 5.67
C LEU A 52 -32.18 1.19 6.23
N ASN A 53 -31.46 0.54 7.15
CA ASN A 53 -31.92 -0.71 7.74
C ASN A 53 -33.16 -0.46 8.59
N GLY B 1 -7.23 -28.87 -3.14
CA GLY B 1 -7.68 -30.06 -3.84
C GLY B 1 -6.74 -31.23 -3.62
N PRO B 2 -5.45 -31.10 -4.00
CA PRO B 2 -4.45 -32.13 -3.74
C PRO B 2 -3.82 -31.95 -2.36
N LEU B 3 -2.78 -32.73 -2.11
CA LEU B 3 -2.03 -32.62 -0.85
C LEU B 3 -1.59 -31.19 -0.57
N GLY B 4 -1.85 -30.74 0.66
CA GLY B 4 -1.49 -29.39 1.06
C GLY B 4 -0.02 -29.30 1.42
N SER B 5 0.63 -30.45 1.52
CA SER B 5 2.05 -30.53 1.81
C SER B 5 2.87 -30.32 0.54
N ARG B 6 2.24 -29.74 -0.47
CA ARG B 6 2.87 -29.50 -1.76
C ARG B 6 3.82 -28.31 -1.71
N ARG B 7 3.71 -27.51 -0.65
CA ARG B 7 4.49 -26.27 -0.57
C ARG B 7 5.95 -26.53 -0.18
N PHE B 8 6.22 -26.45 1.12
CA PHE B 8 7.58 -26.50 1.64
C PHE B 8 8.45 -25.35 1.12
N VAL B 9 9.76 -25.46 1.32
CA VAL B 9 10.70 -24.39 1.00
C VAL B 9 10.56 -23.92 -0.44
N VAL B 10 10.48 -24.87 -1.37
CA VAL B 10 10.41 -24.53 -2.80
C VAL B 10 9.24 -23.59 -3.12
N ASP B 11 8.06 -23.91 -2.61
CA ASP B 11 6.88 -23.11 -2.89
C ASP B 11 6.87 -21.85 -2.05
N ASP B 12 7.08 -21.99 -0.75
CA ASP B 12 7.05 -20.82 0.15
C ASP B 12 8.21 -19.89 -0.15
N ARG B 13 9.08 -20.28 -1.06
CA ARG B 13 10.13 -19.39 -1.51
C ARG B 13 9.57 -18.48 -2.58
N ARG B 14 9.26 -19.07 -3.73
CA ARG B 14 8.78 -18.34 -4.87
C ARG B 14 7.43 -17.69 -4.60
N GLU B 15 6.57 -18.42 -3.91
CA GLU B 15 5.23 -17.93 -3.58
C GLU B 15 5.30 -16.74 -2.62
N LEU B 16 6.12 -16.87 -1.58
CA LEU B 16 6.30 -15.78 -0.63
C LEU B 16 6.91 -14.58 -1.34
N GLN B 17 7.99 -14.80 -2.10
CA GLN B 17 8.59 -13.76 -2.91
C GLN B 17 7.56 -13.00 -3.73
N TYR B 18 6.62 -13.74 -4.33
CA TYR B 18 5.61 -13.14 -5.19
C TYR B 18 4.70 -12.19 -4.41
N ARG B 19 4.27 -12.59 -3.22
CA ARG B 19 3.34 -11.76 -2.45
C ARG B 19 3.98 -10.44 -2.06
N VAL B 20 5.30 -10.46 -1.89
CA VAL B 20 6.02 -9.27 -1.46
C VAL B 20 6.04 -8.22 -2.57
N GLU B 21 6.26 -8.66 -3.80
CA GLU B 21 6.23 -7.74 -4.94
C GLU B 21 4.82 -7.26 -5.27
N VAL B 22 3.81 -8.11 -5.13
CA VAL B 22 2.44 -7.66 -5.32
C VAL B 22 2.06 -6.68 -4.23
N GLN B 23 2.54 -6.90 -3.01
CA GLN B 23 2.34 -5.93 -1.94
C GLN B 23 2.94 -4.58 -2.32
N ASN B 24 4.12 -4.62 -2.95
CA ASN B 24 4.75 -3.41 -3.48
C ASN B 24 3.84 -2.74 -4.50
N ARG B 25 3.28 -3.53 -5.40
CA ARG B 25 2.39 -3.03 -6.45
C ARG B 25 1.08 -2.47 -5.85
N VAL B 26 0.43 -3.32 -5.08
CA VAL B 26 -0.87 -3.01 -4.48
C VAL B 26 -0.82 -1.73 -3.65
N TYR B 27 0.18 -1.62 -2.80
CA TYR B 27 0.30 -0.44 -1.96
C TYR B 27 0.54 0.81 -2.80
N LYS B 28 1.09 0.64 -3.99
CA LYS B 28 1.28 1.75 -4.90
C LYS B 28 -0.06 2.21 -5.46
N LYS B 29 -0.95 1.24 -5.71
CA LYS B 29 -2.27 1.54 -6.24
C LYS B 29 -3.08 2.32 -5.22
N GLU B 30 -2.84 2.00 -3.95
CA GLU B 30 -3.48 2.70 -2.84
C GLU B 30 -3.12 4.17 -2.87
N ILE B 31 -1.83 4.46 -2.97
CA ILE B 31 -1.34 5.83 -2.99
C ILE B 31 -1.89 6.62 -4.18
N GLN B 32 -2.12 5.94 -5.30
CA GLN B 32 -2.66 6.60 -6.49
C GLN B 32 -4.11 7.00 -6.25
N ALA B 33 -4.85 6.09 -5.62
CA ALA B 33 -6.23 6.38 -5.23
C ALA B 33 -6.25 7.47 -4.18
N LEU B 34 -5.37 7.33 -3.19
CA LEU B 34 -5.19 8.32 -2.13
C LEU B 34 -4.90 9.69 -2.73
N ASP B 35 -4.12 9.68 -3.80
CA ASP B 35 -3.69 10.92 -4.45
C ASP B 35 -4.89 11.68 -5.02
N ALA B 36 -5.88 10.96 -5.50
CA ALA B 36 -7.11 11.57 -5.99
C ALA B 36 -7.84 12.21 -4.82
N GLU B 37 -7.86 11.50 -3.71
CA GLU B 37 -8.42 12.02 -2.47
C GLU B 37 -7.61 13.20 -1.95
N ILE B 38 -6.32 13.25 -2.25
CA ILE B 38 -5.49 14.38 -1.89
C ILE B 38 -6.11 15.68 -2.41
N ARG B 39 -6.73 15.60 -3.58
CA ARG B 39 -7.41 16.75 -4.16
C ARG B 39 -8.56 17.19 -3.27
N LYS B 40 -9.30 16.21 -2.74
CA LYS B 40 -10.38 16.50 -1.78
C LYS B 40 -9.81 17.24 -0.57
N LEU B 41 -8.63 16.81 -0.16
CA LEU B 41 -7.95 17.40 0.97
C LEU B 41 -7.53 18.81 0.66
N GLU B 42 -6.98 19.03 -0.53
CA GLU B 42 -6.54 20.35 -0.94
C GLU B 42 -7.70 21.34 -0.98
N ARG B 43 -8.89 20.84 -1.32
CA ARG B 43 -10.09 21.66 -1.28
C ARG B 43 -10.33 22.13 0.16
N LEU B 44 -10.23 21.20 1.08
CA LEU B 44 -10.40 21.49 2.50
C LEU B 44 -9.25 22.36 3.01
N LEU B 45 -8.03 22.10 2.53
CA LEU B 45 -6.86 22.90 2.86
C LEU B 45 -7.12 24.36 2.54
N GLU B 46 -7.49 24.61 1.30
CA GLU B 46 -7.81 25.94 0.81
C GLU B 46 -9.01 26.52 1.54
N SER B 47 -9.84 25.65 2.11
CA SER B 47 -11.01 26.07 2.86
C SER B 47 -10.62 26.40 4.31
N GLY B 48 -9.37 26.16 4.65
CA GLY B 48 -8.88 26.52 5.97
C GLY B 48 -8.72 25.34 6.91
N LEU B 49 -8.44 24.16 6.35
CA LEU B 49 -8.20 22.98 7.17
C LEU B 49 -6.81 23.01 7.80
N THR B 50 -5.81 23.33 7.00
CA THR B 50 -4.44 23.36 7.47
C THR B 50 -4.04 24.78 7.85
#